data_7BFY
# 
_entry.id   7BFY 
# 
_audit_conform.dict_name       mmcif_pdbx.dic 
_audit_conform.dict_version    5.384 
_audit_conform.dict_location   http://mmcif.pdb.org/dictionaries/ascii/mmcif_pdbx.dic 
# 
loop_
_database_2.database_id 
_database_2.database_code 
_database_2.pdbx_database_accession 
_database_2.pdbx_DOI 
PDB   7BFY         pdb_00007bfy 10.2210/pdb7bfy/pdb 
WWPDB D_1292113272 ?            ?                   
# 
loop_
_pdbx_audit_revision_history.ordinal 
_pdbx_audit_revision_history.data_content_type 
_pdbx_audit_revision_history.major_revision 
_pdbx_audit_revision_history.minor_revision 
_pdbx_audit_revision_history.revision_date 
1 'Structure model' 1 0 2021-04-07 
2 'Structure model' 1 1 2021-07-28 
3 'Structure model' 1 2 2024-01-31 
# 
_pdbx_audit_revision_details.ordinal             1 
_pdbx_audit_revision_details.revision_ordinal    1 
_pdbx_audit_revision_details.data_content_type   'Structure model' 
_pdbx_audit_revision_details.provider            repository 
_pdbx_audit_revision_details.type                'Initial release' 
_pdbx_audit_revision_details.description         ? 
_pdbx_audit_revision_details.details             ? 
# 
loop_
_pdbx_audit_revision_group.ordinal 
_pdbx_audit_revision_group.revision_ordinal 
_pdbx_audit_revision_group.data_content_type 
_pdbx_audit_revision_group.group 
1 2 'Structure model' 'Database references'    
2 3 'Structure model' 'Data collection'        
3 3 'Structure model' 'Database references'    
4 3 'Structure model' 'Refinement description' 
# 
loop_
_pdbx_audit_revision_category.ordinal 
_pdbx_audit_revision_category.revision_ordinal 
_pdbx_audit_revision_category.data_content_type 
_pdbx_audit_revision_category.category 
1 2 'Structure model' citation                      
2 2 'Structure model' citation_author               
3 3 'Structure model' chem_comp_atom                
4 3 'Structure model' chem_comp_bond                
5 3 'Structure model' database_2                    
6 3 'Structure model' pdbx_initial_refinement_model 
# 
loop_
_pdbx_audit_revision_item.ordinal 
_pdbx_audit_revision_item.revision_ordinal 
_pdbx_audit_revision_item.data_content_type 
_pdbx_audit_revision_item.item 
1 2 'Structure model' '_citation.journal_volume'            
2 2 'Structure model' '_citation.page_first'                
3 2 'Structure model' '_citation.page_last'                 
4 2 'Structure model' '_citation.title'                     
5 2 'Structure model' '_citation_author.name'               
6 3 'Structure model' '_database_2.pdbx_DOI'                
7 3 'Structure model' '_database_2.pdbx_database_accession' 
# 
_pdbx_database_status.status_code                     REL 
_pdbx_database_status.status_code_sf                  REL 
_pdbx_database_status.status_code_mr                  ? 
_pdbx_database_status.entry_id                        7BFY 
_pdbx_database_status.recvd_initial_deposition_date   2021-01-05 
_pdbx_database_status.SG_entry                        N 
_pdbx_database_status.deposit_site                    PDBE 
_pdbx_database_status.process_site                    PDBE 
_pdbx_database_status.status_code_cs                  ? 
_pdbx_database_status.status_code_nmr_data            ? 
_pdbx_database_status.methods_development_category    ? 
_pdbx_database_status.pdb_format_compatible           Y 
# 
loop_
_audit_author.name 
_audit_author.pdbx_ordinal 
_audit_author.identifier_ORCID 
'Lal, K.'     1 ? 
'Bermeo, R.'  2 ? 
'Imberty, A.' 3 ? 
'Varrot, A.'  4 ? 
# 
_citation.abstract                  ? 
_citation.abstract_id_CAS           ? 
_citation.book_id_ISBN              ? 
_citation.book_publisher            ? 
_citation.book_publisher_city       ? 
_citation.book_title                ? 
_citation.coordinate_linkage        ? 
_citation.country                   GE 
_citation.database_id_Medline       ? 
_citation.details                   ? 
_citation.id                        primary 
_citation.journal_abbrev            Chemistry 
_citation.journal_id_ASTM           ? 
_citation.journal_id_CSD            ? 
_citation.journal_id_ISSN           0947-6539 
_citation.journal_full              ? 
_citation.journal_issue             ? 
_citation.journal_volume            27 
_citation.language                  ? 
_citation.page_first                10341 
_citation.page_last                 10348 
_citation.title                     
'Prediction and Validation of a Druggable Site on Virulence Factor of Drug Resistant Burkholderia cenocepacia*.' 
_citation.year                      2021 
_citation.database_id_CSD           ? 
_citation.pdbx_database_id_DOI      10.1002/chem.202100252 
_citation.pdbx_database_id_PubMed   33769626 
_citation.unpublished_flag          ? 
# 
loop_
_citation_author.citation_id 
_citation_author.name 
_citation_author.ordinal 
_citation_author.identifier_ORCID 
primary 'Lal, K.'      1 ? 
primary 'Bermeo, R.'   2 ? 
primary 'Cramer, J.'   3 ? 
primary 'Vasile, F.'   4 ? 
primary 'Ernst, B.'    5 ? 
primary 'Imberty, A.'  6 ? 
primary 'Bernardi, A.' 7 ? 
primary 'Varrot, A.'   8 ? 
primary 'Belvisi, L.'  9 ? 
# 
loop_
_entity.id 
_entity.type 
_entity.src_method 
_entity.pdbx_description 
_entity.formula_weight 
_entity.pdbx_number_of_molecules 
_entity.pdbx_ec 
_entity.pdbx_mutation 
_entity.pdbx_fragment 
_entity.details 
1 polymer man Lectin 13744.660 1   ? ? ? ? 
2 water   nat water  18.015    137 ? ? ? ? 
# 
_entity_poly.entity_id                      1 
_entity_poly.type                           'polypeptide(L)' 
_entity_poly.nstd_linkage                   no 
_entity_poly.nstd_monomer                   no 
_entity_poly.pdbx_seq_one_letter_code       
;MPLLSASIVSAPVVTSETYVDIPGLYLDVAKAGIRDGKLQVILNVPTPYATGNNFPGIYFAIATNQGVVADGCFTYSSKV
PESTGRMPFTLVATIDVGSGVTFVKGQWKSVRGSAMHIDSYASLSAIWGTA
;
_entity_poly.pdbx_seq_one_letter_code_can   
;MPLLSASIVSAPVVTSETYVDIPGLYLDVAKAGIRDGKLQVILNVPTPYATGNNFPGIYFAIATNQGVVADGCFTYSSKV
PESTGRMPFTLVATIDVGSGVTFVKGQWKSVRGSAMHIDSYASLSAIWGTA
;
_entity_poly.pdbx_strand_id                 A 
_entity_poly.pdbx_target_identifier         ? 
# 
_pdbx_entity_nonpoly.entity_id   2 
_pdbx_entity_nonpoly.name        water 
_pdbx_entity_nonpoly.comp_id     HOH 
# 
loop_
_entity_poly_seq.entity_id 
_entity_poly_seq.num 
_entity_poly_seq.mon_id 
_entity_poly_seq.hetero 
1 1   MET n 
1 2   PRO n 
1 3   LEU n 
1 4   LEU n 
1 5   SER n 
1 6   ALA n 
1 7   SER n 
1 8   ILE n 
1 9   VAL n 
1 10  SER n 
1 11  ALA n 
1 12  PRO n 
1 13  VAL n 
1 14  VAL n 
1 15  THR n 
1 16  SER n 
1 17  GLU n 
1 18  THR n 
1 19  TYR n 
1 20  VAL n 
1 21  ASP n 
1 22  ILE n 
1 23  PRO n 
1 24  GLY n 
1 25  LEU n 
1 26  TYR n 
1 27  LEU n 
1 28  ASP n 
1 29  VAL n 
1 30  ALA n 
1 31  LYS n 
1 32  ALA n 
1 33  GLY n 
1 34  ILE n 
1 35  ARG n 
1 36  ASP n 
1 37  GLY n 
1 38  LYS n 
1 39  LEU n 
1 40  GLN n 
1 41  VAL n 
1 42  ILE n 
1 43  LEU n 
1 44  ASN n 
1 45  VAL n 
1 46  PRO n 
1 47  THR n 
1 48  PRO n 
1 49  TYR n 
1 50  ALA n 
1 51  THR n 
1 52  GLY n 
1 53  ASN n 
1 54  ASN n 
1 55  PHE n 
1 56  PRO n 
1 57  GLY n 
1 58  ILE n 
1 59  TYR n 
1 60  PHE n 
1 61  ALA n 
1 62  ILE n 
1 63  ALA n 
1 64  THR n 
1 65  ASN n 
1 66  GLN n 
1 67  GLY n 
1 68  VAL n 
1 69  VAL n 
1 70  ALA n 
1 71  ASP n 
1 72  GLY n 
1 73  CYS n 
1 74  PHE n 
1 75  THR n 
1 76  TYR n 
1 77  SER n 
1 78  SER n 
1 79  LYS n 
1 80  VAL n 
1 81  PRO n 
1 82  GLU n 
1 83  SER n 
1 84  THR n 
1 85  GLY n 
1 86  ARG n 
1 87  MET n 
1 88  PRO n 
1 89  PHE n 
1 90  THR n 
1 91  LEU n 
1 92  VAL n 
1 93  ALA n 
1 94  THR n 
1 95  ILE n 
1 96  ASP n 
1 97  VAL n 
1 98  GLY n 
1 99  SER n 
1 100 GLY n 
1 101 VAL n 
1 102 THR n 
1 103 PHE n 
1 104 VAL n 
1 105 LYS n 
1 106 GLY n 
1 107 GLN n 
1 108 TRP n 
1 109 LYS n 
1 110 SER n 
1 111 VAL n 
1 112 ARG n 
1 113 GLY n 
1 114 SER n 
1 115 ALA n 
1 116 MET n 
1 117 HIS n 
1 118 ILE n 
1 119 ASP n 
1 120 SER n 
1 121 TYR n 
1 122 ALA n 
1 123 SER n 
1 124 LEU n 
1 125 SER n 
1 126 ALA n 
1 127 ILE n 
1 128 TRP n 
1 129 GLY n 
1 130 THR n 
1 131 ALA n 
# 
_entity_src_gen.entity_id                          1 
_entity_src_gen.pdbx_src_id                        1 
_entity_src_gen.pdbx_alt_source_flag               sample 
_entity_src_gen.pdbx_seq_type                      'Biological sequence' 
_entity_src_gen.pdbx_beg_seq_num                   1 
_entity_src_gen.pdbx_end_seq_num                   131 
_entity_src_gen.gene_src_common_name               ? 
_entity_src_gen.gene_src_genus                     ? 
_entity_src_gen.pdbx_gene_src_gene                 BCAM0185 
_entity_src_gen.gene_src_species                   ? 
_entity_src_gen.gene_src_strain                    ? 
_entity_src_gen.gene_src_tissue                    ? 
_entity_src_gen.gene_src_tissue_fraction           ? 
_entity_src_gen.gene_src_details                   ? 
_entity_src_gen.pdbx_gene_src_fragment             ? 
_entity_src_gen.pdbx_gene_src_scientific_name      'Burkholderia cenocepacia J2315' 
_entity_src_gen.pdbx_gene_src_ncbi_taxonomy_id     216591 
_entity_src_gen.pdbx_gene_src_variant              ? 
_entity_src_gen.pdbx_gene_src_cell_line            ? 
_entity_src_gen.pdbx_gene_src_atcc                 ? 
_entity_src_gen.pdbx_gene_src_organ                ? 
_entity_src_gen.pdbx_gene_src_organelle            ? 
_entity_src_gen.pdbx_gene_src_cell                 ? 
_entity_src_gen.pdbx_gene_src_cellular_location    ? 
_entity_src_gen.host_org_common_name               ? 
_entity_src_gen.pdbx_host_org_scientific_name      'Escherichia coli' 
_entity_src_gen.pdbx_host_org_ncbi_taxonomy_id     562 
_entity_src_gen.host_org_genus                     ? 
_entity_src_gen.pdbx_host_org_gene                 ? 
_entity_src_gen.pdbx_host_org_organ                ? 
_entity_src_gen.host_org_species                   ? 
_entity_src_gen.pdbx_host_org_tissue               ? 
_entity_src_gen.pdbx_host_org_tissue_fraction      ? 
_entity_src_gen.pdbx_host_org_strain               ? 
_entity_src_gen.pdbx_host_org_variant              ? 
_entity_src_gen.pdbx_host_org_cell_line            ? 
_entity_src_gen.pdbx_host_org_atcc                 ? 
_entity_src_gen.pdbx_host_org_culture_collection   ? 
_entity_src_gen.pdbx_host_org_cell                 ? 
_entity_src_gen.pdbx_host_org_organelle            ? 
_entity_src_gen.pdbx_host_org_cellular_location    ? 
_entity_src_gen.pdbx_host_org_vector_type          ? 
_entity_src_gen.pdbx_host_org_vector               ? 
_entity_src_gen.host_org_details                   ? 
_entity_src_gen.expression_system_id               ? 
_entity_src_gen.plasmid_name                       ? 
_entity_src_gen.plasmid_details                    ? 
_entity_src_gen.pdbx_description                   ? 
# 
loop_
_chem_comp.id 
_chem_comp.type 
_chem_comp.mon_nstd_flag 
_chem_comp.name 
_chem_comp.pdbx_synonyms 
_chem_comp.formula 
_chem_comp.formula_weight 
ALA 'L-peptide linking' y ALANINE         ? 'C3 H7 N O2'     89.093  
ARG 'L-peptide linking' y ARGININE        ? 'C6 H15 N4 O2 1' 175.209 
ASN 'L-peptide linking' y ASPARAGINE      ? 'C4 H8 N2 O3'    132.118 
ASP 'L-peptide linking' y 'ASPARTIC ACID' ? 'C4 H7 N O4'     133.103 
CYS 'L-peptide linking' y CYSTEINE        ? 'C3 H7 N O2 S'   121.158 
GLN 'L-peptide linking' y GLUTAMINE       ? 'C5 H10 N2 O3'   146.144 
GLU 'L-peptide linking' y 'GLUTAMIC ACID' ? 'C5 H9 N O4'     147.129 
GLY 'peptide linking'   y GLYCINE         ? 'C2 H5 N O2'     75.067  
HIS 'L-peptide linking' y HISTIDINE       ? 'C6 H10 N3 O2 1' 156.162 
HOH non-polymer         . WATER           ? 'H2 O'           18.015  
ILE 'L-peptide linking' y ISOLEUCINE      ? 'C6 H13 N O2'    131.173 
LEU 'L-peptide linking' y LEUCINE         ? 'C6 H13 N O2'    131.173 
LYS 'L-peptide linking' y LYSINE          ? 'C6 H15 N2 O2 1' 147.195 
MET 'L-peptide linking' y METHIONINE      ? 'C5 H11 N O2 S'  149.211 
PHE 'L-peptide linking' y PHENYLALANINE   ? 'C9 H11 N O2'    165.189 
PRO 'L-peptide linking' y PROLINE         ? 'C5 H9 N O2'     115.130 
SER 'L-peptide linking' y SERINE          ? 'C3 H7 N O3'     105.093 
THR 'L-peptide linking' y THREONINE       ? 'C4 H9 N O3'     119.119 
TRP 'L-peptide linking' y TRYPTOPHAN      ? 'C11 H12 N2 O2'  204.225 
TYR 'L-peptide linking' y TYROSINE        ? 'C9 H11 N O3'    181.189 
VAL 'L-peptide linking' y VALINE          ? 'C5 H11 N O2'    117.146 
# 
loop_
_pdbx_poly_seq_scheme.asym_id 
_pdbx_poly_seq_scheme.entity_id 
_pdbx_poly_seq_scheme.seq_id 
_pdbx_poly_seq_scheme.mon_id 
_pdbx_poly_seq_scheme.ndb_seq_num 
_pdbx_poly_seq_scheme.pdb_seq_num 
_pdbx_poly_seq_scheme.auth_seq_num 
_pdbx_poly_seq_scheme.pdb_mon_id 
_pdbx_poly_seq_scheme.auth_mon_id 
_pdbx_poly_seq_scheme.pdb_strand_id 
_pdbx_poly_seq_scheme.pdb_ins_code 
_pdbx_poly_seq_scheme.hetero 
A 1 1   MET 1   1   0   MET MET A . n 
A 1 2   PRO 2   2   1   PRO PRO A . n 
A 1 3   LEU 3   3   2   LEU LEU A . n 
A 1 4   LEU 4   4   3   LEU LEU A . n 
A 1 5   SER 5   5   4   SER SER A . n 
A 1 6   ALA 6   6   5   ALA ALA A . n 
A 1 7   SER 7   7   6   SER SER A . n 
A 1 8   ILE 8   8   7   ILE ILE A . n 
A 1 9   VAL 9   9   8   VAL VAL A . n 
A 1 10  SER 10  10  9   SER SER A . n 
A 1 11  ALA 11  11  10  ALA ALA A . n 
A 1 12  PRO 12  12  11  PRO PRO A . n 
A 1 13  VAL 13  13  12  VAL VAL A . n 
A 1 14  VAL 14  14  13  VAL VAL A . n 
A 1 15  THR 15  15  14  THR THR A . n 
A 1 16  SER 16  16  15  SER SER A . n 
A 1 17  GLU 17  17  16  GLU GLU A . n 
A 1 18  THR 18  18  17  THR THR A . n 
A 1 19  TYR 19  19  18  TYR TYR A . n 
A 1 20  VAL 20  20  19  VAL VAL A . n 
A 1 21  ASP 21  21  20  ASP ASP A . n 
A 1 22  ILE 22  22  21  ILE ILE A . n 
A 1 23  PRO 23  23  22  PRO PRO A . n 
A 1 24  GLY 24  24  23  GLY GLY A . n 
A 1 25  LEU 25  25  24  LEU LEU A . n 
A 1 26  TYR 26  26  25  TYR TYR A . n 
A 1 27  LEU 27  27  26  LEU LEU A . n 
A 1 28  ASP 28  28  27  ASP ASP A . n 
A 1 29  VAL 29  29  28  VAL VAL A . n 
A 1 30  ALA 30  30  29  ALA ALA A . n 
A 1 31  LYS 31  31  30  LYS LYS A . n 
A 1 32  ALA 32  32  31  ALA ALA A . n 
A 1 33  GLY 33  33  32  GLY GLY A . n 
A 1 34  ILE 34  34  33  ILE ILE A . n 
A 1 35  ARG 35  35  34  ARG ARG A . n 
A 1 36  ASP 36  36  35  ASP ASP A . n 
A 1 37  GLY 37  37  36  GLY GLY A . n 
A 1 38  LYS 38  38  37  LYS LYS A . n 
A 1 39  LEU 39  39  38  LEU LEU A . n 
A 1 40  GLN 40  40  39  GLN GLN A . n 
A 1 41  VAL 41  41  40  VAL VAL A . n 
A 1 42  ILE 42  42  41  ILE ILE A . n 
A 1 43  LEU 43  43  42  LEU LEU A . n 
A 1 44  ASN 44  44  43  ASN ASN A . n 
A 1 45  VAL 45  45  44  VAL VAL A . n 
A 1 46  PRO 46  46  45  PRO PRO A . n 
A 1 47  THR 47  47  46  THR THR A . n 
A 1 48  PRO 48  48  47  PRO PRO A . n 
A 1 49  TYR 49  49  48  TYR TYR A . n 
A 1 50  ALA 50  50  49  ALA ALA A . n 
A 1 51  THR 51  51  50  THR THR A . n 
A 1 52  GLY 52  52  51  GLY GLY A . n 
A 1 53  ASN 53  53  52  ASN ASN A . n 
A 1 54  ASN 54  54  53  ASN ASN A . n 
A 1 55  PHE 55  55  54  PHE PHE A . n 
A 1 56  PRO 56  56  55  PRO PRO A . n 
A 1 57  GLY 57  57  56  GLY GLY A . n 
A 1 58  ILE 58  58  57  ILE ILE A . n 
A 1 59  TYR 59  59  58  TYR TYR A . n 
A 1 60  PHE 60  60  59  PHE PHE A . n 
A 1 61  ALA 61  61  60  ALA ALA A . n 
A 1 62  ILE 62  62  61  ILE ILE A . n 
A 1 63  ALA 63  63  62  ALA ALA A . n 
A 1 64  THR 64  64  63  THR THR A . n 
A 1 65  ASN 65  65  64  ASN ASN A . n 
A 1 66  GLN 66  66  65  GLN GLN A . n 
A 1 67  GLY 67  67  66  GLY GLY A . n 
A 1 68  VAL 68  68  67  VAL VAL A . n 
A 1 69  VAL 69  69  68  VAL VAL A . n 
A 1 70  ALA 70  70  69  ALA ALA A . n 
A 1 71  ASP 71  71  70  ASP ASP A . n 
A 1 72  GLY 72  72  71  GLY GLY A . n 
A 1 73  CYS 73  73  72  CYS CYS A . n 
A 1 74  PHE 74  74  73  PHE PHE A . n 
A 1 75  THR 75  75  74  THR THR A . n 
A 1 76  TYR 76  76  75  TYR TYR A . n 
A 1 77  SER 77  77  76  SER SER A . n 
A 1 78  SER 78  78  77  SER SER A . n 
A 1 79  LYS 79  79  78  LYS LYS A . n 
A 1 80  VAL 80  80  79  VAL VAL A . n 
A 1 81  PRO 81  81  80  PRO PRO A . n 
A 1 82  GLU 82  82  81  GLU GLU A . n 
A 1 83  SER 83  83  82  SER SER A . n 
A 1 84  THR 84  84  83  THR THR A . n 
A 1 85  GLY 85  85  84  GLY GLY A . n 
A 1 86  ARG 86  86  85  ARG ARG A . n 
A 1 87  MET 87  87  86  MET MET A . n 
A 1 88  PRO 88  88  87  PRO PRO A . n 
A 1 89  PHE 89  89  88  PHE PHE A . n 
A 1 90  THR 90  90  89  THR THR A . n 
A 1 91  LEU 91  91  90  LEU LEU A . n 
A 1 92  VAL 92  92  91  VAL VAL A . n 
A 1 93  ALA 93  93  92  ALA ALA A . n 
A 1 94  THR 94  94  93  THR THR A . n 
A 1 95  ILE 95  95  94  ILE ILE A . n 
A 1 96  ASP 96  96  95  ASP ASP A . n 
A 1 97  VAL 97  97  96  VAL VAL A . n 
A 1 98  GLY 98  98  97  GLY GLY A . n 
A 1 99  SER 99  99  98  SER SER A . n 
A 1 100 GLY 100 100 99  GLY GLY A . n 
A 1 101 VAL 101 101 100 VAL VAL A . n 
A 1 102 THR 102 102 101 THR THR A . n 
A 1 103 PHE 103 103 102 PHE PHE A . n 
A 1 104 VAL 104 104 103 VAL VAL A . n 
A 1 105 LYS 105 105 104 LYS LYS A . n 
A 1 106 GLY 106 106 105 GLY GLY A . n 
A 1 107 GLN 107 107 106 GLN GLN A . n 
A 1 108 TRP 108 108 107 TRP TRP A . n 
A 1 109 LYS 109 109 108 LYS LYS A . n 
A 1 110 SER 110 110 109 SER SER A . n 
A 1 111 VAL 111 111 110 VAL VAL A . n 
A 1 112 ARG 112 112 111 ARG ARG A . n 
A 1 113 GLY 113 113 112 GLY GLY A . n 
A 1 114 SER 114 114 113 SER SER A . n 
A 1 115 ALA 115 115 114 ALA ALA A . n 
A 1 116 MET 116 116 115 MET MET A . n 
A 1 117 HIS 117 117 116 HIS HIS A . n 
A 1 118 ILE 118 118 117 ILE ILE A . n 
A 1 119 ASP 119 119 118 ASP ASP A . n 
A 1 120 SER 120 120 119 SER SER A . n 
A 1 121 TYR 121 121 120 TYR TYR A . n 
A 1 122 ALA 122 122 121 ALA ALA A . n 
A 1 123 SER 123 123 122 SER SER A . n 
A 1 124 LEU 124 124 123 LEU LEU A . n 
A 1 125 SER 125 125 124 SER SER A . n 
A 1 126 ALA 126 126 125 ALA ALA A . n 
A 1 127 ILE 127 127 126 ILE ILE A . n 
A 1 128 TRP 128 128 127 TRP TRP A . n 
A 1 129 GLY 129 129 128 GLY GLY A . n 
A 1 130 THR 130 130 129 THR THR A . n 
A 1 131 ALA 131 131 130 ALA ALA A . n 
# 
loop_
_pdbx_nonpoly_scheme.asym_id 
_pdbx_nonpoly_scheme.entity_id 
_pdbx_nonpoly_scheme.mon_id 
_pdbx_nonpoly_scheme.ndb_seq_num 
_pdbx_nonpoly_scheme.pdb_seq_num 
_pdbx_nonpoly_scheme.auth_seq_num 
_pdbx_nonpoly_scheme.pdb_mon_id 
_pdbx_nonpoly_scheme.auth_mon_id 
_pdbx_nonpoly_scheme.pdb_strand_id 
_pdbx_nonpoly_scheme.pdb_ins_code 
B 2 HOH 1   201 67  HOH HOH A . 
B 2 HOH 2   202 101 HOH HOH A . 
B 2 HOH 3   203 89  HOH HOH A . 
B 2 HOH 4   204 95  HOH HOH A . 
B 2 HOH 5   205 120 HOH HOH A . 
B 2 HOH 6   206 108 HOH HOH A . 
B 2 HOH 7   207 21  HOH HOH A . 
B 2 HOH 8   208 32  HOH HOH A . 
B 2 HOH 9   209 41  HOH HOH A . 
B 2 HOH 10  210 69  HOH HOH A . 
B 2 HOH 11  211 133 HOH HOH A . 
B 2 HOH 12  212 77  HOH HOH A . 
B 2 HOH 13  213 127 HOH HOH A . 
B 2 HOH 14  214 91  HOH HOH A . 
B 2 HOH 15  215 81  HOH HOH A . 
B 2 HOH 16  216 70  HOH HOH A . 
B 2 HOH 17  217 119 HOH HOH A . 
B 2 HOH 18  218 85  HOH HOH A . 
B 2 HOH 19  219 45  HOH HOH A . 
B 2 HOH 20  220 42  HOH HOH A . 
B 2 HOH 21  221 76  HOH HOH A . 
B 2 HOH 22  222 6   HOH HOH A . 
B 2 HOH 23  223 105 HOH HOH A . 
B 2 HOH 24  224 63  HOH HOH A . 
B 2 HOH 25  225 50  HOH HOH A . 
B 2 HOH 26  226 106 HOH HOH A . 
B 2 HOH 27  227 2   HOH HOH A . 
B 2 HOH 28  228 90  HOH HOH A . 
B 2 HOH 29  229 109 HOH HOH A . 
B 2 HOH 30  230 7   HOH HOH A . 
B 2 HOH 31  231 26  HOH HOH A . 
B 2 HOH 32  232 17  HOH HOH A . 
B 2 HOH 33  233 13  HOH HOH A . 
B 2 HOH 34  234 79  HOH HOH A . 
B 2 HOH 35  235 103 HOH HOH A . 
B 2 HOH 36  236 4   HOH HOH A . 
B 2 HOH 37  237 34  HOH HOH A . 
B 2 HOH 38  238 30  HOH HOH A . 
B 2 HOH 39  239 53  HOH HOH A . 
B 2 HOH 40  240 5   HOH HOH A . 
B 2 HOH 41  241 25  HOH HOH A . 
B 2 HOH 42  242 11  HOH HOH A . 
B 2 HOH 43  243 35  HOH HOH A . 
B 2 HOH 44  244 22  HOH HOH A . 
B 2 HOH 45  245 14  HOH HOH A . 
B 2 HOH 46  246 28  HOH HOH A . 
B 2 HOH 47  247 48  HOH HOH A . 
B 2 HOH 48  248 39  HOH HOH A . 
B 2 HOH 49  249 3   HOH HOH A . 
B 2 HOH 50  250 47  HOH HOH A . 
B 2 HOH 51  251 29  HOH HOH A . 
B 2 HOH 52  252 54  HOH HOH A . 
B 2 HOH 53  253 134 HOH HOH A . 
B 2 HOH 54  254 8   HOH HOH A . 
B 2 HOH 55  255 1   HOH HOH A . 
B 2 HOH 56  256 24  HOH HOH A . 
B 2 HOH 57  257 40  HOH HOH A . 
B 2 HOH 58  258 114 HOH HOH A . 
B 2 HOH 59  259 111 HOH HOH A . 
B 2 HOH 60  260 49  HOH HOH A . 
B 2 HOH 61  261 16  HOH HOH A . 
B 2 HOH 62  262 112 HOH HOH A . 
B 2 HOH 63  263 93  HOH HOH A . 
B 2 HOH 64  264 62  HOH HOH A . 
B 2 HOH 65  265 124 HOH HOH A . 
B 2 HOH 66  266 9   HOH HOH A . 
B 2 HOH 67  267 117 HOH HOH A . 
B 2 HOH 68  268 80  HOH HOH A . 
B 2 HOH 69  269 20  HOH HOH A . 
B 2 HOH 70  270 104 HOH HOH A . 
B 2 HOH 71  271 33  HOH HOH A . 
B 2 HOH 72  272 75  HOH HOH A . 
B 2 HOH 73  273 125 HOH HOH A . 
B 2 HOH 74  274 19  HOH HOH A . 
B 2 HOH 75  275 83  HOH HOH A . 
B 2 HOH 76  276 94  HOH HOH A . 
B 2 HOH 77  277 18  HOH HOH A . 
B 2 HOH 78  278 36  HOH HOH A . 
B 2 HOH 79  279 10  HOH HOH A . 
B 2 HOH 80  280 118 HOH HOH A . 
B 2 HOH 81  281 31  HOH HOH A . 
B 2 HOH 82  282 23  HOH HOH A . 
B 2 HOH 83  283 61  HOH HOH A . 
B 2 HOH 84  284 27  HOH HOH A . 
B 2 HOH 85  285 115 HOH HOH A . 
B 2 HOH 86  286 68  HOH HOH A . 
B 2 HOH 87  287 84  HOH HOH A . 
B 2 HOH 88  288 66  HOH HOH A . 
B 2 HOH 89  289 12  HOH HOH A . 
B 2 HOH 90  290 98  HOH HOH A . 
B 2 HOH 91  291 86  HOH HOH A . 
B 2 HOH 92  292 123 HOH HOH A . 
B 2 HOH 93  293 113 HOH HOH A . 
B 2 HOH 94  294 52  HOH HOH A . 
B 2 HOH 95  295 102 HOH HOH A . 
B 2 HOH 96  296 44  HOH HOH A . 
B 2 HOH 97  297 57  HOH HOH A . 
B 2 HOH 98  298 56  HOH HOH A . 
B 2 HOH 99  299 72  HOH HOH A . 
B 2 HOH 100 300 88  HOH HOH A . 
B 2 HOH 101 301 15  HOH HOH A . 
B 2 HOH 102 302 64  HOH HOH A . 
B 2 HOH 103 303 100 HOH HOH A . 
B 2 HOH 104 304 121 HOH HOH A . 
B 2 HOH 105 305 74  HOH HOH A . 
B 2 HOH 106 306 73  HOH HOH A . 
B 2 HOH 107 307 130 HOH HOH A . 
B 2 HOH 108 308 129 HOH HOH A . 
B 2 HOH 109 309 59  HOH HOH A . 
B 2 HOH 110 310 99  HOH HOH A . 
B 2 HOH 111 311 131 HOH HOH A . 
B 2 HOH 112 312 122 HOH HOH A . 
B 2 HOH 113 313 107 HOH HOH A . 
B 2 HOH 114 314 97  HOH HOH A . 
B 2 HOH 115 315 65  HOH HOH A . 
B 2 HOH 116 316 51  HOH HOH A . 
B 2 HOH 117 317 60  HOH HOH A . 
B 2 HOH 118 318 116 HOH HOH A . 
B 2 HOH 119 319 43  HOH HOH A . 
B 2 HOH 120 320 58  HOH HOH A . 
B 2 HOH 121 321 78  HOH HOH A . 
B 2 HOH 122 322 87  HOH HOH A . 
B 2 HOH 123 323 46  HOH HOH A . 
B 2 HOH 124 324 55  HOH HOH A . 
B 2 HOH 125 325 82  HOH HOH A . 
B 2 HOH 126 326 128 HOH HOH A . 
B 2 HOH 127 327 92  HOH HOH A . 
B 2 HOH 128 328 132 HOH HOH A . 
B 2 HOH 129 329 137 HOH HOH A . 
B 2 HOH 130 330 37  HOH HOH A . 
B 2 HOH 131 331 135 HOH HOH A . 
B 2 HOH 132 332 136 HOH HOH A . 
B 2 HOH 133 333 38  HOH HOH A . 
B 2 HOH 134 334 110 HOH HOH A . 
B 2 HOH 135 335 71  HOH HOH A . 
B 2 HOH 136 336 96  HOH HOH A . 
B 2 HOH 137 337 126 HOH HOH A . 
# 
loop_
_pdbx_unobs_or_zero_occ_atoms.id 
_pdbx_unobs_or_zero_occ_atoms.PDB_model_num 
_pdbx_unobs_or_zero_occ_atoms.polymer_flag 
_pdbx_unobs_or_zero_occ_atoms.occupancy_flag 
_pdbx_unobs_or_zero_occ_atoms.auth_asym_id 
_pdbx_unobs_or_zero_occ_atoms.auth_comp_id 
_pdbx_unobs_or_zero_occ_atoms.auth_seq_id 
_pdbx_unobs_or_zero_occ_atoms.PDB_ins_code 
_pdbx_unobs_or_zero_occ_atoms.auth_atom_id 
_pdbx_unobs_or_zero_occ_atoms.label_alt_id 
_pdbx_unobs_or_zero_occ_atoms.label_asym_id 
_pdbx_unobs_or_zero_occ_atoms.label_comp_id 
_pdbx_unobs_or_zero_occ_atoms.label_seq_id 
_pdbx_unobs_or_zero_occ_atoms.label_atom_id 
1  1 Y 1 A GLU 17 ? CD  ? A GLU 17 CD  
2  1 Y 1 A GLU 17 ? OE1 ? A GLU 17 OE1 
3  1 Y 1 A GLU 17 ? OE2 ? A GLU 17 OE2 
4  1 Y 1 A LYS 31 ? CG  ? A LYS 31 CG  
5  1 Y 1 A LYS 31 ? CD  ? A LYS 31 CD  
6  1 Y 1 A LYS 31 ? CE  ? A LYS 31 CE  
7  1 Y 1 A LYS 31 ? NZ  ? A LYS 31 NZ  
8  1 Y 1 A ARG 35 ? CG  ? A ARG 35 CG  
9  1 Y 1 A ARG 35 ? CD  ? A ARG 35 CD  
10 1 Y 1 A ARG 35 ? NE  ? A ARG 35 NE  
11 1 Y 1 A ARG 35 ? CZ  ? A ARG 35 CZ  
12 1 Y 1 A ARG 35 ? NH1 ? A ARG 35 NH1 
13 1 Y 1 A ARG 35 ? NH2 ? A ARG 35 NH2 
14 1 Y 1 A ASP 36 ? CG  ? A ASP 36 CG  
15 1 Y 1 A ASP 36 ? OD1 ? A ASP 36 OD1 
16 1 Y 1 A ASP 36 ? OD2 ? A ASP 36 OD2 
17 1 Y 1 A LYS 38 ? CE  ? A LYS 38 CE  
18 1 Y 1 A LYS 38 ? NZ  ? A LYS 38 NZ  
# 
loop_
_software.citation_id 
_software.classification 
_software.compiler_name 
_software.compiler_version 
_software.contact_author 
_software.contact_author_email 
_software.date 
_software.description 
_software.dependencies 
_software.hardware 
_software.language 
_software.location 
_software.mods 
_software.name 
_software.os 
_software.os_version 
_software.type 
_software.version 
_software.pdbx_ordinal 
? refinement        ? ? ? ? ? ? ? ? ? ? ? REFMAC      ? ? ? 5.8.0267 1 
? 'data scaling'    ? ? ? ? ? ? ? ? ? ? ? Aimless     ? ? ? 0.7.4    2 
? 'data extraction' ? ? ? ? ? ? ? ? ? ? ? PDB_EXTRACT ? ? ? 3.25     3 
? 'data reduction'  ? ? ? ? ? ? ? ? ? ? ? XDS         ? ? ? .        4 
? phasing           ? ? ? ? ? ? ? ? ? ? ? PHASER      ? ? ? .        5 
# 
_cell.angle_alpha                  90.000 
_cell.angle_alpha_esd              ? 
_cell.angle_beta                   90.000 
_cell.angle_beta_esd               ? 
_cell.angle_gamma                  120.000 
_cell.angle_gamma_esd              ? 
_cell.entry_id                     7BFY 
_cell.details                      ? 
_cell.formula_units_Z              ? 
_cell.length_a                     42.987 
_cell.length_a_esd                 ? 
_cell.length_b                     42.987 
_cell.length_b_esd                 ? 
_cell.length_c                     94.678 
_cell.length_c_esd                 ? 
_cell.volume                       ? 
_cell.volume_esd                   ? 
_cell.Z_PDB                        6 
_cell.reciprocal_angle_alpha       ? 
_cell.reciprocal_angle_beta        ? 
_cell.reciprocal_angle_gamma       ? 
_cell.reciprocal_angle_alpha_esd   ? 
_cell.reciprocal_angle_beta_esd    ? 
_cell.reciprocal_angle_gamma_esd   ? 
_cell.reciprocal_length_a          ? 
_cell.reciprocal_length_b          ? 
_cell.reciprocal_length_c          ? 
_cell.reciprocal_length_a_esd      ? 
_cell.reciprocal_length_b_esd      ? 
_cell.reciprocal_length_c_esd      ? 
_cell.pdbx_unique_axis             ? 
# 
_symmetry.entry_id                         7BFY 
_symmetry.cell_setting                     ? 
_symmetry.Int_Tables_number                173 
_symmetry.space_group_name_Hall            ? 
_symmetry.space_group_name_H-M             'P 63' 
_symmetry.pdbx_full_space_group_name_H-M   ? 
# 
_exptl.absorpt_coefficient_mu     ? 
_exptl.absorpt_correction_T_max   ? 
_exptl.absorpt_correction_T_min   ? 
_exptl.absorpt_correction_type    ? 
_exptl.absorpt_process_details    ? 
_exptl.entry_id                   7BFY 
_exptl.crystals_number            1 
_exptl.details                    ? 
_exptl.method                     'X-RAY DIFFRACTION' 
_exptl.method_details             ? 
# 
_exptl_crystal.colour                      ? 
_exptl_crystal.density_diffrn              ? 
_exptl_crystal.density_Matthews            1.81 
_exptl_crystal.density_method              ? 
_exptl_crystal.density_percent_sol         33.05 
_exptl_crystal.description                 ? 
_exptl_crystal.F_000                       ? 
_exptl_crystal.id                          1 
_exptl_crystal.preparation                 ? 
_exptl_crystal.size_max                    ? 
_exptl_crystal.size_mid                    ? 
_exptl_crystal.size_min                    ? 
_exptl_crystal.size_rad                    ? 
_exptl_crystal.colour_lustre               ? 
_exptl_crystal.colour_modifier             ? 
_exptl_crystal.colour_primary              ? 
_exptl_crystal.density_meas                32.01 
_exptl_crystal.density_meas_esd            ? 
_exptl_crystal.density_meas_gt             ? 
_exptl_crystal.density_meas_lt             ? 
_exptl_crystal.density_meas_temp           ? 
_exptl_crystal.density_meas_temp_esd       ? 
_exptl_crystal.density_meas_temp_gt        ? 
_exptl_crystal.density_meas_temp_lt        ? 
_exptl_crystal.pdbx_crystal_image_url      ? 
_exptl_crystal.pdbx_crystal_image_format   ? 
_exptl_crystal.pdbx_mosaicity              ? 
_exptl_crystal.pdbx_mosaicity_esd          ? 
# 
_exptl_crystal_grow.apparatus       ? 
_exptl_crystal_grow.atmosphere      ? 
_exptl_crystal_grow.crystal_id      1 
_exptl_crystal_grow.details         ? 
_exptl_crystal_grow.method          'VAPOR DIFFUSION, HANGING DROP' 
_exptl_crystal_grow.method_ref      ? 
_exptl_crystal_grow.pH              7 
_exptl_crystal_grow.pressure        ? 
_exptl_crystal_grow.pressure_esd    ? 
_exptl_crystal_grow.seeding         ? 
_exptl_crystal_grow.seeding_ref     ? 
_exptl_crystal_grow.temp            292 
_exptl_crystal_grow.temp_details    ? 
_exptl_crystal_grow.temp_esd        ? 
_exptl_crystal_grow.time            ? 
_exptl_crystal_grow.pdbx_details    
'5.5 mg/ml of protein, 1.2 M sodium citrate,  at 292 K temperature and cryoprotected with 2.5 M sodium malonate' 
_exptl_crystal_grow.pdbx_pH_range   ? 
# 
_diffrn.ambient_environment              ? 
_diffrn.ambient_temp                     100 
_diffrn.ambient_temp_details             ? 
_diffrn.ambient_temp_esd                 ? 
_diffrn.crystal_id                       1 
_diffrn.crystal_support                  ? 
_diffrn.crystal_treatment                ? 
_diffrn.details                          ? 
_diffrn.id                               1 
_diffrn.ambient_pressure                 ? 
_diffrn.ambient_pressure_esd             ? 
_diffrn.ambient_pressure_gt              ? 
_diffrn.ambient_pressure_lt              ? 
_diffrn.ambient_temp_gt                  ? 
_diffrn.ambient_temp_lt                  ? 
_diffrn.pdbx_serial_crystal_experiment   N 
# 
_diffrn_detector.details                      ? 
_diffrn_detector.detector                     PIXEL 
_diffrn_detector.diffrn_id                    1 
_diffrn_detector.type                         'DECTRIS EIGER X 16M' 
_diffrn_detector.area_resol_mean              ? 
_diffrn_detector.dtime                        ? 
_diffrn_detector.pdbx_frames_total            ? 
_diffrn_detector.pdbx_collection_time_total   ? 
_diffrn_detector.pdbx_collection_date         2020-09-04 
_diffrn_detector.pdbx_frequency               ? 
# 
_diffrn_radiation.collimation                      ? 
_diffrn_radiation.diffrn_id                        1 
_diffrn_radiation.filter_edge                      ? 
_diffrn_radiation.inhomogeneity                    ? 
_diffrn_radiation.monochromator                    ? 
_diffrn_radiation.polarisn_norm                    ? 
_diffrn_radiation.polarisn_ratio                   ? 
_diffrn_radiation.probe                            ? 
_diffrn_radiation.type                             ? 
_diffrn_radiation.xray_symbol                      ? 
_diffrn_radiation.wavelength_id                    1 
_diffrn_radiation.pdbx_monochromatic_or_laue_m_l   M 
_diffrn_radiation.pdbx_wavelength_list             ? 
_diffrn_radiation.pdbx_wavelength                  ? 
_diffrn_radiation.pdbx_diffrn_protocol             'SINGLE WAVELENGTH' 
_diffrn_radiation.pdbx_analyzer                    ? 
_diffrn_radiation.pdbx_scattering_type             x-ray 
# 
_diffrn_radiation_wavelength.id           1 
_diffrn_radiation_wavelength.wavelength   0.9801 
_diffrn_radiation_wavelength.wt           1.0 
# 
_diffrn_source.current                     ? 
_diffrn_source.details                     ? 
_diffrn_source.diffrn_id                   1 
_diffrn_source.power                       ? 
_diffrn_source.size                        ? 
_diffrn_source.source                      SYNCHROTRON 
_diffrn_source.target                      ? 
_diffrn_source.type                        'SOLEIL BEAMLINE PROXIMA 1' 
_diffrn_source.voltage                     ? 
_diffrn_source.take-off_angle              ? 
_diffrn_source.pdbx_wavelength_list        0.9801 
_diffrn_source.pdbx_wavelength             ? 
_diffrn_source.pdbx_synchrotron_beamline   'PROXIMA 1' 
_diffrn_source.pdbx_synchrotron_site       SOLEIL 
# 
_reflns.B_iso_Wilson_estimate            ? 
_reflns.entry_id                         7BFY 
_reflns.data_reduction_details           ? 
_reflns.data_reduction_method            ? 
_reflns.d_resolution_high                1.500 
_reflns.d_resolution_low                 19.970 
_reflns.details                          ? 
_reflns.limit_h_max                      ? 
_reflns.limit_h_min                      ? 
_reflns.limit_k_max                      ? 
_reflns.limit_k_min                      ? 
_reflns.limit_l_max                      ? 
_reflns.limit_l_min                      ? 
_reflns.number_all                       ? 
_reflns.number_obs                       15915 
_reflns.observed_criterion               ? 
_reflns.observed_criterion_F_max         ? 
_reflns.observed_criterion_F_min         ? 
_reflns.observed_criterion_I_max         ? 
_reflns.observed_criterion_I_min         ? 
_reflns.observed_criterion_sigma_F       ? 
_reflns.observed_criterion_sigma_I       ? 
_reflns.percent_possible_obs             99.900 
_reflns.R_free_details                   ? 
_reflns.Rmerge_F_all                     ? 
_reflns.Rmerge_F_obs                     ? 
_reflns.Friedel_coverage                 ? 
_reflns.number_gt                        ? 
_reflns.threshold_expression             ? 
_reflns.pdbx_redundancy                  16.400 
_reflns.pdbx_Rmerge_I_obs                0.083 
_reflns.pdbx_Rmerge_I_all                ? 
_reflns.pdbx_Rsym_value                  ? 
_reflns.pdbx_netI_over_av_sigmaI         ? 
_reflns.pdbx_netI_over_sigmaI            21.700 
_reflns.pdbx_res_netI_over_av_sigmaI_2   ? 
_reflns.pdbx_res_netI_over_sigmaI_2      ? 
_reflns.pdbx_chi_squared                 ? 
_reflns.pdbx_scaling_rejects             4 
_reflns.pdbx_d_res_high_opt              ? 
_reflns.pdbx_d_res_low_opt               ? 
_reflns.pdbx_d_res_opt_method            ? 
_reflns.phase_calculation_details        ? 
_reflns.pdbx_Rrim_I_all                  0.085 
_reflns.pdbx_Rpim_I_all                  0.021 
_reflns.pdbx_d_opt                       ? 
_reflns.pdbx_number_measured_all         261006 
_reflns.pdbx_diffrn_id                   1 
_reflns.pdbx_ordinal                     1 
_reflns.pdbx_CC_half                     0.999 
_reflns.pdbx_CC_star                     ? 
_reflns.pdbx_R_split                     ? 
# 
loop_
_reflns_shell.d_res_high 
_reflns_shell.d_res_low 
_reflns_shell.meanI_over_sigI_all 
_reflns_shell.meanI_over_sigI_obs 
_reflns_shell.number_measured_all 
_reflns_shell.number_measured_obs 
_reflns_shell.number_possible 
_reflns_shell.number_unique_all 
_reflns_shell.number_unique_obs 
_reflns_shell.percent_possible_all 
_reflns_shell.percent_possible_obs 
_reflns_shell.Rmerge_F_all 
_reflns_shell.Rmerge_F_obs 
_reflns_shell.Rmerge_I_all 
_reflns_shell.Rmerge_I_obs 
_reflns_shell.meanI_over_sigI_gt 
_reflns_shell.meanI_over_uI_all 
_reflns_shell.meanI_over_uI_gt 
_reflns_shell.number_measured_gt 
_reflns_shell.number_unique_gt 
_reflns_shell.percent_possible_gt 
_reflns_shell.Rmerge_F_gt 
_reflns_shell.Rmerge_I_gt 
_reflns_shell.pdbx_redundancy 
_reflns_shell.pdbx_Rsym_value 
_reflns_shell.pdbx_chi_squared 
_reflns_shell.pdbx_netI_over_sigmaI_all 
_reflns_shell.pdbx_netI_over_sigmaI_obs 
_reflns_shell.pdbx_Rrim_I_all 
_reflns_shell.pdbx_Rpim_I_all 
_reflns_shell.pdbx_rejects 
_reflns_shell.pdbx_ordinal 
_reflns_shell.pdbx_diffrn_id 
_reflns_shell.pdbx_CC_half 
_reflns_shell.pdbx_CC_star 
_reflns_shell.pdbx_R_split 
1.500 1.530  ? ? 12693 ? ? ? 820 100.000 ? ? ? ? 0.454 ? ? ? ? ? ? ? ? 15.500 ? ? ? 5.900  0.471 0.123 ? 1 1 0.935 ? ? 
8.220 19.970 ? ? 1325  ? ? ? 97  91.500  ? ? ? ? 0.062 ? ? ? ? ? ? ? ? 13.700 ? ? ? 36.200 0.065 0.020 ? 2 1 0.988 ? ? 
# 
_refine.aniso_B[1][1]                            -2.9900 
_refine.aniso_B[1][2]                            -0.0000 
_refine.aniso_B[1][3]                            -0.0000 
_refine.aniso_B[2][2]                            -2.9900 
_refine.aniso_B[2][3]                            -0.0000 
_refine.aniso_B[3][3]                            5.9800 
_refine.B_iso_max                                44.280 
_refine.B_iso_mean                               15.0840 
_refine.B_iso_min                                8.540 
_refine.correlation_coeff_Fo_to_Fc               0.9690 
_refine.correlation_coeff_Fo_to_Fc_free          0.9610 
_refine.details                                  
'HYDROGENS HAVE BEEN ADDED IN THE RIDING POSITIONS U VALUES      : REFINED INDIVIDUALLY' 
_refine.diff_density_max                         ? 
_refine.diff_density_max_esd                     ? 
_refine.diff_density_min                         ? 
_refine.diff_density_min_esd                     ? 
_refine.diff_density_rms                         ? 
_refine.diff_density_rms_esd                     ? 
_refine.entry_id                                 7BFY 
_refine.pdbx_refine_id                           'X-RAY DIFFRACTION' 
_refine.ls_abs_structure_details                 ? 
_refine.ls_abs_structure_Flack                   ? 
_refine.ls_abs_structure_Flack_esd               ? 
_refine.ls_abs_structure_Rogers                  ? 
_refine.ls_abs_structure_Rogers_esd              ? 
_refine.ls_d_res_high                            1.5000 
_refine.ls_d_res_low                             19.9700 
_refine.ls_extinction_coef                       ? 
_refine.ls_extinction_coef_esd                   ? 
_refine.ls_extinction_expression                 ? 
_refine.ls_extinction_method                     ? 
_refine.ls_goodness_of_fit_all                   ? 
_refine.ls_goodness_of_fit_all_esd               ? 
_refine.ls_goodness_of_fit_obs                   ? 
_refine.ls_goodness_of_fit_obs_esd               ? 
_refine.ls_hydrogen_treatment                    ? 
_refine.ls_matrix_type                           ? 
_refine.ls_number_constraints                    ? 
_refine.ls_number_parameters                     ? 
_refine.ls_number_reflns_all                     ? 
_refine.ls_number_reflns_obs                     15120 
_refine.ls_number_reflns_R_free                  762 
_refine.ls_number_reflns_R_work                  ? 
_refine.ls_number_restraints                     ? 
_refine.ls_percent_reflns_obs                    99.9200 
_refine.ls_percent_reflns_R_free                 4.8000 
_refine.ls_R_factor_all                          ? 
_refine.ls_R_factor_obs                          0.1502 
_refine.ls_R_factor_R_free                       0.1778 
_refine.ls_R_factor_R_free_error                 ? 
_refine.ls_R_factor_R_free_error_details         ? 
_refine.ls_R_factor_R_work                       0.1488 
_refine.ls_R_Fsqd_factor_obs                     ? 
_refine.ls_R_I_factor_obs                        ? 
_refine.ls_redundancy_reflns_all                 ? 
_refine.ls_redundancy_reflns_obs                 ? 
_refine.ls_restrained_S_all                      ? 
_refine.ls_restrained_S_obs                      ? 
_refine.ls_shift_over_esd_max                    ? 
_refine.ls_shift_over_esd_mean                   ? 
_refine.ls_structure_factor_coef                 ? 
_refine.ls_weighting_details                     ? 
_refine.ls_weighting_scheme                      ? 
_refine.ls_wR_factor_all                         ? 
_refine.ls_wR_factor_obs                         ? 
_refine.ls_wR_factor_R_free                      ? 
_refine.ls_wR_factor_R_work                      ? 
_refine.occupancy_max                            ? 
_refine.occupancy_min                            ? 
_refine.solvent_model_details                    MASK 
_refine.solvent_model_param_bsol                 ? 
_refine.solvent_model_param_ksol                 ? 
_refine.pdbx_R_complete                          ? 
_refine.ls_R_factor_gt                           ? 
_refine.ls_goodness_of_fit_gt                    ? 
_refine.ls_goodness_of_fit_ref                   ? 
_refine.ls_shift_over_su_max                     ? 
_refine.ls_shift_over_su_max_lt                  ? 
_refine.ls_shift_over_su_mean                    ? 
_refine.ls_shift_over_su_mean_lt                 ? 
_refine.pdbx_ls_sigma_I                          ? 
_refine.pdbx_ls_sigma_F                          0.000 
_refine.pdbx_ls_sigma_Fsqd                       ? 
_refine.pdbx_data_cutoff_high_absF               ? 
_refine.pdbx_data_cutoff_high_rms_absF           ? 
_refine.pdbx_data_cutoff_low_absF                ? 
_refine.pdbx_isotropic_thermal_model             ? 
_refine.pdbx_ls_cross_valid_method               THROUGHOUT 
_refine.pdbx_method_to_determine_struct          'MOLECULAR REPLACEMENT' 
_refine.pdbx_starting_model                      6tig 
_refine.pdbx_stereochemistry_target_values       'MAXIMUM LIKELIHOOD' 
_refine.pdbx_R_Free_selection_details            RANDOM 
_refine.pdbx_stereochem_target_val_spec_case     ? 
_refine.pdbx_overall_ESU_R                       0.0150 
_refine.pdbx_overall_ESU_R_Free                  0.0150 
_refine.pdbx_solvent_vdw_probe_radii             1.2000 
_refine.pdbx_solvent_ion_probe_radii             0.8000 
_refine.pdbx_solvent_shrinkage_radii             0.8000 
_refine.pdbx_real_space_R                        ? 
_refine.pdbx_density_correlation                 ? 
_refine.pdbx_pd_number_of_powder_patterns        ? 
_refine.pdbx_pd_number_of_points                 ? 
_refine.pdbx_pd_meas_number_of_points            ? 
_refine.pdbx_pd_proc_ls_prof_R_factor            ? 
_refine.pdbx_pd_proc_ls_prof_wR_factor           ? 
_refine.pdbx_pd_Marquardt_correlation_coeff      ? 
_refine.pdbx_pd_Fsqrd_R_factor                   ? 
_refine.pdbx_pd_ls_matrix_band_width             ? 
_refine.pdbx_overall_phase_error                 ? 
_refine.pdbx_overall_SU_R_free_Cruickshank_DPI   ? 
_refine.pdbx_overall_SU_R_free_Blow_DPI          ? 
_refine.pdbx_overall_SU_R_Blow_DPI               ? 
_refine.pdbx_TLS_residual_ADP_flag               ? 
_refine.pdbx_diffrn_id                           1 
_refine.overall_SU_B                             1.4370 
_refine.overall_SU_ML                            0.0570 
_refine.overall_SU_R_Cruickshank_DPI             ? 
_refine.overall_SU_R_free                        ? 
_refine.overall_FOM_free_R_set                   ? 
_refine.overall_FOM_work_R_set                   ? 
_refine.pdbx_average_fsc_overall                 ? 
_refine.pdbx_average_fsc_work                    ? 
_refine.pdbx_average_fsc_free                    ? 
# 
_refine_hist.pdbx_refine_id                   'X-RAY DIFFRACTION' 
_refine_hist.cycle_id                         final 
_refine_hist.details                          ? 
_refine_hist.d_res_high                       1.5000 
_refine_hist.d_res_low                        19.9700 
_refine_hist.number_atoms_solvent             142 
_refine_hist.number_atoms_total               1091 
_refine_hist.number_reflns_all                ? 
_refine_hist.number_reflns_obs                ? 
_refine_hist.number_reflns_R_free             ? 
_refine_hist.number_reflns_R_work             ? 
_refine_hist.R_factor_all                     ? 
_refine_hist.R_factor_obs                     ? 
_refine_hist.R_factor_R_free                  ? 
_refine_hist.R_factor_R_work                  ? 
_refine_hist.pdbx_number_residues_total       131 
_refine_hist.pdbx_B_iso_mean_ligand           ? 
_refine_hist.pdbx_B_iso_mean_solvent          27.43 
_refine_hist.pdbx_number_atoms_protein        949 
_refine_hist.pdbx_number_atoms_nucleic_acid   0 
_refine_hist.pdbx_number_atoms_ligand         0 
_refine_hist.pdbx_number_atoms_lipid          ? 
_refine_hist.pdbx_number_atoms_carb           ? 
_refine_hist.pdbx_pseudo_atom_details         ? 
# 
loop_
_refine_ls_restr.pdbx_refine_id 
_refine_ls_restr.criterion 
_refine_ls_restr.dev_ideal 
_refine_ls_restr.dev_ideal_target 
_refine_ls_restr.number 
_refine_ls_restr.rejects 
_refine_ls_restr.type 
_refine_ls_restr.weight 
_refine_ls_restr.pdbx_restraint_function 
'X-RAY DIFFRACTION' ? 0.014  0.013  976  ? r_bond_refined_d       ? ? 
'X-RAY DIFFRACTION' ? 0.001  0.017  915  ? r_bond_other_d         ? ? 
'X-RAY DIFFRACTION' ? 1.851  1.632  1340 ? r_angle_refined_deg    ? ? 
'X-RAY DIFFRACTION' ? 1.505  1.563  2104 ? r_angle_other_deg      ? ? 
'X-RAY DIFFRACTION' ? 7.871  5.000  132  ? r_dihedral_angle_1_deg ? ? 
'X-RAY DIFFRACTION' ? 35.642 22.903 31   ? r_dihedral_angle_2_deg ? ? 
'X-RAY DIFFRACTION' ? 11.043 15.000 136  ? r_dihedral_angle_3_deg ? ? 
'X-RAY DIFFRACTION' ? 10.952 15.000 2    ? r_dihedral_angle_4_deg ? ? 
'X-RAY DIFFRACTION' ? 0.086  0.200  139  ? r_chiral_restr         ? ? 
'X-RAY DIFFRACTION' ? 0.011  0.020  1110 ? r_gen_planes_refined   ? ? 
'X-RAY DIFFRACTION' ? 0.001  0.020  210  ? r_gen_planes_other     ? ? 
# 
_refine_ls_shell.pdbx_refine_id                   'X-RAY DIFFRACTION' 
_refine_ls_shell.d_res_high                       1.5000 
_refine_ls_shell.d_res_low                        1.5390 
_refine_ls_shell.number_reflns_all                1209 
_refine_ls_shell.number_reflns_obs                ? 
_refine_ls_shell.number_reflns_R_free             54 
_refine_ls_shell.number_reflns_R_work             1155 
_refine_ls_shell.percent_reflns_obs               100.0000 
_refine_ls_shell.percent_reflns_R_free            ? 
_refine_ls_shell.R_factor_all                     ? 
_refine_ls_shell.R_factor_obs                     ? 
_refine_ls_shell.R_factor_R_free                  0.3430 
_refine_ls_shell.R_factor_R_free_error            0.0000 
_refine_ls_shell.R_factor_R_work                  0.1910 
_refine_ls_shell.redundancy_reflns_all            ? 
_refine_ls_shell.redundancy_reflns_obs            ? 
_refine_ls_shell.wR_factor_all                    ? 
_refine_ls_shell.wR_factor_obs                    ? 
_refine_ls_shell.wR_factor_R_free                 ? 
_refine_ls_shell.wR_factor_R_work                 ? 
_refine_ls_shell.pdbx_R_complete                  ? 
_refine_ls_shell.pdbx_total_number_of_bins_used   20 
_refine_ls_shell.pdbx_phase_error                 ? 
_refine_ls_shell.pdbx_fsc_work                    ? 
_refine_ls_shell.pdbx_fsc_free                    ? 
# 
_struct.entry_id                     7BFY 
_struct.title                        'Structure of the apo form of the N terminal domain of Bc2L-C lectin (1-131)' 
_struct.pdbx_model_details           ? 
_struct.pdbx_formula_weight          ? 
_struct.pdbx_formula_weight_method   ? 
_struct.pdbx_model_type_details      ? 
_struct.pdbx_CASP_flag               N 
# 
_struct_keywords.entry_id        7BFY 
_struct_keywords.text            
'lectins, drug resistance, glycomimetics, anti-adhesive therapy, drug design, fragment-based screening, SUGAR BINDING PROTEIN' 
_struct_keywords.pdbx_keywords   'SUGAR BINDING PROTEIN' 
# 
loop_
_struct_asym.id 
_struct_asym.pdbx_blank_PDB_chainid_flag 
_struct_asym.pdbx_modified 
_struct_asym.entity_id 
_struct_asym.details 
A N N 1 ? 
B N N 2 ? 
# 
_struct_ref.id                         1 
_struct_ref.db_name                    UNP 
_struct_ref.db_code                    B4EH86_BURCJ 
_struct_ref.pdbx_db_accession          B4EH86 
_struct_ref.pdbx_db_isoform            ? 
_struct_ref.entity_id                  1 
_struct_ref.pdbx_seq_one_letter_code   
;MPLLSASIVSAPVVTSETYVDIPGLYLDVAKAGIRDGKLQVILNVPTPYATGNNFPGIYFAIATNQGVVADGCFTYSSKV
PESTGRMPFTLVATIDVGSGVTFVKGQWKSVRGSAMHIDSYASLSAIWGTA
;
_struct_ref.pdbx_align_begin           1 
# 
_struct_ref_seq.align_id                      1 
_struct_ref_seq.ref_id                        1 
_struct_ref_seq.pdbx_PDB_id_code              7BFY 
_struct_ref_seq.pdbx_strand_id                A 
_struct_ref_seq.seq_align_beg                 1 
_struct_ref_seq.pdbx_seq_align_beg_ins_code   ? 
_struct_ref_seq.seq_align_end                 131 
_struct_ref_seq.pdbx_seq_align_end_ins_code   ? 
_struct_ref_seq.pdbx_db_accession             B4EH86 
_struct_ref_seq.db_align_beg                  1 
_struct_ref_seq.pdbx_db_align_beg_ins_code    ? 
_struct_ref_seq.db_align_end                  131 
_struct_ref_seq.pdbx_db_align_end_ins_code    ? 
_struct_ref_seq.pdbx_auth_seq_align_beg       1 
_struct_ref_seq.pdbx_auth_seq_align_end       131 
# 
_pdbx_struct_assembly.id                   1 
_pdbx_struct_assembly.details              author_and_software_defined_assembly 
_pdbx_struct_assembly.method_details       PISA 
_pdbx_struct_assembly.oligomeric_details   trimeric 
_pdbx_struct_assembly.oligomeric_count     3 
# 
loop_
_pdbx_struct_assembly_prop.biol_id 
_pdbx_struct_assembly_prop.type 
_pdbx_struct_assembly_prop.value 
_pdbx_struct_assembly_prop.details 
1 'ABSA (A^2)' 5570  ? 
1 MORE         -44   ? 
1 'SSA (A^2)'  13560 ? 
# 
_pdbx_struct_assembly_gen.assembly_id       1 
_pdbx_struct_assembly_gen.oper_expression   1,2,3 
_pdbx_struct_assembly_gen.asym_id_list      A,B 
# 
_pdbx_struct_assembly_auth_evidence.id                     1 
_pdbx_struct_assembly_auth_evidence.assembly_id            1 
_pdbx_struct_assembly_auth_evidence.experimental_support   'gel filtration' 
_pdbx_struct_assembly_auth_evidence.details                ? 
# 
loop_
_pdbx_struct_oper_list.id 
_pdbx_struct_oper_list.type 
_pdbx_struct_oper_list.name 
_pdbx_struct_oper_list.symmetry_operation 
_pdbx_struct_oper_list.matrix[1][1] 
_pdbx_struct_oper_list.matrix[1][2] 
_pdbx_struct_oper_list.matrix[1][3] 
_pdbx_struct_oper_list.vector[1] 
_pdbx_struct_oper_list.matrix[2][1] 
_pdbx_struct_oper_list.matrix[2][2] 
_pdbx_struct_oper_list.matrix[2][3] 
_pdbx_struct_oper_list.vector[2] 
_pdbx_struct_oper_list.matrix[3][1] 
_pdbx_struct_oper_list.matrix[3][2] 
_pdbx_struct_oper_list.matrix[3][3] 
_pdbx_struct_oper_list.vector[3] 
1 'identity operation'         1_555 x,y,z         1.0000000000 0.0000000000 0.0000000000  0.0000000000  0.0000000000 1.0000000000  0.0000000000  0.0000000000  0.0000000000  0.0000000000  1.0000000000  0.0000000000   
2 'crystal symmetry operation' 2_655 -y+1,x-y,z    0.8452856961 0.5094507427 -0.1610963460 -3.1055810420 0.0901679958 -0.4331847070 -0.8967835537 -7.8266344347 -0.5266515209 0.7435125758  -0.4121009891 -18.9732092284 
3 'crystal symmetry operation' 3_665 -x+y+1,-x+1,z 0.8452856961 0.0901679958 -0.5266515209 -6.6614543225 0.5094507427 -0.4331847070 0.7435125758  12.2985818874 -0.1610963460 -0.8967835537 -0.4121009891 -15.3379730885 
# 
loop_
_struct_sheet.id 
_struct_sheet.type 
_struct_sheet.number_strands 
_struct_sheet.details 
AA1 ? 4 ? 
AA2 ? 4 ? 
AA3 ? 2 ? 
# 
loop_
_struct_sheet_order.sheet_id 
_struct_sheet_order.range_id_1 
_struct_sheet_order.range_id_2 
_struct_sheet_order.offset 
_struct_sheet_order.sense 
AA1 1 2 ? anti-parallel 
AA1 2 3 ? anti-parallel 
AA1 3 4 ? anti-parallel 
AA2 1 2 ? anti-parallel 
AA2 2 3 ? anti-parallel 
AA2 3 4 ? anti-parallel 
AA3 1 2 ? anti-parallel 
# 
loop_
_struct_sheet_range.sheet_id 
_struct_sheet_range.id 
_struct_sheet_range.beg_label_comp_id 
_struct_sheet_range.beg_label_asym_id 
_struct_sheet_range.beg_label_seq_id 
_struct_sheet_range.pdbx_beg_PDB_ins_code 
_struct_sheet_range.end_label_comp_id 
_struct_sheet_range.end_label_asym_id 
_struct_sheet_range.end_label_seq_id 
_struct_sheet_range.pdbx_end_PDB_ins_code 
_struct_sheet_range.beg_auth_comp_id 
_struct_sheet_range.beg_auth_asym_id 
_struct_sheet_range.beg_auth_seq_id 
_struct_sheet_range.end_auth_comp_id 
_struct_sheet_range.end_auth_asym_id 
_struct_sheet_range.end_auth_seq_id 
AA1 1 LEU A 3   ? ILE A 8   ? LEU A 3   ILE A 8   
AA1 2 ALA A 122 ? GLY A 129 ? ALA A 122 GLY A 129 
AA1 3 LYS A 38  ? VAL A 45  ? LYS A 38  VAL A 45  
AA1 4 PHE A 89  ? ASP A 96  ? PHE A 89  ASP A 96  
AA2 1 VAL A 20  ? ASP A 28  ? VAL A 20  ASP A 28  
AA2 2 PHE A 103 ? VAL A 111 ? PHE A 103 VAL A 111 
AA2 3 GLY A 57  ? THR A 64  ? GLY A 57  THR A 64  
AA2 4 GLY A 67  ? THR A 75  ? GLY A 67  THR A 75  
AA3 1 TYR A 49  ? THR A 51  ? TYR A 49  THR A 51  
AA3 2 ALA A 115 ? HIS A 117 ? ALA A 115 HIS A 117 
# 
loop_
_pdbx_struct_sheet_hbond.sheet_id 
_pdbx_struct_sheet_hbond.range_id_1 
_pdbx_struct_sheet_hbond.range_id_2 
_pdbx_struct_sheet_hbond.range_1_label_atom_id 
_pdbx_struct_sheet_hbond.range_1_label_comp_id 
_pdbx_struct_sheet_hbond.range_1_label_asym_id 
_pdbx_struct_sheet_hbond.range_1_label_seq_id 
_pdbx_struct_sheet_hbond.range_1_PDB_ins_code 
_pdbx_struct_sheet_hbond.range_1_auth_atom_id 
_pdbx_struct_sheet_hbond.range_1_auth_comp_id 
_pdbx_struct_sheet_hbond.range_1_auth_asym_id 
_pdbx_struct_sheet_hbond.range_1_auth_seq_id 
_pdbx_struct_sheet_hbond.range_2_label_atom_id 
_pdbx_struct_sheet_hbond.range_2_label_comp_id 
_pdbx_struct_sheet_hbond.range_2_label_asym_id 
_pdbx_struct_sheet_hbond.range_2_label_seq_id 
_pdbx_struct_sheet_hbond.range_2_PDB_ins_code 
_pdbx_struct_sheet_hbond.range_2_auth_atom_id 
_pdbx_struct_sheet_hbond.range_2_auth_comp_id 
_pdbx_struct_sheet_hbond.range_2_auth_asym_id 
_pdbx_struct_sheet_hbond.range_2_auth_seq_id 
AA1 1 2 N ALA A 6   ? N ALA A 6   O LEU A 124 ? O LEU A 124 
AA1 2 3 O SER A 123 ? O SER A 123 N ASN A 44  ? N ASN A 44  
AA1 3 4 N VAL A 45  ? N VAL A 45  O PHE A 89  ? O PHE A 89  
AA2 1 2 N LEU A 27  ? N LEU A 27  O VAL A 104 ? O VAL A 104 
AA2 2 3 O LYS A 105 ? O LYS A 105 N ALA A 63  ? N ALA A 63  
AA2 3 4 N ILE A 62  ? N ILE A 62  O VAL A 69  ? O VAL A 69  
AA3 1 2 N THR A 51  ? N THR A 51  O ALA A 115 ? O ALA A 115 
# 
_pdbx_validate_torsion.id              1 
_pdbx_validate_torsion.PDB_model_num   1 
_pdbx_validate_torsion.auth_comp_id    PHE 
_pdbx_validate_torsion.auth_asym_id    A 
_pdbx_validate_torsion.auth_seq_id     55 
_pdbx_validate_torsion.PDB_ins_code    ? 
_pdbx_validate_torsion.label_alt_id    ? 
_pdbx_validate_torsion.phi             46.41 
_pdbx_validate_torsion.psi             76.33 
# 
loop_
_pdbx_struct_special_symmetry.id 
_pdbx_struct_special_symmetry.PDB_model_num 
_pdbx_struct_special_symmetry.auth_asym_id 
_pdbx_struct_special_symmetry.auth_comp_id 
_pdbx_struct_special_symmetry.auth_seq_id 
_pdbx_struct_special_symmetry.PDB_ins_code 
_pdbx_struct_special_symmetry.label_asym_id 
_pdbx_struct_special_symmetry.label_comp_id 
_pdbx_struct_special_symmetry.label_seq_id 
1 1 A HOH 204 ? B HOH . 
2 1 A HOH 239 ? B HOH . 
3 1 A HOH 302 ? B HOH . 
4 1 A HOH 335 ? B HOH . 
# 
loop_
_chem_comp_atom.comp_id 
_chem_comp_atom.atom_id 
_chem_comp_atom.type_symbol 
_chem_comp_atom.pdbx_aromatic_flag 
_chem_comp_atom.pdbx_stereo_config 
_chem_comp_atom.pdbx_ordinal 
ALA N    N N N 1   
ALA CA   C N S 2   
ALA C    C N N 3   
ALA O    O N N 4   
ALA CB   C N N 5   
ALA OXT  O N N 6   
ALA H    H N N 7   
ALA H2   H N N 8   
ALA HA   H N N 9   
ALA HB1  H N N 10  
ALA HB2  H N N 11  
ALA HB3  H N N 12  
ALA HXT  H N N 13  
ARG N    N N N 14  
ARG CA   C N S 15  
ARG C    C N N 16  
ARG O    O N N 17  
ARG CB   C N N 18  
ARG CG   C N N 19  
ARG CD   C N N 20  
ARG NE   N N N 21  
ARG CZ   C N N 22  
ARG NH1  N N N 23  
ARG NH2  N N N 24  
ARG OXT  O N N 25  
ARG H    H N N 26  
ARG H2   H N N 27  
ARG HA   H N N 28  
ARG HB2  H N N 29  
ARG HB3  H N N 30  
ARG HG2  H N N 31  
ARG HG3  H N N 32  
ARG HD2  H N N 33  
ARG HD3  H N N 34  
ARG HE   H N N 35  
ARG HH11 H N N 36  
ARG HH12 H N N 37  
ARG HH21 H N N 38  
ARG HH22 H N N 39  
ARG HXT  H N N 40  
ASN N    N N N 41  
ASN CA   C N S 42  
ASN C    C N N 43  
ASN O    O N N 44  
ASN CB   C N N 45  
ASN CG   C N N 46  
ASN OD1  O N N 47  
ASN ND2  N N N 48  
ASN OXT  O N N 49  
ASN H    H N N 50  
ASN H2   H N N 51  
ASN HA   H N N 52  
ASN HB2  H N N 53  
ASN HB3  H N N 54  
ASN HD21 H N N 55  
ASN HD22 H N N 56  
ASN HXT  H N N 57  
ASP N    N N N 58  
ASP CA   C N S 59  
ASP C    C N N 60  
ASP O    O N N 61  
ASP CB   C N N 62  
ASP CG   C N N 63  
ASP OD1  O N N 64  
ASP OD2  O N N 65  
ASP OXT  O N N 66  
ASP H    H N N 67  
ASP H2   H N N 68  
ASP HA   H N N 69  
ASP HB2  H N N 70  
ASP HB3  H N N 71  
ASP HD2  H N N 72  
ASP HXT  H N N 73  
CYS N    N N N 74  
CYS CA   C N R 75  
CYS C    C N N 76  
CYS O    O N N 77  
CYS CB   C N N 78  
CYS SG   S N N 79  
CYS OXT  O N N 80  
CYS H    H N N 81  
CYS H2   H N N 82  
CYS HA   H N N 83  
CYS HB2  H N N 84  
CYS HB3  H N N 85  
CYS HG   H N N 86  
CYS HXT  H N N 87  
GLN N    N N N 88  
GLN CA   C N S 89  
GLN C    C N N 90  
GLN O    O N N 91  
GLN CB   C N N 92  
GLN CG   C N N 93  
GLN CD   C N N 94  
GLN OE1  O N N 95  
GLN NE2  N N N 96  
GLN OXT  O N N 97  
GLN H    H N N 98  
GLN H2   H N N 99  
GLN HA   H N N 100 
GLN HB2  H N N 101 
GLN HB3  H N N 102 
GLN HG2  H N N 103 
GLN HG3  H N N 104 
GLN HE21 H N N 105 
GLN HE22 H N N 106 
GLN HXT  H N N 107 
GLU N    N N N 108 
GLU CA   C N S 109 
GLU C    C N N 110 
GLU O    O N N 111 
GLU CB   C N N 112 
GLU CG   C N N 113 
GLU CD   C N N 114 
GLU OE1  O N N 115 
GLU OE2  O N N 116 
GLU OXT  O N N 117 
GLU H    H N N 118 
GLU H2   H N N 119 
GLU HA   H N N 120 
GLU HB2  H N N 121 
GLU HB3  H N N 122 
GLU HG2  H N N 123 
GLU HG3  H N N 124 
GLU HE2  H N N 125 
GLU HXT  H N N 126 
GLY N    N N N 127 
GLY CA   C N N 128 
GLY C    C N N 129 
GLY O    O N N 130 
GLY OXT  O N N 131 
GLY H    H N N 132 
GLY H2   H N N 133 
GLY HA2  H N N 134 
GLY HA3  H N N 135 
GLY HXT  H N N 136 
HIS N    N N N 137 
HIS CA   C N S 138 
HIS C    C N N 139 
HIS O    O N N 140 
HIS CB   C N N 141 
HIS CG   C Y N 142 
HIS ND1  N Y N 143 
HIS CD2  C Y N 144 
HIS CE1  C Y N 145 
HIS NE2  N Y N 146 
HIS OXT  O N N 147 
HIS H    H N N 148 
HIS H2   H N N 149 
HIS HA   H N N 150 
HIS HB2  H N N 151 
HIS HB3  H N N 152 
HIS HD1  H N N 153 
HIS HD2  H N N 154 
HIS HE1  H N N 155 
HIS HE2  H N N 156 
HIS HXT  H N N 157 
HOH O    O N N 158 
HOH H1   H N N 159 
HOH H2   H N N 160 
ILE N    N N N 161 
ILE CA   C N S 162 
ILE C    C N N 163 
ILE O    O N N 164 
ILE CB   C N S 165 
ILE CG1  C N N 166 
ILE CG2  C N N 167 
ILE CD1  C N N 168 
ILE OXT  O N N 169 
ILE H    H N N 170 
ILE H2   H N N 171 
ILE HA   H N N 172 
ILE HB   H N N 173 
ILE HG12 H N N 174 
ILE HG13 H N N 175 
ILE HG21 H N N 176 
ILE HG22 H N N 177 
ILE HG23 H N N 178 
ILE HD11 H N N 179 
ILE HD12 H N N 180 
ILE HD13 H N N 181 
ILE HXT  H N N 182 
LEU N    N N N 183 
LEU CA   C N S 184 
LEU C    C N N 185 
LEU O    O N N 186 
LEU CB   C N N 187 
LEU CG   C N N 188 
LEU CD1  C N N 189 
LEU CD2  C N N 190 
LEU OXT  O N N 191 
LEU H    H N N 192 
LEU H2   H N N 193 
LEU HA   H N N 194 
LEU HB2  H N N 195 
LEU HB3  H N N 196 
LEU HG   H N N 197 
LEU HD11 H N N 198 
LEU HD12 H N N 199 
LEU HD13 H N N 200 
LEU HD21 H N N 201 
LEU HD22 H N N 202 
LEU HD23 H N N 203 
LEU HXT  H N N 204 
LYS N    N N N 205 
LYS CA   C N S 206 
LYS C    C N N 207 
LYS O    O N N 208 
LYS CB   C N N 209 
LYS CG   C N N 210 
LYS CD   C N N 211 
LYS CE   C N N 212 
LYS NZ   N N N 213 
LYS OXT  O N N 214 
LYS H    H N N 215 
LYS H2   H N N 216 
LYS HA   H N N 217 
LYS HB2  H N N 218 
LYS HB3  H N N 219 
LYS HG2  H N N 220 
LYS HG3  H N N 221 
LYS HD2  H N N 222 
LYS HD3  H N N 223 
LYS HE2  H N N 224 
LYS HE3  H N N 225 
LYS HZ1  H N N 226 
LYS HZ2  H N N 227 
LYS HZ3  H N N 228 
LYS HXT  H N N 229 
MET N    N N N 230 
MET CA   C N S 231 
MET C    C N N 232 
MET O    O N N 233 
MET CB   C N N 234 
MET CG   C N N 235 
MET SD   S N N 236 
MET CE   C N N 237 
MET OXT  O N N 238 
MET H    H N N 239 
MET H2   H N N 240 
MET HA   H N N 241 
MET HB2  H N N 242 
MET HB3  H N N 243 
MET HG2  H N N 244 
MET HG3  H N N 245 
MET HE1  H N N 246 
MET HE2  H N N 247 
MET HE3  H N N 248 
MET HXT  H N N 249 
PHE N    N N N 250 
PHE CA   C N S 251 
PHE C    C N N 252 
PHE O    O N N 253 
PHE CB   C N N 254 
PHE CG   C Y N 255 
PHE CD1  C Y N 256 
PHE CD2  C Y N 257 
PHE CE1  C Y N 258 
PHE CE2  C Y N 259 
PHE CZ   C Y N 260 
PHE OXT  O N N 261 
PHE H    H N N 262 
PHE H2   H N N 263 
PHE HA   H N N 264 
PHE HB2  H N N 265 
PHE HB3  H N N 266 
PHE HD1  H N N 267 
PHE HD2  H N N 268 
PHE HE1  H N N 269 
PHE HE2  H N N 270 
PHE HZ   H N N 271 
PHE HXT  H N N 272 
PRO N    N N N 273 
PRO CA   C N S 274 
PRO C    C N N 275 
PRO O    O N N 276 
PRO CB   C N N 277 
PRO CG   C N N 278 
PRO CD   C N N 279 
PRO OXT  O N N 280 
PRO H    H N N 281 
PRO HA   H N N 282 
PRO HB2  H N N 283 
PRO HB3  H N N 284 
PRO HG2  H N N 285 
PRO HG3  H N N 286 
PRO HD2  H N N 287 
PRO HD3  H N N 288 
PRO HXT  H N N 289 
SER N    N N N 290 
SER CA   C N S 291 
SER C    C N N 292 
SER O    O N N 293 
SER CB   C N N 294 
SER OG   O N N 295 
SER OXT  O N N 296 
SER H    H N N 297 
SER H2   H N N 298 
SER HA   H N N 299 
SER HB2  H N N 300 
SER HB3  H N N 301 
SER HG   H N N 302 
SER HXT  H N N 303 
THR N    N N N 304 
THR CA   C N S 305 
THR C    C N N 306 
THR O    O N N 307 
THR CB   C N R 308 
THR OG1  O N N 309 
THR CG2  C N N 310 
THR OXT  O N N 311 
THR H    H N N 312 
THR H2   H N N 313 
THR HA   H N N 314 
THR HB   H N N 315 
THR HG1  H N N 316 
THR HG21 H N N 317 
THR HG22 H N N 318 
THR HG23 H N N 319 
THR HXT  H N N 320 
TRP N    N N N 321 
TRP CA   C N S 322 
TRP C    C N N 323 
TRP O    O N N 324 
TRP CB   C N N 325 
TRP CG   C Y N 326 
TRP CD1  C Y N 327 
TRP CD2  C Y N 328 
TRP NE1  N Y N 329 
TRP CE2  C Y N 330 
TRP CE3  C Y N 331 
TRP CZ2  C Y N 332 
TRP CZ3  C Y N 333 
TRP CH2  C Y N 334 
TRP OXT  O N N 335 
TRP H    H N N 336 
TRP H2   H N N 337 
TRP HA   H N N 338 
TRP HB2  H N N 339 
TRP HB3  H N N 340 
TRP HD1  H N N 341 
TRP HE1  H N N 342 
TRP HE3  H N N 343 
TRP HZ2  H N N 344 
TRP HZ3  H N N 345 
TRP HH2  H N N 346 
TRP HXT  H N N 347 
TYR N    N N N 348 
TYR CA   C N S 349 
TYR C    C N N 350 
TYR O    O N N 351 
TYR CB   C N N 352 
TYR CG   C Y N 353 
TYR CD1  C Y N 354 
TYR CD2  C Y N 355 
TYR CE1  C Y N 356 
TYR CE2  C Y N 357 
TYR CZ   C Y N 358 
TYR OH   O N N 359 
TYR OXT  O N N 360 
TYR H    H N N 361 
TYR H2   H N N 362 
TYR HA   H N N 363 
TYR HB2  H N N 364 
TYR HB3  H N N 365 
TYR HD1  H N N 366 
TYR HD2  H N N 367 
TYR HE1  H N N 368 
TYR HE2  H N N 369 
TYR HH   H N N 370 
TYR HXT  H N N 371 
VAL N    N N N 372 
VAL CA   C N S 373 
VAL C    C N N 374 
VAL O    O N N 375 
VAL CB   C N N 376 
VAL CG1  C N N 377 
VAL CG2  C N N 378 
VAL OXT  O N N 379 
VAL H    H N N 380 
VAL H2   H N N 381 
VAL HA   H N N 382 
VAL HB   H N N 383 
VAL HG11 H N N 384 
VAL HG12 H N N 385 
VAL HG13 H N N 386 
VAL HG21 H N N 387 
VAL HG22 H N N 388 
VAL HG23 H N N 389 
VAL HXT  H N N 390 
# 
loop_
_chem_comp_bond.comp_id 
_chem_comp_bond.atom_id_1 
_chem_comp_bond.atom_id_2 
_chem_comp_bond.value_order 
_chem_comp_bond.pdbx_aromatic_flag 
_chem_comp_bond.pdbx_stereo_config 
_chem_comp_bond.pdbx_ordinal 
ALA N   CA   sing N N 1   
ALA N   H    sing N N 2   
ALA N   H2   sing N N 3   
ALA CA  C    sing N N 4   
ALA CA  CB   sing N N 5   
ALA CA  HA   sing N N 6   
ALA C   O    doub N N 7   
ALA C   OXT  sing N N 8   
ALA CB  HB1  sing N N 9   
ALA CB  HB2  sing N N 10  
ALA CB  HB3  sing N N 11  
ALA OXT HXT  sing N N 12  
ARG N   CA   sing N N 13  
ARG N   H    sing N N 14  
ARG N   H2   sing N N 15  
ARG CA  C    sing N N 16  
ARG CA  CB   sing N N 17  
ARG CA  HA   sing N N 18  
ARG C   O    doub N N 19  
ARG C   OXT  sing N N 20  
ARG CB  CG   sing N N 21  
ARG CB  HB2  sing N N 22  
ARG CB  HB3  sing N N 23  
ARG CG  CD   sing N N 24  
ARG CG  HG2  sing N N 25  
ARG CG  HG3  sing N N 26  
ARG CD  NE   sing N N 27  
ARG CD  HD2  sing N N 28  
ARG CD  HD3  sing N N 29  
ARG NE  CZ   sing N N 30  
ARG NE  HE   sing N N 31  
ARG CZ  NH1  sing N N 32  
ARG CZ  NH2  doub N N 33  
ARG NH1 HH11 sing N N 34  
ARG NH1 HH12 sing N N 35  
ARG NH2 HH21 sing N N 36  
ARG NH2 HH22 sing N N 37  
ARG OXT HXT  sing N N 38  
ASN N   CA   sing N N 39  
ASN N   H    sing N N 40  
ASN N   H2   sing N N 41  
ASN CA  C    sing N N 42  
ASN CA  CB   sing N N 43  
ASN CA  HA   sing N N 44  
ASN C   O    doub N N 45  
ASN C   OXT  sing N N 46  
ASN CB  CG   sing N N 47  
ASN CB  HB2  sing N N 48  
ASN CB  HB3  sing N N 49  
ASN CG  OD1  doub N N 50  
ASN CG  ND2  sing N N 51  
ASN ND2 HD21 sing N N 52  
ASN ND2 HD22 sing N N 53  
ASN OXT HXT  sing N N 54  
ASP N   CA   sing N N 55  
ASP N   H    sing N N 56  
ASP N   H2   sing N N 57  
ASP CA  C    sing N N 58  
ASP CA  CB   sing N N 59  
ASP CA  HA   sing N N 60  
ASP C   O    doub N N 61  
ASP C   OXT  sing N N 62  
ASP CB  CG   sing N N 63  
ASP CB  HB2  sing N N 64  
ASP CB  HB3  sing N N 65  
ASP CG  OD1  doub N N 66  
ASP CG  OD2  sing N N 67  
ASP OD2 HD2  sing N N 68  
ASP OXT HXT  sing N N 69  
CYS N   CA   sing N N 70  
CYS N   H    sing N N 71  
CYS N   H2   sing N N 72  
CYS CA  C    sing N N 73  
CYS CA  CB   sing N N 74  
CYS CA  HA   sing N N 75  
CYS C   O    doub N N 76  
CYS C   OXT  sing N N 77  
CYS CB  SG   sing N N 78  
CYS CB  HB2  sing N N 79  
CYS CB  HB3  sing N N 80  
CYS SG  HG   sing N N 81  
CYS OXT HXT  sing N N 82  
GLN N   CA   sing N N 83  
GLN N   H    sing N N 84  
GLN N   H2   sing N N 85  
GLN CA  C    sing N N 86  
GLN CA  CB   sing N N 87  
GLN CA  HA   sing N N 88  
GLN C   O    doub N N 89  
GLN C   OXT  sing N N 90  
GLN CB  CG   sing N N 91  
GLN CB  HB2  sing N N 92  
GLN CB  HB3  sing N N 93  
GLN CG  CD   sing N N 94  
GLN CG  HG2  sing N N 95  
GLN CG  HG3  sing N N 96  
GLN CD  OE1  doub N N 97  
GLN CD  NE2  sing N N 98  
GLN NE2 HE21 sing N N 99  
GLN NE2 HE22 sing N N 100 
GLN OXT HXT  sing N N 101 
GLU N   CA   sing N N 102 
GLU N   H    sing N N 103 
GLU N   H2   sing N N 104 
GLU CA  C    sing N N 105 
GLU CA  CB   sing N N 106 
GLU CA  HA   sing N N 107 
GLU C   O    doub N N 108 
GLU C   OXT  sing N N 109 
GLU CB  CG   sing N N 110 
GLU CB  HB2  sing N N 111 
GLU CB  HB3  sing N N 112 
GLU CG  CD   sing N N 113 
GLU CG  HG2  sing N N 114 
GLU CG  HG3  sing N N 115 
GLU CD  OE1  doub N N 116 
GLU CD  OE2  sing N N 117 
GLU OE2 HE2  sing N N 118 
GLU OXT HXT  sing N N 119 
GLY N   CA   sing N N 120 
GLY N   H    sing N N 121 
GLY N   H2   sing N N 122 
GLY CA  C    sing N N 123 
GLY CA  HA2  sing N N 124 
GLY CA  HA3  sing N N 125 
GLY C   O    doub N N 126 
GLY C   OXT  sing N N 127 
GLY OXT HXT  sing N N 128 
HIS N   CA   sing N N 129 
HIS N   H    sing N N 130 
HIS N   H2   sing N N 131 
HIS CA  C    sing N N 132 
HIS CA  CB   sing N N 133 
HIS CA  HA   sing N N 134 
HIS C   O    doub N N 135 
HIS C   OXT  sing N N 136 
HIS CB  CG   sing N N 137 
HIS CB  HB2  sing N N 138 
HIS CB  HB3  sing N N 139 
HIS CG  ND1  sing Y N 140 
HIS CG  CD2  doub Y N 141 
HIS ND1 CE1  doub Y N 142 
HIS ND1 HD1  sing N N 143 
HIS CD2 NE2  sing Y N 144 
HIS CD2 HD2  sing N N 145 
HIS CE1 NE2  sing Y N 146 
HIS CE1 HE1  sing N N 147 
HIS NE2 HE2  sing N N 148 
HIS OXT HXT  sing N N 149 
HOH O   H1   sing N N 150 
HOH O   H2   sing N N 151 
ILE N   CA   sing N N 152 
ILE N   H    sing N N 153 
ILE N   H2   sing N N 154 
ILE CA  C    sing N N 155 
ILE CA  CB   sing N N 156 
ILE CA  HA   sing N N 157 
ILE C   O    doub N N 158 
ILE C   OXT  sing N N 159 
ILE CB  CG1  sing N N 160 
ILE CB  CG2  sing N N 161 
ILE CB  HB   sing N N 162 
ILE CG1 CD1  sing N N 163 
ILE CG1 HG12 sing N N 164 
ILE CG1 HG13 sing N N 165 
ILE CG2 HG21 sing N N 166 
ILE CG2 HG22 sing N N 167 
ILE CG2 HG23 sing N N 168 
ILE CD1 HD11 sing N N 169 
ILE CD1 HD12 sing N N 170 
ILE CD1 HD13 sing N N 171 
ILE OXT HXT  sing N N 172 
LEU N   CA   sing N N 173 
LEU N   H    sing N N 174 
LEU N   H2   sing N N 175 
LEU CA  C    sing N N 176 
LEU CA  CB   sing N N 177 
LEU CA  HA   sing N N 178 
LEU C   O    doub N N 179 
LEU C   OXT  sing N N 180 
LEU CB  CG   sing N N 181 
LEU CB  HB2  sing N N 182 
LEU CB  HB3  sing N N 183 
LEU CG  CD1  sing N N 184 
LEU CG  CD2  sing N N 185 
LEU CG  HG   sing N N 186 
LEU CD1 HD11 sing N N 187 
LEU CD1 HD12 sing N N 188 
LEU CD1 HD13 sing N N 189 
LEU CD2 HD21 sing N N 190 
LEU CD2 HD22 sing N N 191 
LEU CD2 HD23 sing N N 192 
LEU OXT HXT  sing N N 193 
LYS N   CA   sing N N 194 
LYS N   H    sing N N 195 
LYS N   H2   sing N N 196 
LYS CA  C    sing N N 197 
LYS CA  CB   sing N N 198 
LYS CA  HA   sing N N 199 
LYS C   O    doub N N 200 
LYS C   OXT  sing N N 201 
LYS CB  CG   sing N N 202 
LYS CB  HB2  sing N N 203 
LYS CB  HB3  sing N N 204 
LYS CG  CD   sing N N 205 
LYS CG  HG2  sing N N 206 
LYS CG  HG3  sing N N 207 
LYS CD  CE   sing N N 208 
LYS CD  HD2  sing N N 209 
LYS CD  HD3  sing N N 210 
LYS CE  NZ   sing N N 211 
LYS CE  HE2  sing N N 212 
LYS CE  HE3  sing N N 213 
LYS NZ  HZ1  sing N N 214 
LYS NZ  HZ2  sing N N 215 
LYS NZ  HZ3  sing N N 216 
LYS OXT HXT  sing N N 217 
MET N   CA   sing N N 218 
MET N   H    sing N N 219 
MET N   H2   sing N N 220 
MET CA  C    sing N N 221 
MET CA  CB   sing N N 222 
MET CA  HA   sing N N 223 
MET C   O    doub N N 224 
MET C   OXT  sing N N 225 
MET CB  CG   sing N N 226 
MET CB  HB2  sing N N 227 
MET CB  HB3  sing N N 228 
MET CG  SD   sing N N 229 
MET CG  HG2  sing N N 230 
MET CG  HG3  sing N N 231 
MET SD  CE   sing N N 232 
MET CE  HE1  sing N N 233 
MET CE  HE2  sing N N 234 
MET CE  HE3  sing N N 235 
MET OXT HXT  sing N N 236 
PHE N   CA   sing N N 237 
PHE N   H    sing N N 238 
PHE N   H2   sing N N 239 
PHE CA  C    sing N N 240 
PHE CA  CB   sing N N 241 
PHE CA  HA   sing N N 242 
PHE C   O    doub N N 243 
PHE C   OXT  sing N N 244 
PHE CB  CG   sing N N 245 
PHE CB  HB2  sing N N 246 
PHE CB  HB3  sing N N 247 
PHE CG  CD1  doub Y N 248 
PHE CG  CD2  sing Y N 249 
PHE CD1 CE1  sing Y N 250 
PHE CD1 HD1  sing N N 251 
PHE CD2 CE2  doub Y N 252 
PHE CD2 HD2  sing N N 253 
PHE CE1 CZ   doub Y N 254 
PHE CE1 HE1  sing N N 255 
PHE CE2 CZ   sing Y N 256 
PHE CE2 HE2  sing N N 257 
PHE CZ  HZ   sing N N 258 
PHE OXT HXT  sing N N 259 
PRO N   CA   sing N N 260 
PRO N   CD   sing N N 261 
PRO N   H    sing N N 262 
PRO CA  C    sing N N 263 
PRO CA  CB   sing N N 264 
PRO CA  HA   sing N N 265 
PRO C   O    doub N N 266 
PRO C   OXT  sing N N 267 
PRO CB  CG   sing N N 268 
PRO CB  HB2  sing N N 269 
PRO CB  HB3  sing N N 270 
PRO CG  CD   sing N N 271 
PRO CG  HG2  sing N N 272 
PRO CG  HG3  sing N N 273 
PRO CD  HD2  sing N N 274 
PRO CD  HD3  sing N N 275 
PRO OXT HXT  sing N N 276 
SER N   CA   sing N N 277 
SER N   H    sing N N 278 
SER N   H2   sing N N 279 
SER CA  C    sing N N 280 
SER CA  CB   sing N N 281 
SER CA  HA   sing N N 282 
SER C   O    doub N N 283 
SER C   OXT  sing N N 284 
SER CB  OG   sing N N 285 
SER CB  HB2  sing N N 286 
SER CB  HB3  sing N N 287 
SER OG  HG   sing N N 288 
SER OXT HXT  sing N N 289 
THR N   CA   sing N N 290 
THR N   H    sing N N 291 
THR N   H2   sing N N 292 
THR CA  C    sing N N 293 
THR CA  CB   sing N N 294 
THR CA  HA   sing N N 295 
THR C   O    doub N N 296 
THR C   OXT  sing N N 297 
THR CB  OG1  sing N N 298 
THR CB  CG2  sing N N 299 
THR CB  HB   sing N N 300 
THR OG1 HG1  sing N N 301 
THR CG2 HG21 sing N N 302 
THR CG2 HG22 sing N N 303 
THR CG2 HG23 sing N N 304 
THR OXT HXT  sing N N 305 
TRP N   CA   sing N N 306 
TRP N   H    sing N N 307 
TRP N   H2   sing N N 308 
TRP CA  C    sing N N 309 
TRP CA  CB   sing N N 310 
TRP CA  HA   sing N N 311 
TRP C   O    doub N N 312 
TRP C   OXT  sing N N 313 
TRP CB  CG   sing N N 314 
TRP CB  HB2  sing N N 315 
TRP CB  HB3  sing N N 316 
TRP CG  CD1  doub Y N 317 
TRP CG  CD2  sing Y N 318 
TRP CD1 NE1  sing Y N 319 
TRP CD1 HD1  sing N N 320 
TRP CD2 CE2  doub Y N 321 
TRP CD2 CE3  sing Y N 322 
TRP NE1 CE2  sing Y N 323 
TRP NE1 HE1  sing N N 324 
TRP CE2 CZ2  sing Y N 325 
TRP CE3 CZ3  doub Y N 326 
TRP CE3 HE3  sing N N 327 
TRP CZ2 CH2  doub Y N 328 
TRP CZ2 HZ2  sing N N 329 
TRP CZ3 CH2  sing Y N 330 
TRP CZ3 HZ3  sing N N 331 
TRP CH2 HH2  sing N N 332 
TRP OXT HXT  sing N N 333 
TYR N   CA   sing N N 334 
TYR N   H    sing N N 335 
TYR N   H2   sing N N 336 
TYR CA  C    sing N N 337 
TYR CA  CB   sing N N 338 
TYR CA  HA   sing N N 339 
TYR C   O    doub N N 340 
TYR C   OXT  sing N N 341 
TYR CB  CG   sing N N 342 
TYR CB  HB2  sing N N 343 
TYR CB  HB3  sing N N 344 
TYR CG  CD1  doub Y N 345 
TYR CG  CD2  sing Y N 346 
TYR CD1 CE1  sing Y N 347 
TYR CD1 HD1  sing N N 348 
TYR CD2 CE2  doub Y N 349 
TYR CD2 HD2  sing N N 350 
TYR CE1 CZ   doub Y N 351 
TYR CE1 HE1  sing N N 352 
TYR CE2 CZ   sing Y N 353 
TYR CE2 HE2  sing N N 354 
TYR CZ  OH   sing N N 355 
TYR OH  HH   sing N N 356 
TYR OXT HXT  sing N N 357 
VAL N   CA   sing N N 358 
VAL N   H    sing N N 359 
VAL N   H2   sing N N 360 
VAL CA  C    sing N N 361 
VAL CA  CB   sing N N 362 
VAL CA  HA   sing N N 363 
VAL C   O    doub N N 364 
VAL C   OXT  sing N N 365 
VAL CB  CG1  sing N N 366 
VAL CB  CG2  sing N N 367 
VAL CB  HB   sing N N 368 
VAL CG1 HG11 sing N N 369 
VAL CG1 HG12 sing N N 370 
VAL CG1 HG13 sing N N 371 
VAL CG2 HG21 sing N N 372 
VAL CG2 HG22 sing N N 373 
VAL CG2 HG23 sing N N 374 
VAL OXT HXT  sing N N 375 
# 
_pdbx_audit_support.funding_organization   'H2020 Marie Curie Actions of the European Commission' 
_pdbx_audit_support.country                France 
_pdbx_audit_support.grant_number           765581 
_pdbx_audit_support.ordinal                1 
# 
_pdbx_initial_refinement_model.id               1 
_pdbx_initial_refinement_model.entity_id_list   ? 
_pdbx_initial_refinement_model.type             'experimental model' 
_pdbx_initial_refinement_model.source_name      PDB 
_pdbx_initial_refinement_model.accession_code   6TIG 
_pdbx_initial_refinement_model.details          ? 
# 
loop_
_pdbx_reflns_twin.domain_id 
_pdbx_reflns_twin.crystal_id 
_pdbx_reflns_twin.diffrn_id 
_pdbx_reflns_twin.fraction 
_pdbx_reflns_twin.operator 
_pdbx_reflns_twin.type 
_pdbx_reflns_twin.mean_F_square_over_mean_F2 
_pdbx_reflns_twin.mean_I2_over_mean_I_square 
1 1 1 0.754 'H,  K,  L'  ? ? ? 
2 1 1 0.246 '-K, -H, -L' ? ? ? 
# 
_atom_sites.entry_id                    7BFY 
_atom_sites.Cartn_transf_matrix[1][1]   ? 
_atom_sites.Cartn_transf_matrix[1][2]   ? 
_atom_sites.Cartn_transf_matrix[1][3]   ? 
_atom_sites.Cartn_transf_matrix[2][1]   ? 
_atom_sites.Cartn_transf_matrix[2][2]   ? 
_atom_sites.Cartn_transf_matrix[2][3]   ? 
_atom_sites.Cartn_transf_matrix[3][1]   ? 
_atom_sites.Cartn_transf_matrix[3][2]   ? 
_atom_sites.Cartn_transf_matrix[3][3]   ? 
_atom_sites.Cartn_transf_vector[1]      ? 
_atom_sites.Cartn_transf_vector[2]      ? 
_atom_sites.Cartn_transf_vector[3]      ? 
_atom_sites.fract_transf_matrix[1][1]   -0.00421044 
_atom_sites.fract_transf_matrix[1][2]   -0.00951278 
_atom_sites.fract_transf_matrix[1][3]   -0.02476566 
_atom_sites.fract_transf_matrix[2][1]   -0.00862615 
_atom_sites.fract_transf_matrix[2][2]   0.01643783 
_atom_sites.fract_transf_matrix[2][3]   -0.01941531 
_atom_sites.fract_transf_matrix[3][1]   0.01000248 
_atom_sites.fract_transf_matrix[3][2]   0.00222915 
_atom_sites.fract_transf_matrix[3][3]   -0.00255678 
_atom_sites.fract_transf_vector[1]      0.383898 
_atom_sites.fract_transf_vector[2]      0.058697 
_atom_sites.fract_transf_vector[3]      0.251411 
_atom_sites.solution_primary            ? 
_atom_sites.solution_secondary          ? 
_atom_sites.solution_hydrogens          ? 
_atom_sites.special_details             ? 
# 
loop_
_atom_type.symbol 
C 
N 
O 
S 
# 
loop_
_atom_site.group_PDB 
_atom_site.id 
_atom_site.type_symbol 
_atom_site.label_atom_id 
_atom_site.label_alt_id 
_atom_site.label_comp_id 
_atom_site.label_asym_id 
_atom_site.label_entity_id 
_atom_site.label_seq_id 
_atom_site.pdbx_PDB_ins_code 
_atom_site.Cartn_x 
_atom_site.Cartn_y 
_atom_site.Cartn_z 
_atom_site.occupancy 
_atom_site.B_iso_or_equiv 
_atom_site.pdbx_formal_charge 
_atom_site.auth_seq_id 
_atom_site.auth_comp_id 
_atom_site.auth_asym_id 
_atom_site.auth_atom_id 
_atom_site.pdbx_PDB_model_num 
ATOM   1    N N   . MET A 1 1   ? 20.902  -0.233  -9.721  1.00 28.28 ? 1   MET A N   1 
ATOM   2    C CA  . MET A 1 1   ? 19.603  -0.649  -10.343 1.00 27.10 ? 1   MET A CA  1 
ATOM   3    C C   . MET A 1 1   ? 18.522  0.354   -9.944  1.00 27.49 ? 1   MET A C   1 
ATOM   4    O O   . MET A 1 1   ? 18.192  0.479   -8.760  1.00 27.76 ? 1   MET A O   1 
ATOM   5    C CB  . MET A 1 1   ? 19.207  -2.056  -9.883  1.00 27.80 ? 1   MET A CB  1 
ATOM   6    C CG  . MET A 1 1   ? 17.784  -2.445  -10.219 1.00 28.39 ? 1   MET A CG  1 
ATOM   7    S SD  . MET A 1 1   ? 17.437  -2.407  -12.000 1.00 25.92 ? 1   MET A SD  1 
ATOM   8    C CE  . MET A 1 1   ? 18.611  -3.629  -12.582 1.00 30.56 ? 1   MET A CE  1 
ATOM   9    N N   . PRO A 1 2   ? 17.937  1.113   -10.901 1.00 25.02 ? 2   PRO A N   1 
ATOM   10   C CA  . PRO A 1 2   ? 16.916  2.093   -10.560 1.00 21.56 ? 2   PRO A CA  1 
ATOM   11   C C   . PRO A 1 2   ? 15.507  1.525   -10.346 1.00 17.84 ? 2   PRO A C   1 
ATOM   12   O O   . PRO A 1 2   ? 14.662  2.297   -10.091 1.00 19.19 ? 2   PRO A O   1 
ATOM   13   C CB  . PRO A 1 2   ? 16.951  3.013   -11.787 1.00 22.89 ? 2   PRO A CB  1 
ATOM   14   C CG  . PRO A 1 2   ? 17.187  2.055   -12.897 1.00 24.19 ? 2   PRO A CG  1 
ATOM   15   C CD  . PRO A 1 2   ? 18.275  1.155   -12.336 1.00 24.07 ? 2   PRO A CD  1 
ATOM   16   N N   . LEU A 1 3   ? 15.292  0.208   -10.513 1.00 15.17 ? 3   LEU A N   1 
ATOM   17   C CA  . LEU A 1 3   ? 13.978  -0.437  -10.297 1.00 16.58 ? 3   LEU A CA  1 
ATOM   18   C C   . LEU A 1 3   ? 14.050  -1.244  -9.008  1.00 15.80 ? 3   LEU A C   1 
ATOM   19   O O   . LEU A 1 3   ? 14.854  -2.217  -8.908  1.00 17.63 ? 3   LEU A O   1 
ATOM   20   C CB  . LEU A 1 3   ? 13.578  -1.362  -11.461 1.00 17.51 ? 3   LEU A CB  1 
ATOM   21   C CG  . LEU A 1 3   ? 13.529  -0.729  -12.858 1.00 21.68 ? 3   LEU A CG  1 
ATOM   22   C CD1 . LEU A 1 3   ? 12.868  -1.631  -13.901 1.00 22.40 ? 3   LEU A CD1 1 
ATOM   23   C CD2 . LEU A 1 3   ? 12.849  0.623   -12.824 1.00 25.92 ? 3   LEU A CD2 1 
ATOM   24   N N   . LEU A 1 4   ? 13.119  -0.961  -8.101  1.00 15.29 ? 4   LEU A N   1 
ATOM   25   C CA  . LEU A 1 4   ? 12.965  -1.688  -6.819  1.00 15.74 ? 4   LEU A CA  1 
ATOM   26   C C   . LEU A 1 4   ? 11.600  -2.363  -6.791  1.00 13.72 ? 4   LEU A C   1 
ATOM   27   O O   . LEU A 1 4   ? 10.660  -1.777  -7.322  1.00 14.48 ? 4   LEU A O   1 
ATOM   28   C CB  . LEU A 1 4   ? 13.037  -0.696  -5.670  1.00 17.78 ? 4   LEU A CB  1 
ATOM   29   C CG  . LEU A 1 4   ? 14.229  0.261   -5.681  1.00 21.26 ? 4   LEU A CG  1 
ATOM   30   C CD1 . LEU A 1 4   ? 14.147  1.157   -4.453  1.00 22.35 ? 4   LEU A CD1 1 
ATOM   31   C CD2 . LEU A 1 4   ? 15.532  -0.501  -5.751  1.00 24.22 ? 4   LEU A CD2 1 
ATOM   32   N N   . SER A 1 5   ? 11.482  -3.536  -6.219  1.00 13.65 ? 5   SER A N   1 
ATOM   33   C CA  A SER A 1 5   ? 10.147  -4.170  -6.121  0.50 13.81 ? 5   SER A CA  1 
ATOM   34   C CA  B SER A 1 5   ? 10.166  -4.234  -6.174  0.50 13.97 ? 5   SER A CA  1 
ATOM   35   C C   . SER A 1 5   ? 10.103  -5.140  -4.961  1.00 14.12 ? 5   SER A C   1 
ATOM   36   O O   . SER A 1 5   ? 11.116  -5.741  -4.622  1.00 14.67 ? 5   SER A O   1 
ATOM   37   C CB  A SER A 1 5   ? 9.781   -4.861  -7.397  0.50 15.59 ? 5   SER A CB  1 
ATOM   38   C CB  B SER A 1 5   ? 9.905   -5.058  -7.421  0.50 15.51 ? 5   SER A CB  1 
ATOM   39   O OG  A SER A 1 5   ? 10.882  -5.585  -7.908  0.50 17.15 ? 5   SER A OG  1 
ATOM   40   O OG  B SER A 1 5   ? 8.543   -5.496  -7.481  0.50 17.82 ? 5   SER A OG  1 
ATOM   41   N N   . ALA A 1 6   ? 8.911   -5.254  -4.401  1.00 12.91 ? 6   ALA A N   1 
ATOM   42   C CA  . ALA A 1 6   ? 8.560   -6.255  -3.390  1.00 13.21 ? 6   ALA A CA  1 
ATOM   43   C C   . ALA A 1 6   ? 7.160   -6.747  -3.751  1.00 13.04 ? 6   ALA A C   1 
ATOM   44   O O   . ALA A 1 6   ? 6.305   -5.992  -4.249  1.00 12.91 ? 6   ALA A O   1 
ATOM   45   C CB  . ALA A 1 6   ? 8.641   -5.632  -2.017  1.00 13.54 ? 6   ALA A CB  1 
ATOM   46   N N   . SER A 1 7   ? 6.895   -8.016  -3.551  1.00 11.19 ? 7   SER A N   1 
ATOM   47   C CA  . SER A 1 7   ? 5.561   -8.565  -3.860  1.00 11.87 ? 7   SER A CA  1 
ATOM   48   C C   . SER A 1 7   ? 5.240   -9.635  -2.826  1.00 11.61 ? 7   SER A C   1 
ATOM   49   O O   . SER A 1 7   ? 6.154   -10.195 -2.191  1.00 12.44 ? 7   SER A O   1 
ATOM   50   C CB  . SER A 1 7   ? 5.428   -9.106  -5.280  1.00 11.85 ? 7   SER A CB  1 
ATOM   51   O OG  . SER A 1 7   ? 6.346   -10.161 -5.506  1.00 15.49 ? 7   SER A OG  1 
ATOM   52   N N   . ILE A 1 8   ? 3.948   -9.860  -2.646  1.00 10.57 ? 8   ILE A N   1 
ATOM   53   C CA  . ILE A 1 8   ? 3.362   -10.834 -1.701  1.00 10.87 ? 8   ILE A CA  1 
ATOM   54   C C   . ILE A 1 8   ? 2.219   -11.531 -2.415  1.00 11.29 ? 8   ILE A C   1 
ATOM   55   O O   . ILE A 1 8   ? 1.845   -11.101 -3.468  1.00 11.63 ? 8   ILE A O   1 
ATOM   56   C CB  . ILE A 1 8   ? 2.885   -10.126 -0.412  1.00 10.66 ? 8   ILE A CB  1 
ATOM   57   C CG1 . ILE A 1 8   ? 1.759   -9.128  -0.702  1.00 11.00 ? 8   ILE A CG1 1 
ATOM   58   C CG2 . ILE A 1 8   ? 4.032   -9.441  0.337   1.00 11.43 ? 8   ILE A CG2 1 
ATOM   59   C CD1 . ILE A 1 8   ? 0.988   -8.734  0.568   1.00 12.40 ? 8   ILE A CD1 1 
ATOM   60   N N   . VAL A 1 9   ? 1.709   -12.616 -1.839  1.00 10.63 ? 9   VAL A N   1 
ATOM   61   C CA  . VAL A 1 9   ? 0.534   -13.341 -2.352  1.00 10.50 ? 9   VAL A CA  1 
ATOM   62   C C   . VAL A 1 9   ? -0.508  -13.475 -1.258  1.00 11.17 ? 9   VAL A C   1 
ATOM   63   O O   . VAL A 1 9   ? -1.559  -14.060 -1.558  1.00 11.35 ? 9   VAL A O   1 
ATOM   64   C CB  . VAL A 1 9   ? 0.910   -14.722 -2.914  1.00 11.96 ? 9   VAL A CB  1 
ATOM   65   C CG1 . VAL A 1 9   ? 1.808   -14.586 -4.129  1.00 10.82 ? 9   VAL A CG1 1 
ATOM   66   C CG2 . VAL A 1 9   ? 1.533   -15.601 -1.895  1.00 11.79 ? 9   VAL A CG2 1 
ATOM   67   N N   . SER A 1 10  ? -0.213  -13.048 -0.039  1.00 10.90 ? 10  SER A N   1 
ATOM   68   C CA  . SER A 1 10  ? -1.232  -13.089 1.037   1.00 10.50 ? 10  SER A CA  1 
ATOM   69   C C   . SER A 1 10  ? -0.789  -12.190 2.179   1.00 10.96 ? 10  SER A C   1 
ATOM   70   O O   . SER A 1 10  ? 0.365   -11.808 2.214   1.00 10.66 ? 10  SER A O   1 
ATOM   71   C CB  . SER A 1 10  ? -1.476  -14.546 1.441   1.00 11.50 ? 10  SER A CB  1 
ATOM   72   O OG  . SER A 1 10  ? -0.331  -15.134 2.069   1.00 12.89 ? 10  SER A OG  1 
ATOM   73   N N   . ALA A 1 11  ? -1.692  -11.922 3.106   1.00 11.65 ? 11  ALA A N   1 
ATOM   74   C CA  . ALA A 1 11  ? -1.319  -11.384 4.431   1.00 11.46 ? 11  ALA A CA  1 
ATOM   75   C C   . ALA A 1 11  ? -2.329  -11.878 5.454   1.00 11.73 ? 11  ALA A C   1 
ATOM   76   O O   . ALA A 1 11  ? -3.514  -12.115 5.097   1.00 12.04 ? 11  ALA A O   1 
ATOM   77   C CB  . ALA A 1 11  ? -1.287  -9.865  4.428   1.00 12.99 ? 11  ALA A CB  1 
ATOM   78   N N   . PRO A 1 12  ? -1.931  -11.994 6.752   1.00 11.86 ? 12  PRO A N   1 
ATOM   79   C CA  . PRO A 1 12  ? -2.900  -12.324 7.800   1.00 11.47 ? 12  PRO A CA  1 
ATOM   80   C C   . PRO A 1 12  ? -4.045  -11.288 7.705   1.00 12.29 ? 12  PRO A C   1 
ATOM   81   O O   . PRO A 1 12  ? -3.796  -10.065 7.583   1.00 12.74 ? 12  PRO A O   1 
ATOM   82   C CB  . PRO A 1 12  ? -2.048  -12.243 9.087   1.00 11.89 ? 12  PRO A CB  1 
ATOM   83   C CG  . PRO A 1 12  ? -0.677  -12.593 8.665   1.00 12.45 ? 12  PRO A CG  1 
ATOM   84   C CD  . PRO A 1 12  ? -0.576  -11.865 7.335   1.00 12.32 ? 12  PRO A CD  1 
ATOM   85   N N   . VAL A 1 13  ? -5.277  -11.777 7.812   1.00 12.26 ? 13  VAL A N   1 
ATOM   86   C CA  . VAL A 1 13  ? -6.496  -10.914 7.852   1.00 13.08 ? 13  VAL A CA  1 
ATOM   87   C C   . VAL A 1 13  ? -6.490  -10.148 9.158   1.00 14.69 ? 13  VAL A C   1 
ATOM   88   O O   . VAL A 1 13  ? -6.337  -10.778 10.237  1.00 14.53 ? 13  VAL A O   1 
ATOM   89   C CB  . VAL A 1 13  ? -7.780  -11.738 7.699   1.00 14.08 ? 13  VAL A CB  1 
ATOM   90   C CG1 . VAL A 1 13  ? -9.035  -10.902 7.800   1.00 15.27 ? 13  VAL A CG1 1 
ATOM   91   C CG2 . VAL A 1 13  ? -7.734  -12.476 6.388   1.00 15.55 ? 13  VAL A CG2 1 
ATOM   92   N N   . VAL A 1 14  ? -6.669  -8.832  9.077   1.00 14.26 ? 14  VAL A N   1 
ATOM   93   C CA  . VAL A 1 14  ? -6.686  -7.995  10.305  1.00 13.50 ? 14  VAL A CA  1 
ATOM   94   C C   . VAL A 1 14  ? -7.669  -6.843  10.095  1.00 14.77 ? 14  VAL A C   1 
ATOM   95   O O   . VAL A 1 14  ? -8.052  -6.553  8.993   1.00 13.77 ? 14  VAL A O   1 
ATOM   96   C CB  . VAL A 1 14  ? -5.287  -7.461  10.674  1.00 13.11 ? 14  VAL A CB  1 
ATOM   97   C CG1 . VAL A 1 14  ? -4.303  -8.556  11.012  1.00 14.08 ? 14  VAL A CG1 1 
ATOM   98   C CG2 . VAL A 1 14  ? -4.763  -6.571  9.553   1.00 13.40 ? 14  VAL A CG2 1 
ATOM   99   N N   . THR A 1 15  ? -8.087  -6.244  11.185  1.00 13.18 ? 15  THR A N   1 
ATOM   100  C CA  . THR A 1 15  ? -8.794  -4.939  11.216  1.00 15.48 ? 15  THR A CA  1 
ATOM   101  C C   . THR A 1 15  ? -7.854  -3.922  11.821  1.00 15.93 ? 15  THR A C   1 
ATOM   102  O O   . THR A 1 15  ? -6.897  -4.301  12.568  1.00 17.97 ? 15  THR A O   1 
ATOM   103  C CB  . THR A 1 15  ? -10.084 -5.041  12.010  1.00 16.98 ? 15  THR A CB  1 
ATOM   104  O OG1 . THR A 1 15  ? -9.731  -5.258  13.386  1.00 19.65 ? 15  THR A OG1 1 
ATOM   105  C CG2 . THR A 1 15  ? -10.996 -6.119  11.490  1.00 17.44 ? 15  THR A CG2 1 
ATOM   106  N N   . SER A 1 16  ? -8.030  -2.660  11.518  1.00 16.11 ? 16  SER A N   1 
ATOM   107  C CA  . SER A 1 16  ? -7.125  -1.625  12.078  1.00 15.54 ? 16  SER A CA  1 
ATOM   108  C C   . SER A 1 16  ? -7.803  -0.270  12.001  1.00 16.43 ? 16  SER A C   1 
ATOM   109  O O   . SER A 1 16  ? -8.236  0.083   10.875  1.00 14.12 ? 16  SER A O   1 
ATOM   110  C CB  . SER A 1 16  ? -5.825  -1.566  11.363  1.00 15.26 ? 16  SER A CB  1 
ATOM   111  O OG  . SER A 1 16  ? -4.900  -0.800  12.101  1.00 16.01 ? 16  SER A OG  1 
ATOM   112  N N   . GLU A 1 17  ? -7.830  0.497   13.089  1.00 17.99 ? 17  GLU A N   1 
ATOM   113  C CA  . GLU A 1 17  ? -8.375  1.868   12.977  1.00 17.49 ? 17  GLU A CA  1 
ATOM   114  C C   . GLU A 1 17  ? -7.269  2.805   12.517  1.00 18.28 ? 17  GLU A C   1 
ATOM   115  O O   . GLU A 1 17  ? -7.594  3.979   12.206  1.00 20.15 ? 17  GLU A O   1 
ATOM   116  C CB  . GLU A 1 17  ? -8.979  2.387   14.288  1.00 18.26 ? 17  GLU A CB  1 
ATOM   117  C CG  . GLU A 1 17  ? -10.327 1.770   14.652  1.00 22.03 ? 17  GLU A CG  1 
ATOM   118  N N   . THR A 1 18  ? -6.020  2.341   12.515  1.00 15.13 ? 18  THR A N   1 
ATOM   119  C CA  . THR A 1 18  ? -4.877  3.138   12.057  1.00 16.08 ? 18  THR A CA  1 
ATOM   120  C C   . THR A 1 18  ? -4.183  2.453   10.875  1.00 14.10 ? 18  THR A C   1 
ATOM   121  O O   . THR A 1 18  ? -4.392  1.273   10.626  1.00 15.64 ? 18  THR A O   1 
ATOM   122  C CB  . THR A 1 18  ? -3.894  3.369   13.207  1.00 17.00 ? 18  THR A CB  1 
ATOM   123  O OG1 . THR A 1 18  ? -3.524  2.095   13.747  1.00 21.82 ? 18  THR A OG1 1 
ATOM   124  C CG2 . THR A 1 18  ? -4.527  4.219   14.297  1.00 19.28 ? 18  THR A CG2 1 
ATOM   125  N N   . TYR A 1 19  ? -3.402  3.196   10.131  1.00 13.36 ? 19  TYR A N   1 
ATOM   126  C CA  . TYR A 1 19  ? -2.518  2.630   9.098   1.00 12.72 ? 19  TYR A CA  1 
ATOM   127  C C   . TYR A 1 19  ? -1.554  1.653   9.770   1.00 12.22 ? 19  TYR A C   1 
ATOM   128  O O   . TYR A 1 19  ? -0.747  2.040   10.681  1.00 13.79 ? 19  TYR A O   1 
ATOM   129  C CB  . TYR A 1 19  ? -1.812  3.680   8.259   1.00 10.98 ? 19  TYR A CB  1 
ATOM   130  C CG  . TYR A 1 19  ? -2.709  4.297   7.217   1.00 12.90 ? 19  TYR A CG  1 
ATOM   131  C CD1 . TYR A 1 19  ? -3.195  3.549   6.176   1.00 11.75 ? 19  TYR A CD1 1 
ATOM   132  C CD2 . TYR A 1 19  ? -3.043  5.628   7.244   1.00 13.80 ? 19  TYR A CD2 1 
ATOM   133  C CE1 . TYR A 1 19  ? -4.047  4.067   5.215   1.00 12.79 ? 19  TYR A CE1 1 
ATOM   134  C CE2 . TYR A 1 19  ? -3.892  6.172   6.284   1.00 13.30 ? 19  TYR A CE2 1 
ATOM   135  C CZ  . TYR A 1 19  ? -4.401  5.390   5.265   1.00 13.51 ? 19  TYR A CZ  1 
ATOM   136  O OH  . TYR A 1 19  ? -5.296  5.942   4.374   1.00 13.61 ? 19  TYR A OH  1 
ATOM   137  N N   . VAL A 1 20  ? -1.508  0.441   9.227   1.00 11.51 ? 20  VAL A N   1 
ATOM   138  C CA  . VAL A 1 20  ? -0.577  -0.610  9.701   1.00 12.42 ? 20  VAL A CA  1 
ATOM   139  C C   . VAL A 1 20  ? 0.092   -1.208  8.484   1.00 11.37 ? 20  VAL A C   1 
ATOM   140  O O   . VAL A 1 20  ? -0.563  -1.296  7.444   1.00 11.20 ? 20  VAL A O   1 
ATOM   141  C CB  . VAL A 1 20  ? -1.268  -1.695  10.537  1.00 12.85 ? 20  VAL A CB  1 
ATOM   142  C CG1 . VAL A 1 20  ? -2.375  -2.483  9.820   1.00 12.55 ? 20  VAL A CG1 1 
ATOM   143  C CG2 . VAL A 1 20  ? -0.254  -2.623  11.164  1.00 14.24 ? 20  VAL A CG2 1 
ATOM   144  N N   . ASP A 1 21  ? 1.366   -1.582  8.622   1.00 12.89 ? 21  ASP A N   1 
ATOM   145  C CA  . ASP A 1 21  ? 2.152   -2.103  7.491   1.00 12.34 ? 21  ASP A CA  1 
ATOM   146  C C   . ASP A 1 21  ? 1.465   -3.323  6.893   1.00 10.81 ? 21  ASP A C   1 
ATOM   147  O O   . ASP A 1 21  ? 0.857   -4.100  7.613   1.00 11.43 ? 21  ASP A O   1 
ATOM   148  C CB  . ASP A 1 21  ? 3.540   -2.543  7.935   1.00 12.87 ? 21  ASP A CB  1 
ATOM   149  C CG  . ASP A 1 21  ? 4.370   -1.479  8.641   1.00 16.91 ? 21  ASP A CG  1 
ATOM   150  O OD1 . ASP A 1 21  ? 4.089   -0.296  8.465   1.00 18.92 ? 21  ASP A OD1 1 
ATOM   151  O OD2 . ASP A 1 21  ? 5.330   -1.857  9.278   1.00 20.38 ? 21  ASP A OD2 1 
ATOM   152  N N   . ILE A 1 22  ? 1.501   -3.449  5.560   1.00 10.37 ? 22  ILE A N   1 
ATOM   153  C CA  . ILE A 1 22  ? 1.111   -4.695  4.876   1.00 12.51 ? 22  ILE A CA  1 
ATOM   154  C C   . ILE A 1 22  ? 2.401   -5.495  4.832   1.00 11.67 ? 22  ILE A C   1 
ATOM   155  O O   . ILE A 1 22  ? 3.390   -5.094  4.225   1.00 12.58 ? 22  ILE A O   1 
ATOM   156  C CB  . ILE A 1 22  ? 0.561   -4.410  3.486   1.00 12.21 ? 22  ILE A CB  1 
ATOM   157  C CG1 . ILE A 1 22  ? -0.648  -3.474  3.546   1.00 13.08 ? 22  ILE A CG1 1 
ATOM   158  C CG2 . ILE A 1 22  ? 0.239   -5.731  2.768   1.00 13.05 ? 22  ILE A CG2 1 
ATOM   159  C CD1 . ILE A 1 22  ? -1.039  -2.941  2.202   1.00 13.53 ? 22  ILE A CD1 1 
ATOM   160  N N   . PRO A 1 23  ? 2.447   -6.628  5.538   1.00 12.66 ? 23  PRO A N   1 
ATOM   161  C CA  . PRO A 1 23  ? 3.697   -7.344  5.659   1.00 12.86 ? 23  PRO A CA  1 
ATOM   162  C C   . PRO A 1 23  ? 4.207   -7.722  4.264   1.00 10.56 ? 23  PRO A C   1 
ATOM   163  O O   . PRO A 1 23  ? 3.477   -8.220  3.458   1.00 12.90 ? 23  PRO A O   1 
ATOM   164  C CB  . PRO A 1 23  ? 3.407   -8.558  6.473   1.00 12.34 ? 23  PRO A CB  1 
ATOM   165  C CG  . PRO A 1 23  ? 1.931   -8.522  6.774   1.00 14.46 ? 23  PRO A CG  1 
ATOM   166  C CD  . PRO A 1 23  ? 1.302   -7.302  6.148   1.00 12.50 ? 23  PRO A CD  1 
ATOM   167  N N   . GLY A 1 24  ? 5.495   -7.489  4.020   1.00 11.99 ? 24  GLY A N   1 
ATOM   168  C CA  . GLY A 1 24  ? 6.197   -7.856  2.781   1.00 12.75 ? 24  GLY A CA  1 
ATOM   169  C C   . GLY A 1 24  ? 6.253   -6.708  1.819   1.00 13.07 ? 24  GLY A C   1 
ATOM   170  O O   . GLY A 1 24  ? 7.113   -6.741  0.927   1.00 13.69 ? 24  GLY A O   1 
ATOM   171  N N   . LEU A 1 25  ? 5.382   -5.712  1.956   1.00 11.39 ? 25  LEU A N   1 
ATOM   172  C CA  . LEU A 1 25  ? 5.405   -4.610  0.982   1.00 11.19 ? 25  LEU A CA  1 
ATOM   173  C C   . LEU A 1 25  ? 6.302   -3.519  1.537   1.00 10.57 ? 25  LEU A C   1 
ATOM   174  O O   . LEU A 1 25  ? 5.823   -2.564  2.171   1.00 13.59 ? 25  LEU A O   1 
ATOM   175  C CB  . LEU A 1 25  ? 3.977   -4.153  0.700   1.00 10.86 ? 25  LEU A CB  1 
ATOM   176  C CG  . LEU A 1 25  ? 3.128   -5.217  -0.014  1.00 12.31 ? 25  LEU A CG  1 
ATOM   177  C CD1 . LEU A 1 25  ? 1.781   -4.595  -0.310  1.00 13.43 ? 25  LEU A CD1 1 
ATOM   178  C CD2 . LEU A 1 25  ? 3.786   -5.746  -1.283  1.00 12.50 ? 25  LEU A CD2 1 
ATOM   179  N N   . TYR A 1 26  ? 7.587   -3.706  1.325   1.00 11.09 ? 26  TYR A N   1 
ATOM   180  C CA  . TYR A 1 26  ? 8.656   -2.892  1.935   1.00 12.42 ? 26  TYR A CA  1 
ATOM   181  C C   . TYR A 1 26  ? 9.827   -2.852  0.983   1.00 13.48 ? 26  TYR A C   1 
ATOM   182  O O   . TYR A 1 26  ? 10.282  -3.934  0.516   1.00 14.09 ? 26  TYR A O   1 
ATOM   183  C CB  . TYR A 1 26  ? 9.136   -3.525  3.250   1.00 14.92 ? 26  TYR A CB  1 
ATOM   184  C CG  . TYR A 1 26  ? 10.198  -2.804  4.045   1.00 17.60 ? 26  TYR A CG  1 
ATOM   185  C CD1 . TYR A 1 26  ? 9.840   -1.842  4.983   1.00 19.58 ? 26  TYR A CD1 1 
ATOM   186  C CD2 . TYR A 1 26  ? 11.547  -3.048  3.843   1.00 19.63 ? 26  TYR A CD2 1 
ATOM   187  C CE1 . TYR A 1 26  ? 10.779  -1.203  5.771   1.00 22.49 ? 26  TYR A CE1 1 
ATOM   188  C CE2 . TYR A 1 26  ? 12.501  -2.380  4.591   1.00 20.09 ? 26  TYR A CE2 1 
ATOM   189  C CZ  . TYR A 1 26  ? 12.110  -1.468  5.563   1.00 21.31 ? 26  TYR A CZ  1 
ATOM   190  O OH  . TYR A 1 26  ? 13.026  -0.820  6.348   1.00 29.26 ? 26  TYR A OH  1 
ATOM   191  N N   . LEU A 1 27  ? 10.295  -1.635  0.705   1.00 13.42 ? 27  LEU A N   1 
ATOM   192  C CA  . LEU A 1 27  ? 11.505  -1.375  -0.099  1.00 13.74 ? 27  LEU A CA  1 
ATOM   193  C C   . LEU A 1 27  ? 12.515  -0.681  0.810   1.00 15.25 ? 27  LEU A C   1 
ATOM   194  O O   . LEU A 1 27  ? 12.209  0.324   1.370   1.00 13.42 ? 27  LEU A O   1 
ATOM   195  C CB  . LEU A 1 27  ? 11.170  -0.505  -1.310  1.00 14.08 ? 27  LEU A CB  1 
ATOM   196  C CG  . LEU A 1 27  ? 10.028  -0.970  -2.208  1.00 16.40 ? 27  LEU A CG  1 
ATOM   197  C CD1 . LEU A 1 27  ? 9.714   0.091   -3.251  1.00 15.20 ? 27  LEU A CD1 1 
ATOM   198  C CD2 . LEU A 1 27  ? 10.354  -2.275  -2.857  1.00 18.35 ? 27  LEU A CD2 1 
ATOM   199  N N   . ASP A 1 28  ? 13.725  -1.220  0.879   1.00 16.74 ? 28  ASP A N   1 
ATOM   200  C CA  . ASP A 1 28  ? 14.834  -0.664  1.698   1.00 18.58 ? 28  ASP A CA  1 
ATOM   201  C C   . ASP A 1 28  ? 15.698  0.186   0.779   1.00 19.04 ? 28  ASP A C   1 
ATOM   202  O O   . ASP A 1 28  ? 16.610  -0.371  0.104   1.00 20.06 ? 28  ASP A O   1 
ATOM   203  C CB  . ASP A 1 28  ? 15.642  -1.749  2.402   1.00 22.31 ? 28  ASP A CB  1 
ATOM   204  C CG  . ASP A 1 28  ? 16.530  -1.136  3.481   1.00 23.26 ? 28  ASP A CG  1 
ATOM   205  O OD1 . ASP A 1 28  ? 16.972  0.045   3.307   1.00 24.16 ? 28  ASP A OD1 1 
ATOM   206  O OD2 . ASP A 1 28  ? 16.704  -1.795  4.519   1.00 31.39 ? 28  ASP A OD2 1 
ATOM   207  N N   . VAL A 1 29  ? 15.442  1.491   0.786   1.00 14.71 ? 29  VAL A N   1 
ATOM   208  C CA  . VAL A 1 29  ? 16.089  2.537   -0.055  1.00 16.01 ? 29  VAL A CA  1 
ATOM   209  C C   . VAL A 1 29  ? 17.506  2.825   0.469   1.00 17.60 ? 29  VAL A C   1 
ATOM   210  O O   . VAL A 1 29  ? 18.400  2.910   -0.364  1.00 17.30 ? 29  VAL A O   1 
ATOM   211  C CB  . VAL A 1 29  ? 15.226  3.816   -0.079  1.00 16.73 ? 29  VAL A CB  1 
ATOM   212  C CG1 . VAL A 1 29  ? 15.884  4.939   -0.840  1.00 16.54 ? 29  VAL A CG1 1 
ATOM   213  C CG2 . VAL A 1 29  ? 13.839  3.530   -0.625  1.00 19.13 ? 29  VAL A CG2 1 
ATOM   214  N N   . ALA A 1 30  ? 17.682  2.999   1.781   1.00 19.44 ? 30  ALA A N   1 
ATOM   215  C CA  . ALA A 1 30  ? 19.024  3.238   2.361   1.00 19.44 ? 30  ALA A CA  1 
ATOM   216  C C   . ALA A 1 30  ? 19.948  2.075   1.973   1.00 18.11 ? 30  ALA A C   1 
ATOM   217  O O   . ALA A 1 30  ? 21.126  2.343   1.639   1.00 19.46 ? 30  ALA A O   1 
ATOM   218  C CB  . ALA A 1 30  ? 18.905  3.390   3.851   1.00 21.03 ? 30  ALA A CB  1 
ATOM   219  N N   . LYS A 1 31  ? 19.456  0.844   2.099   1.00 20.33 ? 31  LYS A N   1 
ATOM   220  C CA  . LYS A 1 31  ? 20.293  -0.369  1.934   1.00 22.39 ? 31  LYS A CA  1 
ATOM   221  C C   . LYS A 1 31  ? 20.762  -0.362  0.493   1.00 22.67 ? 31  LYS A C   1 
ATOM   222  O O   . LYS A 1 31  ? 21.801  -0.903  0.262   1.00 21.49 ? 31  LYS A O   1 
ATOM   223  C CB  . LYS A 1 31  ? 19.577  -1.680  2.274   1.00 25.00 ? 31  LYS A CB  1 
ATOM   224  N N   . ALA A 1 32  ? 20.035  0.275   -0.427  1.00 22.63 ? 32  ALA A N   1 
ATOM   225  C CA  . ALA A 1 32  ? 20.391  0.325   -1.860  1.00 23.88 ? 32  ALA A CA  1 
ATOM   226  C C   . ALA A 1 32  ? 21.358  1.477   -2.158  1.00 25.01 ? 32  ALA A C   1 
ATOM   227  O O   . ALA A 1 32  ? 21.623  1.719   -3.342  1.00 26.47 ? 32  ALA A O   1 
ATOM   228  C CB  . ALA A 1 32  ? 19.132  0.451   -2.682  1.00 25.01 ? 32  ALA A CB  1 
ATOM   229  N N   . GLY A 1 33  ? 21.825  2.208   -1.143  1.00 23.17 ? 33  GLY A N   1 
ATOM   230  C CA  . GLY A 1 33  ? 22.740  3.366   -1.322  1.00 26.62 ? 33  GLY A CA  1 
ATOM   231  C C   . GLY A 1 33  ? 22.095  4.533   -2.065  1.00 25.81 ? 33  GLY A C   1 
ATOM   232  O O   . GLY A 1 33  ? 22.854  5.391   -2.633  1.00 27.26 ? 33  GLY A O   1 
ATOM   233  N N   . ILE A 1 34  ? 20.755  4.605   -2.085  1.00 22.09 ? 34  ILE A N   1 
ATOM   234  C CA  . ILE A 1 34  ? 20.014  5.719   -2.747  1.00 23.31 ? 34  ILE A CA  1 
ATOM   235  C C   . ILE A 1 34  ? 19.743  6.779   -1.678  1.00 23.86 ? 34  ILE A C   1 
ATOM   236  O O   . ILE A 1 34  ? 18.969  6.498   -0.717  1.00 24.03 ? 34  ILE A O   1 
ATOM   237  C CB  . ILE A 1 34  ? 18.728  5.206   -3.432  1.00 21.54 ? 34  ILE A CB  1 
ATOM   238  C CG1 . ILE A 1 34  ? 19.054  4.317   -4.637  1.00 23.48 ? 34  ILE A CG1 1 
ATOM   239  C CG2 . ILE A 1 34  ? 17.846  6.376   -3.810  1.00 25.20 ? 34  ILE A CG2 1 
ATOM   240  C CD1 . ILE A 1 34  ? 17.868  3.621   -5.268  1.00 25.52 ? 34  ILE A CD1 1 
ATOM   241  N N   . ARG A 1 35  ? 20.373  7.950   -1.816  1.00 24.52 ? 35  ARG A N   1 
ATOM   242  C CA  . ARG A 1 35  ? 20.373  9.003   -0.777  1.00 24.70 ? 35  ARG A CA  1 
ATOM   243  C C   . ARG A 1 35  ? 19.847  10.341  -1.315  1.00 26.46 ? 35  ARG A C   1 
ATOM   244  O O   . ARG A 1 35  ? 19.670  11.260  -0.484  1.00 27.56 ? 35  ARG A O   1 
ATOM   245  C CB  . ARG A 1 35  ? 21.799  9.169   -0.240  1.00 26.21 ? 35  ARG A CB  1 
ATOM   246  N N   . ASP A 1 36  ? 19.588  10.457  -2.621  1.00 25.13 ? 36  ASP A N   1 
ATOM   247  C CA  . ASP A 1 36  ? 19.222  11.735  -3.294  1.00 23.83 ? 36  ASP A CA  1 
ATOM   248  C C   . ASP A 1 36  ? 18.313  11.416  -4.483  1.00 23.64 ? 36  ASP A C   1 
ATOM   249  O O   . ASP A 1 36  ? 18.198  10.212  -4.836  1.00 24.51 ? 36  ASP A O   1 
ATOM   250  C CB  . ASP A 1 36  ? 20.480  12.489  -3.741  1.00 25.61 ? 36  ASP A CB  1 
ATOM   251  N N   . GLY A 1 37  ? 17.707  12.432  -5.082  1.00 21.12 ? 37  GLY A N   1 
ATOM   252  C CA  . GLY A 1 37  ? 16.842  12.253  -6.259  1.00 20.19 ? 37  GLY A CA  1 
ATOM   253  C C   . GLY A 1 37  ? 15.433  11.904  -5.832  1.00 19.82 ? 37  GLY A C   1 
ATOM   254  O O   . GLY A 1 37  ? 15.054  12.254  -4.685  1.00 18.39 ? 37  GLY A O   1 
ATOM   255  N N   . LYS A 1 38  ? 14.666  11.312  -6.759  1.00 15.24 ? 38  LYS A N   1 
ATOM   256  C CA  . LYS A 1 38  ? 13.225  11.076  -6.541  1.00 16.92 ? 38  LYS A CA  1 
ATOM   257  C C   . LYS A 1 38  ? 12.944  9.596   -6.754  1.00 14.64 ? 38  LYS A C   1 
ATOM   258  O O   . LYS A 1 38  ? 13.669  8.929   -7.476  1.00 14.70 ? 38  LYS A O   1 
ATOM   259  C CB  . LYS A 1 38  ? 12.418  11.953  -7.489  1.00 17.40 ? 38  LYS A CB  1 
ATOM   260  C CG  . LYS A 1 38  ? 12.390  13.441  -7.129  1.00 19.30 ? 38  LYS A CG  1 
ATOM   261  C CD  . LYS A 1 38  ? 11.225  14.165  -7.761  1.00 23.09 ? 38  LYS A CD  1 
ATOM   262  N N   . LEU A 1 39  ? 11.863  9.110   -6.156  1.00 13.64 ? 39  LEU A N   1 
ATOM   263  C CA  . LEU A 1 39  ? 11.316  7.764   -6.422  1.00 14.12 ? 39  LEU A CA  1 
ATOM   264  C C   . LEU A 1 39  ? 9.881   7.925   -6.862  1.00 13.40 ? 39  LEU A C   1 
ATOM   265  O O   . LEU A 1 39  ? 9.100   8.525   -6.095  1.00 14.39 ? 39  LEU A O   1 
ATOM   266  C CB  . LEU A 1 39  ? 11.293  6.932   -5.152  1.00 15.84 ? 39  LEU A CB  1 
ATOM   267  C CG  . LEU A 1 39  ? 12.634  6.432   -4.661  1.00 16.91 ? 39  LEU A CG  1 
ATOM   268  C CD1 . LEU A 1 39  ? 12.456  5.771   -3.296  1.00 19.47 ? 39  LEU A CD1 1 
ATOM   269  C CD2 . LEU A 1 39  ? 13.181  5.441   -5.648  1.00 17.02 ? 39  LEU A CD2 1 
ATOM   270  N N   . GLN A 1 40  ? 9.528   7.307   -7.975  1.00 12.58 ? 40  GLN A N   1 
ATOM   271  C CA  . GLN A 1 40  ? 8.097   7.092   -8.310  1.00 11.99 ? 40  GLN A CA  1 
ATOM   272  C C   . GLN A 1 40  ? 7.708   5.742   -7.747  1.00 11.31 ? 40  GLN A C   1 
ATOM   273  O O   . GLN A 1 40  ? 8.271   4.744   -8.129  1.00 12.08 ? 40  GLN A O   1 
ATOM   274  C CB  . GLN A 1 40  ? 7.821   7.194   -9.799  1.00 11.95 ? 40  GLN A CB  1 
ATOM   275  C CG  . GLN A 1 40  ? 6.346   7.059   -10.158 1.00 12.47 ? 40  GLN A CG  1 
ATOM   276  C CD  . GLN A 1 40  ? 6.141   6.674   -11.593 1.00 15.36 ? 40  GLN A CD  1 
ATOM   277  O OE1 . GLN A 1 40  ? 5.867   7.469   -12.484 1.00 22.88 ? 40  GLN A OE1 1 
ATOM   278  N NE2 . GLN A 1 40  ? 6.279   5.389   -11.791 1.00 16.59 ? 40  GLN A NE2 1 
ATOM   279  N N   . VAL A 1 41  ? 6.755   5.768   -6.825  1.00 10.11 ? 41  VAL A N   1 
ATOM   280  C CA  . VAL A 1 41  ? 6.371   4.564   -6.065  1.00 10.19 ? 41  VAL A CA  1 
ATOM   281  C C   . VAL A 1 41  ? 4.946   4.221   -6.517  1.00 10.55 ? 41  VAL A C   1 
ATOM   282  O O   . VAL A 1 41  ? 4.090   5.098   -6.484  1.00 10.66 ? 41  VAL A O   1 
ATOM   283  C CB  . VAL A 1 41  ? 6.401   4.830   -4.555  1.00 10.35 ? 41  VAL A CB  1 
ATOM   284  C CG1 . VAL A 1 41  ? 5.972   3.564   -3.831  1.00 12.44 ? 41  VAL A CG1 1 
ATOM   285  C CG2 . VAL A 1 41  ? 7.806   5.278   -4.132  1.00 11.64 ? 41  VAL A CG2 1 
ATOM   286  N N   . ILE A 1 42  ? 4.755   2.962   -6.851  1.00 11.07 ? 42  ILE A N   1 
ATOM   287  C CA  . ILE A 1 42  ? 3.428   2.374   -7.142  1.00 9.67  ? 42  ILE A CA  1 
ATOM   288  C C   . ILE A 1 42  ? 3.072   1.296   -6.112  1.00 9.48  ? 42  ILE A C   1 
ATOM   289  O O   . ILE A 1 42  ? 3.827   0.285   -6.033  1.00 9.44  ? 42  ILE A O   1 
ATOM   290  C CB  . ILE A 1 42  ? 3.360   1.808   -8.569  1.00 10.63 ? 42  ILE A CB  1 
ATOM   291  C CG1 . ILE A 1 42  ? 3.947   2.827   -9.551  1.00 10.98 ? 42  ILE A CG1 1 
ATOM   292  C CG2 . ILE A 1 42  ? 1.918   1.385   -8.864  1.00 10.30 ? 42  ILE A CG2 1 
ATOM   293  C CD1 . ILE A 1 42  ? 3.788   2.425   -11.011 1.00 10.61 ? 42  ILE A CD1 1 
ATOM   294  N N   . LEU A 1 43  ? 1.961   1.475   -5.419  1.00 9.06  ? 43  LEU A N   1 
ATOM   295  C CA  . LEU A 1 43  ? 1.375   0.403   -4.585  1.00 9.31  ? 43  LEU A CA  1 
ATOM   296  C C   . LEU A 1 43  ? 0.233   -0.219  -5.395  1.00 9.92  ? 43  LEU A C   1 
ATOM   297  O O   . LEU A 1 43  ? -0.715  0.502   -5.800  1.00 9.65  ? 43  LEU A O   1 
ATOM   298  C CB  . LEU A 1 43  ? 0.828   0.999   -3.299  1.00 9.96  ? 43  LEU A CB  1 
ATOM   299  C CG  . LEU A 1 43  ? 0.087   0.009   -2.400  1.00 10.99 ? 43  LEU A CG  1 
ATOM   300  C CD1 . LEU A 1 43  ? 0.971   -1.176  -1.964  1.00 10.70 ? 43  LEU A CD1 1 
ATOM   301  C CD2 . LEU A 1 43  ? -0.437  0.755   -1.183  1.00 11.36 ? 43  LEU A CD2 1 
ATOM   302  N N   . ASN A 1 44  ? 0.356   -1.493  -5.703  1.00 9.33  ? 44  ASN A N   1 
ATOM   303  C CA  . ASN A 1 44  ? -0.624  -2.177  -6.596  1.00 10.52 ? 44  ASN A CA  1 
ATOM   304  C C   . ASN A 1 44  ? -1.236  -3.321  -5.818  1.00 8.80  ? 44  ASN A C   1 
ATOM   305  O O   . ASN A 1 44  ? -0.522  -4.265  -5.437  1.00 9.09  ? 44  ASN A O   1 
ATOM   306  C CB  . ASN A 1 44  ? 0.069   -2.713  -7.846  1.00 10.67 ? 44  ASN A CB  1 
ATOM   307  C CG  . ASN A 1 44  ? -0.885  -3.368  -8.804  1.00 10.69 ? 44  ASN A CG  1 
ATOM   308  O OD1 . ASN A 1 44  ? -1.938  -2.791  -9.155  1.00 14.06 ? 44  ASN A OD1 1 
ATOM   309  N ND2 . ASN A 1 44  ? -0.580  -4.572  -9.173  1.00 10.14 ? 44  ASN A ND2 1 
ATOM   310  N N   . VAL A 1 45  ? -2.517  -3.206  -5.486  1.00 9.16  ? 45  VAL A N   1 
ATOM   311  C CA  . VAL A 1 45  ? -3.243  -4.295  -4.770  1.00 10.21 ? 45  VAL A CA  1 
ATOM   312  C C   . VAL A 1 45  ? -4.425  -4.660  -5.657  1.00 9.67  ? 45  VAL A C   1 
ATOM   313  O O   . VAL A 1 45  ? -5.499  -4.032  -5.561  1.00 10.33 ? 45  VAL A O   1 
ATOM   314  C CB  . VAL A 1 45  ? -3.632  -3.915  -3.333  1.00 10.23 ? 45  VAL A CB  1 
ATOM   315  C CG1 . VAL A 1 45  ? -4.213  -5.114  -2.621  1.00 10.46 ? 45  VAL A CG1 1 
ATOM   316  C CG2 . VAL A 1 45  ? -2.467  -3.300  -2.543  1.00 10.86 ? 45  VAL A CG2 1 
ATOM   317  N N   . PRO A 1 46  ? -4.214  -5.538  -6.658  1.00 11.19 ? 46  PRO A N   1 
ATOM   318  C CA  . PRO A 1 46  ? -5.162  -5.664  -7.767  1.00 11.19 ? 46  PRO A CA  1 
ATOM   319  C C   . PRO A 1 46  ? -6.444  -6.400  -7.357  1.00 12.28 ? 46  PRO A C   1 
ATOM   320  O O   . PRO A 1 46  ? -7.453  -6.223  -7.992  1.00 14.77 ? 46  PRO A O   1 
ATOM   321  C CB  . PRO A 1 46  ? -4.371  -6.399  -8.863  1.00 11.41 ? 46  PRO A CB  1 
ATOM   322  C CG  . PRO A 1 46  ? -3.233  -7.066  -8.158  1.00 11.61 ? 46  PRO A CG  1 
ATOM   323  C CD  . PRO A 1 46  ? -2.944  -6.232  -6.924  1.00 10.05 ? 46  PRO A CD  1 
ATOM   324  N N   . THR A 1 47  ? -6.381  -7.241  -6.331  1.00 10.47 ? 47  THR A N   1 
ATOM   325  C CA  . THR A 1 47  ? -7.486  -8.169  -5.987  1.00 11.41 ? 47  THR A CA  1 
ATOM   326  C C   . THR A 1 47  ? -7.849  -8.199  -4.503  1.00 10.81 ? 47  THR A C   1 
ATOM   327  O O   . THR A 1 47  ? -8.074  -9.270  -3.902  1.00 11.66 ? 47  THR A O   1 
ATOM   328  C CB  . THR A 1 47  ? -7.122  -9.578  -6.434  1.00 12.05 ? 47  THR A CB  1 
ATOM   329  O OG1 . THR A 1 47  ? -6.464  -9.427  -7.702  1.00 14.40 ? 47  THR A OG1 1 
ATOM   330  C CG2 . THR A 1 47  ? -8.316  -10.484 -6.650  1.00 10.42 ? 47  THR A CG2 1 
ATOM   331  N N   . PRO A 1 48  ? -7.976  -7.040  -3.830  1.00 11.25 ? 48  PRO A N   1 
ATOM   332  C CA  . PRO A 1 48  ? -8.376  -7.027  -2.433  1.00 11.05 ? 48  PRO A CA  1 
ATOM   333  C C   . PRO A 1 48  ? -9.890  -7.158  -2.268  1.00 10.63 ? 48  PRO A C   1 
ATOM   334  O O   . PRO A 1 48  ? -10.671 -6.917  -3.196  1.00 10.05 ? 48  PRO A O   1 
ATOM   335  C CB  . PRO A 1 48  ? -7.929  -5.642  -2.000  1.00 11.75 ? 48  PRO A CB  1 
ATOM   336  C CG  . PRO A 1 48  ? -8.274  -4.807  -3.195  1.00 10.33 ? 48  PRO A CG  1 
ATOM   337  C CD  . PRO A 1 48  ? -7.924  -5.681  -4.403  1.00 10.93 ? 48  PRO A CD  1 
ATOM   338  N N   . TYR A 1 49  ? -10.267 -7.507  -1.055  1.00 10.04 ? 49  TYR A N   1 
ATOM   339  C CA  . TYR A 1 49  ? -11.697 -7.372  -0.658  1.00 10.54 ? 49  TYR A CA  1 
ATOM   340  C C   . TYR A 1 49  ? -11.752 -7.045  0.833   1.00 10.42 ? 49  TYR A C   1 
ATOM   341  O O   . TYR A 1 49  ? -10.771 -7.243  1.526   1.00 10.55 ? 49  TYR A O   1 
ATOM   342  C CB  . TYR A 1 49  ? -12.589 -8.571  -1.022  1.00 11.48 ? 49  TYR A CB  1 
ATOM   343  C CG  . TYR A 1 49  ? -12.344 -9.862  -0.304  1.00 14.57 ? 49  TYR A CG  1 
ATOM   344  C CD1 . TYR A 1 49  ? -11.274 -10.654 -0.669  1.00 13.67 ? 49  TYR A CD1 1 
ATOM   345  C CD2 . TYR A 1 49  ? -13.185 -10.275 0.720   1.00 14.85 ? 49  TYR A CD2 1 
ATOM   346  C CE1 . TYR A 1 49  ? -11.051 -11.890 -0.066  1.00 13.65 ? 49  TYR A CE1 1 
ATOM   347  C CE2 . TYR A 1 49  ? -12.981 -11.495 1.334   1.00 16.45 ? 49  TYR A CE2 1 
ATOM   348  C CZ  . TYR A 1 49  ? -11.910 -12.291 0.938   1.00 13.96 ? 49  TYR A CZ  1 
ATOM   349  O OH  . TYR A 1 49  ? -11.721 -13.492 1.562   1.00 17.03 ? 49  TYR A OH  1 
ATOM   350  N N   . ALA A 1 50  ? -12.861 -6.454  1.238   1.00 11.13 ? 50  ALA A N   1 
ATOM   351  C CA  . ALA A 1 50  ? -13.117 -6.050  2.629   1.00 12.81 ? 50  ALA A CA  1 
ATOM   352  C C   . ALA A 1 50  ? -14.382 -6.755  3.064   1.00 13.52 ? 50  ALA A C   1 
ATOM   353  O O   . ALA A 1 50  ? -15.343 -6.835  2.251   1.00 15.34 ? 50  ALA A O   1 
ATOM   354  C CB  . ALA A 1 50  ? -13.306 -4.556  2.681   1.00 12.52 ? 50  ALA A CB  1 
ATOM   355  N N   . THR A 1 51  ? -14.406 -7.206  4.317   1.00 13.27 ? 51  THR A N   1 
ATOM   356  C CA  . THR A 1 51  ? -15.617 -7.807  4.922   1.00 14.66 ? 51  THR A CA  1 
ATOM   357  C C   . THR A 1 51  ? -16.083 -6.907  6.078   1.00 13.50 ? 51  THR A C   1 
ATOM   358  O O   . THR A 1 51  ? -15.230 -6.457  6.852   1.00 15.08 ? 51  THR A O   1 
ATOM   359  C CB  . THR A 1 51  ? -15.302 -9.264  5.270   1.00 17.39 ? 51  THR A CB  1 
ATOM   360  O OG1 . THR A 1 51  ? -14.181 -9.344  6.146   1.00 17.94 ? 51  THR A OG1 1 
ATOM   361  C CG2 . THR A 1 51  ? -15.075 -10.061 3.999   1.00 15.87 ? 51  THR A CG2 1 
ATOM   362  N N   . GLY A 1 52  ? -17.368 -6.583  6.121   1.00 15.07 ? 52  GLY A N   1 
ATOM   363  C CA  . GLY A 1 52  ? -17.872 -5.714  7.173   1.00 15.43 ? 52  GLY A CA  1 
ATOM   364  C C   . GLY A 1 52  ? -19.357 -5.599  7.155   1.00 15.08 ? 52  GLY A C   1 
ATOM   365  O O   . GLY A 1 52  ? -19.992 -6.164  6.280   1.00 16.60 ? 52  GLY A O   1 
ATOM   366  N N   . ASN A 1 53  ? -19.848 -4.823  8.103   1.00 15.62 ? 53  ASN A N   1 
ATOM   367  C CA  . ASN A 1 53  ? -21.310 -4.704  8.306   1.00 16.82 ? 53  ASN A CA  1 
ATOM   368  C C   . ASN A 1 53  ? -21.824 -3.347  7.833   1.00 17.24 ? 53  ASN A C   1 
ATOM   369  O O   . ASN A 1 53  ? -23.088 -3.201  7.833   1.00 20.37 ? 53  ASN A O   1 
ATOM   370  C CB  . ASN A 1 53  ? -21.677 -4.947  9.759   1.00 18.41 ? 53  ASN A CB  1 
ATOM   371  C CG  . ASN A 1 53  ? -21.364 -6.364  10.167  1.00 21.48 ? 53  ASN A CG  1 
ATOM   372  O OD1 . ASN A 1 53  ? -21.814 -7.325  9.527   1.00 22.85 ? 53  ASN A OD1 1 
ATOM   373  N ND2 . ASN A 1 53  ? -20.567 -6.482  11.216  1.00 22.88 ? 53  ASN A ND2 1 
ATOM   374  N N   . ASN A 1 54  ? -20.954 -2.414  7.401   1.00 16.95 ? 54  ASN A N   1 
ATOM   375  C CA  . ASN A 1 54  ? -21.368 -1.003  7.215   1.00 17.05 ? 54  ASN A CA  1 
ATOM   376  C C   . ASN A 1 54  ? -20.584 -0.369  6.072   1.00 13.79 ? 54  ASN A C   1 
ATOM   377  O O   . ASN A 1 54  ? -19.646 0.352   6.345   1.00 16.44 ? 54  ASN A O   1 
ATOM   378  C CB  . ASN A 1 54  ? -21.209 -0.257  8.529   1.00 20.14 ? 54  ASN A CB  1 
ATOM   379  C CG  . ASN A 1 54  ? -21.937 1.064   8.524   1.00 26.39 ? 54  ASN A CG  1 
ATOM   380  O OD1 . ASN A 1 54  ? -22.820 1.282   7.705   1.00 27.35 ? 54  ASN A OD1 1 
ATOM   381  N ND2 . ASN A 1 54  ? -21.582 1.941   9.453   1.00 30.58 ? 54  ASN A ND2 1 
ATOM   382  N N   . PHE A 1 55  ? -21.021 -0.644  4.839   1.00 14.93 ? 55  PHE A N   1 
ATOM   383  C CA  . PHE A 1 55  ? -20.372 -0.176  3.592   1.00 13.25 ? 55  PHE A CA  1 
ATOM   384  C C   . PHE A 1 55  ? -18.875 -0.419  3.704   1.00 12.83 ? 55  PHE A C   1 
ATOM   385  O O   . PHE A 1 55  ? -18.095 0.500   3.886   1.00 13.11 ? 55  PHE A O   1 
ATOM   386  C CB  . PHE A 1 55  ? -20.691 1.301   3.369   1.00 14.29 ? 55  PHE A CB  1 
ATOM   387  C CG  . PHE A 1 55  ? -22.149 1.591   3.120   1.00 15.35 ? 55  PHE A CG  1 
ATOM   388  C CD1 . PHE A 1 55  ? -22.657 1.545   1.834   1.00 15.77 ? 55  PHE A CD1 1 
ATOM   389  C CD2 . PHE A 1 55  ? -23.028 1.847   4.178   1.00 14.83 ? 55  PHE A CD2 1 
ATOM   390  C CE1 . PHE A 1 55  ? -24.006 1.799   1.587   1.00 15.43 ? 55  PHE A CE1 1 
ATOM   391  C CE2 . PHE A 1 55  ? -24.365 2.109   3.916   1.00 16.78 ? 55  PHE A CE2 1 
ATOM   392  C CZ  . PHE A 1 55  ? -24.853 2.061   2.631   1.00 16.67 ? 55  PHE A CZ  1 
ATOM   393  N N   . PRO A 1 56  ? -18.408 -1.678  3.545   1.00 11.96 ? 56  PRO A N   1 
ATOM   394  C CA  . PRO A 1 56  ? -17.015 -1.963  3.805   1.00 11.89 ? 56  PRO A CA  1 
ATOM   395  C C   . PRO A 1 56  ? -16.034 -1.383  2.758   1.00 10.58 ? 56  PRO A C   1 
ATOM   396  O O   . PRO A 1 56  ? -16.381 -0.948  1.651   1.00 12.18 ? 56  PRO A O   1 
ATOM   397  C CB  . PRO A 1 56  ? -16.971 -3.494  3.832   1.00 13.02 ? 56  PRO A CB  1 
ATOM   398  C CG  . PRO A 1 56  ? -18.379 -3.970  3.967   1.00 14.23 ? 56  PRO A CG  1 
ATOM   399  C CD  . PRO A 1 56  ? -19.181 -2.891  3.267   1.00 11.81 ? 56  PRO A CD  1 
ATOM   400  N N   . GLY A 1 57  ? -14.771 -1.393  3.164   1.00 10.98 ? 57  GLY A N   1 
ATOM   401  C CA  . GLY A 1 57  ? -13.709 -0.923  2.274   1.00 10.56 ? 57  GLY A CA  1 
ATOM   402  C C   . GLY A 1 57  ? -12.358 -0.986  2.977   1.00 10.88 ? 57  GLY A C   1 
ATOM   403  O O   . GLY A 1 57  ? -12.249 -1.368  4.151   1.00 11.03 ? 57  GLY A O   1 
ATOM   404  N N   . ILE A 1 58  ? -11.316 -0.583  2.267   1.00 10.03 ? 58  ILE A N   1 
ATOM   405  C CA  . ILE A 1 58  ? -9.916  -0.520  2.745   1.00 9.94  ? 58  ILE A CA  1 
ATOM   406  C C   . ILE A 1 58  ? -9.276  0.790   2.310   1.00 11.05 ? 58  ILE A C   1 
ATOM   407  O O   . ILE A 1 58  ? -9.409  1.161   1.130   1.00 10.67 ? 58  ILE A O   1 
ATOM   408  C CB  . ILE A 1 58  ? -9.076  -1.692  2.215   1.00 10.35 ? 58  ILE A CB  1 
ATOM   409  C CG1 . ILE A 1 58  ? -9.801  -3.022  2.497   1.00 10.09 ? 58  ILE A CG1 1 
ATOM   410  C CG2 . ILE A 1 58  ? -7.649  -1.654  2.793   1.00 10.75 ? 58  ILE A CG2 1 
ATOM   411  C CD1 . ILE A 1 58  ? -9.011  -4.270  2.085   1.00 10.51 ? 58  ILE A CD1 1 
ATOM   412  N N   . TYR A 1 59  ? -8.706  1.500   3.255   1.00 10.53 ? 59  TYR A N   1 
ATOM   413  C CA  . TYR A 1 59  ? -7.718  2.571   2.984   1.00 11.00 ? 59  TYR A CA  1 
ATOM   414  C C   . TYR A 1 59  ? -6.355  1.939   2.819   1.00 11.75 ? 59  TYR A C   1 
ATOM   415  O O   . TYR A 1 59  ? -5.886  1.106   3.666   1.00 11.66 ? 59  TYR A O   1 
ATOM   416  C CB  . TYR A 1 59  ? -7.566  3.615   4.092   1.00 11.34 ? 59  TYR A CB  1 
ATOM   417  C CG  . TYR A 1 59  ? -8.752  4.520   4.278   1.00 15.96 ? 59  TYR A CG  1 
ATOM   418  C CD1 . TYR A 1 59  ? -8.836  5.689   3.537   1.00 17.19 ? 59  TYR A CD1 1 
ATOM   419  C CD2 . TYR A 1 59  ? -9.737  4.228   5.197   1.00 16.83 ? 59  TYR A CD2 1 
ATOM   420  C CE1 . TYR A 1 59  ? -9.891  6.569   3.718   1.00 20.50 ? 59  TYR A CE1 1 
ATOM   421  C CE2 . TYR A 1 59  ? -10.794 5.098   5.395   1.00 21.30 ? 59  TYR A CE2 1 
ATOM   422  C CZ  . TYR A 1 59  ? -10.885 6.249   4.625   1.00 21.33 ? 59  TYR A CZ  1 
ATOM   423  O OH  . TYR A 1 59  ? -11.939 7.091   4.830   1.00 27.29 ? 59  TYR A OH  1 
ATOM   424  N N   . PHE A 1 60  ? -5.644  2.361   1.791   1.00 10.04 ? 60  PHE A N   1 
ATOM   425  C CA  . PHE A 1 60  ? -4.228  2.018   1.546   1.00 10.46 ? 60  PHE A CA  1 
ATOM   426  C C   . PHE A 1 60  ? -3.354  3.270   1.541   1.00 10.74 ? 60  PHE A C   1 
ATOM   427  O O   . PHE A 1 60  ? -3.771  4.320   1.039   1.00 11.32 ? 60  PHE A O   1 
ATOM   428  C CB  . PHE A 1 60  ? -4.075  1.340   0.196   1.00 10.08 ? 60  PHE A CB  1 
ATOM   429  C CG  . PHE A 1 60  ? -4.784  0.031   0.049   1.00 10.26 ? 60  PHE A CG  1 
ATOM   430  C CD1 . PHE A 1 60  ? -4.186  -1.122  0.528   1.00 10.13 ? 60  PHE A CD1 1 
ATOM   431  C CD2 . PHE A 1 60  ? -6.051  -0.059  -0.511  1.00 9.68  ? 60  PHE A CD2 1 
ATOM   432  C CE1 . PHE A 1 60  ? -4.786  -2.373  0.409   1.00 10.47 ? 60  PHE A CE1 1 
ATOM   433  C CE2 . PHE A 1 60  ? -6.640  -1.312  -0.643  1.00 10.42 ? 60  PHE A CE2 1 
ATOM   434  C CZ  . PHE A 1 60  ? -5.992  -2.472  -0.237  1.00 11.31 ? 60  PHE A CZ  1 
ATOM   435  N N   . ALA A 1 61  ? -2.119  3.124   1.957   1.00 12.20 ? 61  ALA A N   1 
ATOM   436  C CA  . ALA A 1 61  ? -1.188  4.274   1.968   1.00 11.32 ? 61  ALA A CA  1 
ATOM   437  C C   . ALA A 1 61  ? 0.181   3.814   1.475   1.00 11.66 ? 61  ALA A C   1 
ATOM   438  O O   . ALA A 1 61  ? 0.554   2.649   1.662   1.00 11.40 ? 61  ALA A O   1 
ATOM   439  C CB  . ALA A 1 61  ? -1.081  4.927   3.308   1.00 10.88 ? 61  ALA A CB  1 
ATOM   440  N N   . ILE A 1 62  ? 0.906   4.769   0.945   1.00 10.03 ? 62  ILE A N   1 
ATOM   441  C CA  . ILE A 1 62  ? 2.376   4.675   0.749   1.00 10.58 ? 62  ILE A CA  1 
ATOM   442  C C   . ILE A 1 62  ? 2.994   5.483   1.869   1.00 11.71 ? 62  ILE A C   1 
ATOM   443  O O   . ILE A 1 62  ? 2.652   6.666   1.995   1.00 11.61 ? 62  ILE A O   1 
ATOM   444  C CB  . ILE A 1 62  ? 2.837   5.161   -0.623  1.00 10.34 ? 62  ILE A CB  1 
ATOM   445  C CG1 . ILE A 1 62  ? 2.251   4.304   -1.757  1.00 11.30 ? 62  ILE A CG1 1 
ATOM   446  C CG2 . ILE A 1 62  ? 4.347   5.257   -0.676  1.00 11.90 ? 62  ILE A CG2 1 
ATOM   447  C CD1 . ILE A 1 62  ? 2.340   4.948   -3.143  1.00 11.75 ? 62  ILE A CD1 1 
ATOM   448  N N   . ALA A 1 63  ? 3.884   4.862   2.621   1.00 12.06 ? 63  ALA A N   1 
ATOM   449  C CA  . ALA A 1 63  ? 4.544   5.515   3.767   1.00 11.40 ? 63  ALA A CA  1 
ATOM   450  C C   . ALA A 1 63  ? 6.046   5.357   3.640   1.00 12.87 ? 63  ALA A C   1 
ATOM   451  O O   . ALA A 1 63  ? 6.536   4.387   3.068   1.00 12.40 ? 63  ALA A O   1 
ATOM   452  C CB  . ALA A 1 63  ? 3.995   4.917   5.024   1.00 12.40 ? 63  ALA A CB  1 
ATOM   453  N N   . THR A 1 64  ? 6.758   6.312   4.184   1.00 13.58 ? 64  THR A N   1 
ATOM   454  C CA  . THR A 1 64  ? 8.210   6.208   4.425   1.00 15.21 ? 64  THR A CA  1 
ATOM   455  C C   . THR A 1 64  ? 8.454   6.200   5.945   1.00 15.07 ? 64  THR A C   1 
ATOM   456  O O   . THR A 1 64  ? 7.501   6.153   6.784   1.00 16.30 ? 64  THR A O   1 
ATOM   457  C CB  . THR A 1 64  ? 8.965   7.331   3.709   1.00 15.24 ? 64  THR A CB  1 
ATOM   458  O OG1 . THR A 1 64  ? 8.585   8.528   4.374   1.00 15.91 ? 64  THR A OG1 1 
ATOM   459  C CG2 . THR A 1 64  ? 8.659   7.519   2.235   1.00 16.31 ? 64  THR A CG2 1 
ATOM   460  N N   . ASN A 1 65  ? 9.729   6.235   6.312   1.00 17.79 ? 65  ASN A N   1 
ATOM   461  C CA  . ASN A 1 65  ? 10.120  6.471   7.714   1.00 17.91 ? 65  ASN A CA  1 
ATOM   462  C C   . ASN A 1 65  ? 9.531   7.805   8.209   1.00 18.89 ? 65  ASN A C   1 
ATOM   463  O O   . ASN A 1 65  ? 9.354   7.920   9.442   1.00 20.92 ? 65  ASN A O   1 
ATOM   464  C CB  . ASN A 1 65  ? 11.641  6.438   7.829   1.00 17.68 ? 65  ASN A CB  1 
ATOM   465  C CG  . ASN A 1 65  ? 12.349  7.265   6.791   1.00 19.16 ? 65  ASN A CG  1 
ATOM   466  O OD1 . ASN A 1 65  ? 12.228  7.034   5.592   1.00 18.53 ? 65  ASN A OD1 1 
ATOM   467  N ND2 . ASN A 1 65  ? 13.151  8.183   7.262   1.00 19.78 ? 65  ASN A ND2 1 
ATOM   468  N N   . GLN A 1 66  ? 9.171   8.729   7.303   1.00 20.98 ? 66  GLN A N   1 
ATOM   469  C CA  . GLN A 1 66  ? 8.581   10.060  7.646   1.00 19.76 ? 66  GLN A CA  1 
ATOM   470  C C   . GLN A 1 66  ? 7.056   9.993   7.735   1.00 20.46 ? 66  GLN A C   1 
ATOM   471  O O   . GLN A 1 66  ? 6.446   11.036  8.048   1.00 19.75 ? 66  GLN A O   1 
ATOM   472  C CB  . GLN A 1 66  ? 9.007   11.126  6.644   1.00 21.80 ? 66  GLN A CB  1 
ATOM   473  C CG  . GLN A 1 66  ? 10.518  11.105  6.448   1.00 25.66 ? 66  GLN A CG  1 
ATOM   474  C CD  . GLN A 1 66  ? 11.107  12.286  5.715   1.00 30.28 ? 66  GLN A CD  1 
ATOM   475  O OE1 . GLN A 1 66  ? 10.796  12.549  4.554   1.00 36.58 ? 66  GLN A OE1 1 
ATOM   476  N NE2 . GLN A 1 66  ? 12.021  12.982  6.384   1.00 30.86 ? 66  GLN A NE2 1 
ATOM   477  N N   . GLY A 1 67  ? 6.470   8.822   7.488   1.00 17.92 ? 67  GLY A N   1 
ATOM   478  C CA  . GLY A 1 67  ? 5.025   8.542   7.555   1.00 17.94 ? 67  GLY A CA  1 
ATOM   479  C C   . GLY A 1 67  ? 4.355   8.477   6.186   1.00 16.16 ? 67  GLY A C   1 
ATOM   480  O O   . GLY A 1 67  ? 5.043   8.356   5.131   1.00 17.52 ? 67  GLY A O   1 
ATOM   481  N N   . VAL A 1 68  ? 3.035   8.649   6.204   1.00 16.02 ? 68  VAL A N   1 
ATOM   482  C CA  . VAL A 1 68  ? 2.209   8.560   4.971   1.00 14.87 ? 68  VAL A CA  1 
ATOM   483  C C   . VAL A 1 68  ? 2.505   9.711   3.988   1.00 15.06 ? 68  VAL A C   1 
ATOM   484  O O   . VAL A 1 68  ? 2.477   10.901  4.396   1.00 16.78 ? 68  VAL A O   1 
ATOM   485  C CB  . VAL A 1 68  ? 0.750   8.478   5.404   1.00 14.78 ? 68  VAL A CB  1 
ATOM   486  C CG1 . VAL A 1 68  ? -0.199  8.540   4.237   1.00 13.68 ? 68  VAL A CG1 1 
ATOM   487  C CG2 . VAL A 1 68  ? 0.471   7.209   6.177   1.00 15.27 ? 68  VAL A CG2 1 
ATOM   488  N N   . VAL A 1 69  ? 2.716   9.388   2.702   1.00 14.90 ? 69  VAL A N   1 
ATOM   489  C CA  . VAL A 1 69  ? 2.987   10.399  1.650   1.00 15.21 ? 69  VAL A CA  1 
ATOM   490  C C   . VAL A 1 69  ? 1.783   10.481  0.735   1.00 14.76 ? 69  VAL A C   1 
ATOM   491  O O   . VAL A 1 69  ? 1.650   11.551  0.063   1.00 17.20 ? 69  VAL A O   1 
ATOM   492  C CB  . VAL A 1 69  ? 4.248   10.144  0.814   1.00 17.09 ? 69  VAL A CB  1 
ATOM   493  C CG1 . VAL A 1 69  ? 5.514   10.343  1.631   1.00 19.87 ? 69  VAL A CG1 1 
ATOM   494  C CG2 . VAL A 1 69  ? 4.223   8.773   0.175   1.00 18.02 ? 69  VAL A CG2 1 
ATOM   495  N N   . ALA A 1 70  ? 0.941   9.433   0.688   1.00 12.60 ? 70  ALA A N   1 
ATOM   496  C CA  . ALA A 1 70  ? -0.209  9.393   -0.246  1.00 11.35 ? 70  ALA A CA  1 
ATOM   497  C C   . ALA A 1 70  ? -1.132  8.298   0.244   1.00 10.48 ? 70  ALA A C   1 
ATOM   498  O O   . ALA A 1 70  ? -0.603  7.265   0.788   1.00 11.01 ? 70  ALA A O   1 
ATOM   499  C CB  . ALA A 1 70  ? 0.150   9.098   -1.655  1.00 11.67 ? 70  ALA A CB  1 
ATOM   500  N N   . ASP A 1 71  ? -2.435  8.439   0.026   1.00 11.41 ? 71  ASP A N   1 
ATOM   501  C CA  . ASP A 1 71  ? -3.366  7.364   0.431   1.00 13.62 ? 71  ASP A CA  1 
ATOM   502  C C   . ASP A 1 71  ? -4.616  7.455   -0.395  1.00 13.03 ? 71  ASP A C   1 
ATOM   503  O O   . ASP A 1 71  ? -4.812  8.410   -1.149  1.00 13.24 ? 71  ASP A O   1 
ATOM   504  C CB  . ASP A 1 71  ? -3.641  7.364   1.926   1.00 16.86 ? 71  ASP A CB  1 
ATOM   505  C CG  . ASP A 1 71  ? -4.510  8.490   2.422   1.00 20.19 ? 71  ASP A CG  1 
ATOM   506  O OD1 . ASP A 1 71  ? -4.698  9.468   1.686   1.00 22.22 ? 71  ASP A OD1 1 
ATOM   507  O OD2 . ASP A 1 71  ? -5.003  8.355   3.577   1.00 24.82 ? 71  ASP A OD2 1 
ATOM   508  N N   . GLY A 1 72  ? -5.404  6.408   -0.262  1.00 11.31 ? 72  GLY A N   1 
ATOM   509  C CA  . GLY A 1 72  ? -6.731  6.368   -0.895  1.00 11.87 ? 72  GLY A CA  1 
ATOM   510  C C   . GLY A 1 72  ? -7.461  5.123   -0.476  1.00 13.00 ? 72  GLY A C   1 
ATOM   511  O O   . GLY A 1 72  ? -7.007  4.456   0.423   1.00 13.17 ? 72  GLY A O   1 
ATOM   512  N N   . CYS A 1 73  ? -8.662  4.954   -0.966  1.00 11.76 ? 73  CYS A N   1 
ATOM   513  C CA  . CYS A 1 73  ? -9.474  3.801   -0.560  1.00 12.16 ? 73  CYS A CA  1 
ATOM   514  C C   . CYS A 1 73  ? -10.386 3.378   -1.699  1.00 10.33 ? 73  CYS A C   1 
ATOM   515  O O   . CYS A 1 73  ? -10.744 4.135   -2.602  1.00 11.81 ? 73  CYS A O   1 
ATOM   516  C CB  . CYS A 1 73  ? -10.241 4.069   0.733   1.00 13.60 ? 73  CYS A CB  1 
ATOM   517  S SG  . CYS A 1 73  ? -11.798 5.010   0.617   1.00 16.45 ? 73  CYS A SG  1 
ATOM   518  N N   . PHE A 1 74  ? -10.812 2.131   -1.590  1.00 9.37  ? 74  PHE A N   1 
ATOM   519  C CA  . PHE A 1 74  ? -12.056 1.689   -2.226  1.00 10.29 ? 74  PHE A CA  1 
ATOM   520  C C   . PHE A 1 74  ? -13.104 1.419   -1.157  1.00 10.23 ? 74  PHE A C   1 
ATOM   521  O O   . PHE A 1 74  ? -12.773 1.070   0.012   1.00 9.72  ? 74  PHE A O   1 
ATOM   522  C CB  . PHE A 1 74  ? -11.906 0.390   -3.024  1.00 9.23  ? 74  PHE A CB  1 
ATOM   523  C CG  . PHE A 1 74  ? -11.795 -0.901  -2.253  1.00 10.11 ? 74  PHE A CG  1 
ATOM   524  C CD1 . PHE A 1 74  ? -12.911 -1.592  -1.815  1.00 10.90 ? 74  PHE A CD1 1 
ATOM   525  C CD2 . PHE A 1 74  ? -10.553 -1.423  -1.944  1.00 10.87 ? 74  PHE A CD2 1 
ATOM   526  C CE1 . PHE A 1 74  ? -12.755 -2.768  -1.088  1.00 11.41 ? 74  PHE A CE1 1 
ATOM   527  C CE2 . PHE A 1 74  ? -10.425 -2.586  -1.219  1.00 11.45 ? 74  PHE A CE2 1 
ATOM   528  C CZ  . PHE A 1 74  ? -11.526 -3.293  -0.876  1.00 11.37 ? 74  PHE A CZ  1 
ATOM   529  N N   . THR A 1 75  ? -14.377 1.608   -1.502  1.00 11.32 ? 75  THR A N   1 
ATOM   530  C CA  . THR A 1 75  ? -15.522 1.199   -0.668  1.00 11.41 ? 75  THR A CA  1 
ATOM   531  C C   . THR A 1 75  ? -16.582 0.606   -1.569  1.00 11.57 ? 75  THR A C   1 
ATOM   532  O O   . THR A 1 75  ? -16.705 1.019   -2.740  1.00 11.72 ? 75  THR A O   1 
ATOM   533  C CB  . THR A 1 75  ? -16.091 2.339   0.189   1.00 11.40 ? 75  THR A CB  1 
ATOM   534  O OG1 . THR A 1 75  ? -16.594 3.334   -0.697  1.00 10.95 ? 75  THR A OG1 1 
ATOM   535  C CG2 . THR A 1 75  ? -15.088 2.936   1.147   1.00 12.92 ? 75  THR A CG2 1 
ATOM   536  N N   . TYR A 1 76  ? -17.360 -0.310  -1.005  1.00 12.30 ? 76  TYR A N   1 
ATOM   537  C CA  . TYR A 1 76  ? -18.528 -0.879  -1.703  1.00 12.05 ? 76  TYR A CA  1 
ATOM   538  C C   . TYR A 1 76  ? -19.685 0.128   -1.659  1.00 12.82 ? 76  TYR A C   1 
ATOM   539  O O   . TYR A 1 76  ? -19.689 1.088   -0.811  1.00 13.44 ? 76  TYR A O   1 
ATOM   540  C CB  . TYR A 1 76  ? -18.955 -2.182  -1.031  1.00 12.37 ? 76  TYR A CB  1 
ATOM   541  C CG  . TYR A 1 76  ? -17.887 -3.253  -1.150  1.00 12.35 ? 76  TYR A CG  1 
ATOM   542  C CD1 . TYR A 1 76  ? -17.584 -3.829  -2.370  1.00 12.46 ? 76  TYR A CD1 1 
ATOM   543  C CD2 . TYR A 1 76  ? -17.216 -3.727  -0.042  1.00 11.50 ? 76  TYR A CD2 1 
ATOM   544  C CE1 . TYR A 1 76  ? -16.567 -4.754  -2.486  1.00 11.76 ? 76  TYR A CE1 1 
ATOM   545  C CE2 . TYR A 1 76  ? -16.252 -4.715  -0.141  1.00 12.09 ? 76  TYR A CE2 1 
ATOM   546  C CZ  . TYR A 1 76  ? -15.895 -5.200  -1.377  1.00 11.45 ? 76  TYR A CZ  1 
ATOM   547  O OH  . TYR A 1 76  ? -14.941 -6.184  -1.424  1.00 13.15 ? 76  TYR A OH  1 
ATOM   548  N N   . SER A 1 77  ? -20.645 -0.076  -2.541  1.00 12.61 ? 77  SER A N   1 
ATOM   549  C CA  . SER A 1 77  ? -21.816 0.818   -2.739  1.00 13.13 ? 77  SER A CA  1 
ATOM   550  C C   . SER A 1 77  ? -23.075 0.243   -2.100  1.00 14.39 ? 77  SER A C   1 
ATOM   551  O O   . SER A 1 77  ? -24.120 0.866   -2.282  1.00 16.12 ? 77  SER A O   1 
ATOM   552  C CB  . SER A 1 77  ? -21.996 1.103   -4.202  1.00 13.06 ? 77  SER A CB  1 
ATOM   553  O OG  . SER A 1 77  ? -20.851 1.845   -4.694  1.00 13.84 ? 77  SER A OG  1 
ATOM   554  N N   . SER A 1 78  ? -22.942 -0.760  -1.246  1.00 13.70 ? 78  SER A N   1 
ATOM   555  C CA  . SER A 1 78  ? -24.056 -1.429  -0.533  1.00 15.77 ? 78  SER A CA  1 
ATOM   556  C C   . SER A 1 78  ? -23.643 -1.559  0.916   1.00 15.01 ? 78  SER A C   1 
ATOM   557  O O   . SER A 1 78  ? -22.444 -1.700  1.191   1.00 15.61 ? 78  SER A O   1 
ATOM   558  C CB  . SER A 1 78  ? -24.379 -2.755  -1.104  1.00 20.15 ? 78  SER A CB  1 
ATOM   559  O OG  . SER A 1 78  ? -24.925 -2.551  -2.381  1.00 21.98 ? 78  SER A OG  1 
ATOM   560  N N   . LYS A 1 79  ? -24.601 -1.490  1.836   1.00 14.36 ? 79  LYS A N   1 
ATOM   561  C CA  . LYS A 1 79  ? -24.290 -1.520  3.265   1.00 15.78 ? 79  LYS A CA  1 
ATOM   562  C C   . LYS A 1 79  ? -23.594 -2.841  3.597   1.00 14.71 ? 79  LYS A C   1 
ATOM   563  O O   . LYS A 1 79  ? -22.583 -2.813  4.316   1.00 15.06 ? 79  LYS A O   1 
ATOM   564  C CB  . LYS A 1 79  ? -25.570 -1.316  4.093   1.00 17.32 ? 79  LYS A CB  1 
ATOM   565  C CG  . LYS A 1 79  ? -25.252 -1.383  5.575   1.00 19.25 ? 79  LYS A CG  1 
ATOM   566  C CD  . LYS A 1 79  ? -26.401 -1.101  6.525   1.00 20.13 ? 79  LYS A CD  1 
ATOM   567  C CE  . LYS A 1 79  ? -25.856 -0.736  7.888   1.00 24.65 ? 79  LYS A CE  1 
ATOM   568  N NZ  . LYS A 1 79  ? -25.325 -1.938  8.584   1.00 27.08 ? 79  LYS A NZ  1 
ATOM   569  N N   . VAL A 1 80  ? -24.187 -3.958  3.186   1.00 15.36 ? 80  VAL A N   1 
ATOM   570  C CA  . VAL A 1 80  ? -23.557 -5.298  3.298   1.00 17.67 ? 80  VAL A CA  1 
ATOM   571  C C   . VAL A 1 80  ? -23.681 -5.926  1.918   1.00 17.94 ? 80  VAL A C   1 
ATOM   572  O O   . VAL A 1 80  ? -24.738 -6.431  1.534   1.00 22.35 ? 80  VAL A O   1 
ATOM   573  C CB  . VAL A 1 80  ? -24.226 -6.137  4.397   1.00 20.19 ? 80  VAL A CB  1 
ATOM   574  C CG1 . VAL A 1 80  ? -23.354 -7.313  4.746   1.00 21.47 ? 80  VAL A CG1 1 
ATOM   575  C CG2 . VAL A 1 80  ? -24.538 -5.338  5.664   1.00 21.08 ? 80  VAL A CG2 1 
ATOM   576  N N   . PRO A 1 81  ? -22.616 -5.844  1.091   1.00 17.53 ? 81  PRO A N   1 
ATOM   577  C CA  . PRO A 1 81  ? -22.662 -6.436  -0.239  1.00 19.06 ? 81  PRO A CA  1 
ATOM   578  C C   . PRO A 1 81  ? -23.067 -7.918  -0.221  1.00 18.44 ? 81  PRO A C   1 
ATOM   579  O O   . PRO A 1 81  ? -22.692 -8.632  0.690   1.00 19.89 ? 81  PRO A O   1 
ATOM   580  C CB  . PRO A 1 81  ? -21.228 -6.288  -0.739  1.00 17.52 ? 81  PRO A CB  1 
ATOM   581  C CG  . PRO A 1 81  ? -20.639 -5.201  0.097   1.00 18.78 ? 81  PRO A CG  1 
ATOM   582  C CD  . PRO A 1 81  ? -21.328 -5.205  1.432   1.00 16.76 ? 81  PRO A CD  1 
ATOM   583  N N   . GLU A 1 82  ? -23.836 -8.289  -1.249  1.00 18.72 ? 82  GLU A N   1 
ATOM   584  C CA  . GLU A 1 82  ? -24.287 -9.669  -1.607  1.00 20.76 ? 82  GLU A CA  1 
ATOM   585  C C   . GLU A 1 82  ? -23.062 -10.581 -1.559  1.00 20.75 ? 82  GLU A C   1 
ATOM   586  O O   . GLU A 1 82  ? -23.054 -11.634 -0.891  1.00 23.34 ? 82  GLU A O   1 
ATOM   587  C CB  . GLU A 1 82  ? -24.852 -9.593  -3.031  1.00 25.65 ? 82  GLU A CB  1 
ATOM   588  C CG  . GLU A 1 82  ? -26.120 -10.362 -3.380  1.00 29.15 ? 82  GLU A CG  1 
ATOM   589  C CD  . GLU A 1 82  ? -26.709 -10.009 -4.749  1.00 27.01 ? 82  GLU A CD  1 
ATOM   590  O OE1 . GLU A 1 82  ? -27.268 -8.866  -4.874  1.00 33.23 ? 82  GLU A OE1 1 
ATOM   591  O OE2 . GLU A 1 82  ? -26.667 -10.862 -5.681  1.00 19.15 ? 82  GLU A OE2 1 
ATOM   592  N N   . SER A 1 83  ? -22.003 -10.140 -2.231  1.00 17.19 ? 83  SER A N   1 
ATOM   593  C CA  . SER A 1 83  ? -20.669 -10.750 -2.168  1.00 18.75 ? 83  SER A CA  1 
ATOM   594  C C   . SER A 1 83  ? -19.720 -9.562  -2.144  1.00 16.08 ? 83  SER A C   1 
ATOM   595  O O   . SER A 1 83  ? -20.023 -8.508  -2.778  1.00 16.05 ? 83  SER A O   1 
ATOM   596  C CB  . SER A 1 83  ? -20.418 -11.666 -3.325  1.00 22.19 ? 83  SER A CB  1 
ATOM   597  O OG  . SER A 1 83  ? -19.044 -12.054 -3.435  1.00 25.62 ? 83  SER A OG  1 
ATOM   598  N N   . THR A 1 84  ? -18.633 -9.670  -1.426  1.00 15.70 ? 84  THR A N   1 
ATOM   599  C CA  . THR A 1 84  ? -17.649 -8.576  -1.283  1.00 15.40 ? 84  THR A CA  1 
ATOM   600  C C   . THR A 1 84  ? -16.648 -8.783  -2.430  1.00 16.98 ? 84  THR A C   1 
ATOM   601  O O   . THR A 1 84  ? -15.665 -9.568  -2.278  1.00 15.82 ? 84  THR A O   1 
ATOM   602  C CB  . THR A 1 84  ? -17.001 -8.559  0.104   1.00 15.78 ? 84  THR A CB  1 
ATOM   603  O OG1 . THR A 1 84  ? -16.402 -9.844  0.291   1.00 17.10 ? 84  THR A OG1 1 
ATOM   604  C CG2 . THR A 1 84  ? -18.008 -8.259  1.200   1.00 17.19 ? 84  THR A CG2 1 
ATOM   605  N N   . GLY A 1 85  ? -16.982 -8.204  -3.578  1.00 14.04 ? 85  GLY A N   1 
ATOM   606  C CA  . GLY A 1 85  ? -16.228 -8.378  -4.840  1.00 11.94 ? 85  GLY A CA  1 
ATOM   607  C C   . GLY A 1 85  ? -14.837 -7.827  -4.761  1.00 11.15 ? 85  GLY A C   1 
ATOM   608  O O   . GLY A 1 85  ? -14.485 -7.104  -3.824  1.00 11.98 ? 85  GLY A O   1 
ATOM   609  N N   . ARG A 1 86  ? -14.044 -8.268  -5.715  1.00 10.48 ? 86  ARG A N   1 
ATOM   610  C CA  . ARG A 1 86  ? -12.632 -7.891  -5.812  1.00 10.53 ? 86  ARG A CA  1 
ATOM   611  C C   . ARG A 1 86  ? -12.551 -6.478  -6.426  1.00 10.43 ? 86  ARG A C   1 
ATOM   612  O O   . ARG A 1 86  ? -13.061 -6.293  -7.551  1.00 11.73 ? 86  ARG A O   1 
ATOM   613  C CB  . ARG A 1 86  ? -11.855 -8.976  -6.574  1.00 11.31 ? 86  ARG A CB  1 
ATOM   614  C CG  . ARG A 1 86  ? -11.858 -10.371 -5.926  1.00 10.95 ? 86  ARG A CG  1 
ATOM   615  C CD  . ARG A 1 86  ? -11.594 -10.318 -4.438  1.00 12.02 ? 86  ARG A CD  1 
ATOM   616  N NE  . ARG A 1 86  ? -11.627 -11.672 -3.896  1.00 14.16 ? 86  ARG A NE  1 
ATOM   617  C CZ  . ARG A 1 86  ? -10.573 -12.369 -3.528  1.00 14.45 ? 86  ARG A CZ  1 
ATOM   618  N NH1 . ARG A 1 86  ? -9.369  -11.829 -3.500  1.00 15.36 ? 86  ARG A NH1 1 
ATOM   619  N NH2 . ARG A 1 86  ? -10.720 -13.619 -3.103  1.00 15.57 ? 86  ARG A NH2 1 
ATOM   620  N N   . MET A 1 87  ? -11.911 -5.573  -5.689  1.00 11.11 ? 87  MET A N   1 
ATOM   621  C CA  . MET A 1 87  ? -11.886 -4.112  -5.999  1.00 12.08 ? 87  MET A CA  1 
ATOM   622  C C   . MET A 1 87  ? -10.468 -3.640  -6.286  1.00 12.54 ? 87  MET A C   1 
ATOM   623  O O   . MET A 1 87  ? -9.738  -3.276  -5.386  1.00 14.10 ? 87  MET A O   1 
ATOM   624  C CB  . MET A 1 87  ? -12.435 -3.320  -4.805  1.00 12.65 ? 87  MET A CB  1 
ATOM   625  C CG  . MET A 1 87  ? -13.911 -3.642  -4.553  1.00 15.49 ? 87  MET A CG  1 
ATOM   626  S SD  . MET A 1 87  ? -15.036 -3.157  -5.879  1.00 19.25 ? 87  MET A SD  1 
ATOM   627  C CE  . MET A 1 87  ? -15.325 -1.448  -5.419  1.00 18.74 ? 87  MET A CE  1 
ATOM   628  N N   . PRO A 1 88  ? -9.994  -3.671  -7.555  1.00 11.82 ? 88  PRO A N   1 
ATOM   629  C CA  . PRO A 1 88  ? -8.613  -3.348  -7.843  1.00 11.92 ? 88  PRO A CA  1 
ATOM   630  C C   . PRO A 1 88  ? -8.219  -1.962  -7.347  1.00 12.42 ? 88  PRO A C   1 
ATOM   631  O O   . PRO A 1 88  ? -8.904  -1.033  -7.531  1.00 14.61 ? 88  PRO A O   1 
ATOM   632  C CB  . PRO A 1 88  ? -8.487  -3.481  -9.353  1.00 12.30 ? 88  PRO A CB  1 
ATOM   633  C CG  . PRO A 1 88  ? -9.606  -4.388  -9.781  1.00 12.85 ? 88  PRO A CG  1 
ATOM   634  C CD  . PRO A 1 88  ? -10.692 -4.227  -8.733  1.00 12.29 ? 88  PRO A CD  1 
ATOM   635  N N   . PHE A 1 89  ? -7.016  -1.885  -6.813  1.00 10.74 ? 89  PHE A N   1 
ATOM   636  C CA  . PHE A 1 89  ? -6.539  -0.625  -6.213  1.00 10.94 ? 89  PHE A CA  1 
ATOM   637  C C   . PHE A 1 89  ? -5.075  -0.362  -6.555  1.00 10.89 ? 89  PHE A C   1 
ATOM   638  O O   . PHE A 1 89  ? -4.207  -1.222  -6.359  1.00 11.85 ? 89  PHE A O   1 
ATOM   639  C CB  . PHE A 1 89  ? -6.744  -0.676  -4.702  1.00 10.70 ? 89  PHE A CB  1 
ATOM   640  C CG  . PHE A 1 89  ? -6.250  0.576   -4.016  1.00 11.23 ? 89  PHE A CG  1 
ATOM   641  C CD1 . PHE A 1 89  ? -4.899  0.736   -3.714  1.00 12.10 ? 89  PHE A CD1 1 
ATOM   642  C CD2 . PHE A 1 89  ? -7.115  1.627   -3.765  1.00 12.15 ? 89  PHE A CD2 1 
ATOM   643  C CE1 . PHE A 1 89  ? -4.437  1.936   -3.186  1.00 12.40 ? 89  PHE A CE1 1 
ATOM   644  C CE2 . PHE A 1 89  ? -6.664  2.800   -3.184  1.00 11.14 ? 89  PHE A CE2 1 
ATOM   645  C CZ  . PHE A 1 89  ? -5.318  2.947   -2.929  1.00 12.26 ? 89  PHE A CZ  1 
ATOM   646  N N   . THR A 1 90  ? -4.813  0.825   -7.068  1.00 10.25 ? 90  THR A N   1 
ATOM   647  C CA  . THR A 1 90  ? -3.451  1.320   -7.352  1.00 10.11 ? 90  THR A CA  1 
ATOM   648  C C   . THR A 1 90  ? -3.302  2.740   -6.801  1.00 8.82  ? 90  THR A C   1 
ATOM   649  O O   . THR A 1 90  ? -4.253  3.533   -6.889  1.00 9.34  ? 90  THR A O   1 
ATOM   650  C CB  . THR A 1 90  ? -3.147  1.215   -8.839  1.00 10.54 ? 90  THR A CB  1 
ATOM   651  O OG1 . THR A 1 90  ? -3.275  -0.154  -9.214  1.00 12.53 ? 90  THR A OG1 1 
ATOM   652  C CG2 . THR A 1 90  ? -1.734  1.657   -9.203  1.00 10.46 ? 90  THR A CG2 1 
ATOM   653  N N   . LEU A 1 91  ? -2.104  3.011   -6.301  1.00 9.89  ? 91  LEU A N   1 
ATOM   654  C CA  . LEU A 1 91  ? -1.751  4.305   -5.709  1.00 9.47  ? 91  LEU A CA  1 
ATOM   655  C C   . LEU A 1 91  ? -0.349  4.639   -6.207  1.00 9.03  ? 91  LEU A C   1 
ATOM   656  O O   . LEU A 1 91  ? 0.533   3.782   -6.137  1.00 9.70  ? 91  LEU A O   1 
ATOM   657  C CB  . LEU A 1 91  ? -1.856  4.226   -4.185  1.00 9.22  ? 91  LEU A CB  1 
ATOM   658  C CG  . LEU A 1 91  ? -1.472  5.474   -3.429  1.00 11.12 ? 91  LEU A CG  1 
ATOM   659  C CD1 . LEU A 1 91  ? -2.449  6.599   -3.692  1.00 10.86 ? 91  LEU A CD1 1 
ATOM   660  C CD2 . LEU A 1 91  ? -1.409  5.121   -1.981  1.00 12.17 ? 91  LEU A CD2 1 
ATOM   661  N N   . VAL A 1 92  ? -0.140  5.876   -6.616  1.00 9.38  ? 92  VAL A N   1 
ATOM   662  C CA  . VAL A 1 92  ? 1.127   6.325   -7.257  1.00 10.43 ? 92  VAL A CA  1 
ATOM   663  C C   . VAL A 1 92  ? 1.546   7.628   -6.590  1.00 11.18 ? 92  VAL A C   1 
ATOM   664  O O   . VAL A 1 92  ? 0.692   8.556   -6.576  1.00 12.14 ? 92  VAL A O   1 
ATOM   665  C CB  . VAL A 1 92  ? 0.985   6.519   -8.766  1.00 10.76 ? 92  VAL A CB  1 
ATOM   666  C CG1 . VAL A 1 92  ? 2.358   6.926   -9.322  1.00 10.94 ? 92  VAL A CG1 1 
ATOM   667  C CG2 . VAL A 1 92  ? 0.395   5.277   -9.411  1.00 10.71 ? 92  VAL A CG2 1 
ATOM   668  N N   . ALA A 1 93  ? 2.782   7.690   -6.105  1.00 12.47 ? 93  ALA A N   1 
ATOM   669  C CA  . ALA A 1 93  ? 3.306   8.890   -5.421  1.00 13.04 ? 93  ALA A CA  1 
ATOM   670  C C   . ALA A 1 93  ? 4.764   9.071   -5.766  1.00 13.96 ? 93  ALA A C   1 
ATOM   671  O O   . ALA A 1 93  ? 5.458   8.093   -6.029  1.00 15.31 ? 93  ALA A O   1 
ATOM   672  C CB  . ALA A 1 93  ? 3.182   8.820   -3.919  1.00 15.08 ? 93  ALA A CB  1 
ATOM   673  N N   . THR A 1 94  ? 5.223   10.314  -5.753  1.00 14.46 ? 94  THR A N   1 
ATOM   674  C CA  . THR A 1 94  ? 6.621   10.612  -6.122  1.00 15.63 ? 94  THR A CA  1 
ATOM   675  C C   . THR A 1 94  ? 7.200   11.314  -4.908  1.00 17.41 ? 94  THR A C   1 
ATOM   676  O O   . THR A 1 94  ? 6.613   12.304  -4.486  1.00 19.74 ? 94  THR A O   1 
ATOM   677  C CB  . THR A 1 94  ? 6.771   11.358  -7.456  1.00 18.56 ? 94  THR A CB  1 
ATOM   678  O OG1 . THR A 1 94  ? 6.271   10.536  -8.526  1.00 18.83 ? 94  THR A OG1 1 
ATOM   679  C CG2 . THR A 1 94  ? 8.212   11.660  -7.802  1.00 19.00 ? 94  THR A CG2 1 
ATOM   680  N N   . ILE A 1 95  ? 8.315   10.812  -4.401  1.00 18.97 ? 95  ILE A N   1 
ATOM   681  C CA  . ILE A 1 95  ? 8.913   11.340  -3.136  1.00 20.34 ? 95  ILE A CA  1 
ATOM   682  C C   . ILE A 1 95  ? 10.361  11.749  -3.382  1.00 18.02 ? 95  ILE A C   1 
ATOM   683  O O   . ILE A 1 95  ? 11.052  11.129  -4.184  1.00 16.74 ? 95  ILE A O   1 
ATOM   684  C CB  . ILE A 1 95  ? 8.799   10.349  -1.967  1.00 24.25 ? 95  ILE A CB  1 
ATOM   685  C CG1 . ILE A 1 95  ? 9.456   8.996   -2.252  1.00 24.77 ? 95  ILE A CG1 1 
ATOM   686  C CG2 . ILE A 1 95  ? 7.333   10.222  -1.581  1.00 26.91 ? 95  ILE A CG2 1 
ATOM   687  C CD1 . ILE A 1 95  ? 8.653   7.805   -1.718  1.00 26.56 ? 95  ILE A CD1 1 
ATOM   688  N N   . ASP A 1 96  ? 10.768  12.822  -2.711  1.00 20.50 ? 96  ASP A N   1 
ATOM   689  C CA  . ASP A 1 96  ? 12.166  13.302  -2.699  1.00 23.31 ? 96  ASP A CA  1 
ATOM   690  C C   . ASP A 1 96  ? 12.963  12.480  -1.685  1.00 23.92 ? 96  ASP A C   1 
ATOM   691  O O   . ASP A 1 96  ? 12.660  12.550  -0.482  1.00 24.05 ? 96  ASP A O   1 
ATOM   692  C CB  . ASP A 1 96  ? 12.272  14.781  -2.327  1.00 27.78 ? 96  ASP A CB  1 
ATOM   693  C CG  . ASP A 1 96  ? 13.592  15.404  -2.762  1.00 30.12 ? 96  ASP A CG  1 
ATOM   694  O OD1 . ASP A 1 96  ? 14.490  14.655  -3.178  1.00 33.82 ? 96  ASP A OD1 1 
ATOM   695  O OD2 . ASP A 1 96  ? 13.708  16.646  -2.693  1.00 40.02 ? 96  ASP A OD2 1 
ATOM   696  N N   . VAL A 1 97  ? 13.937  11.715  -2.145  1.00 22.28 ? 97  VAL A N   1 
ATOM   697  C CA  . VAL A 1 97  ? 14.783  10.899  -1.242  1.00 23.63 ? 97  VAL A CA  1 
ATOM   698  C C   . VAL A 1 97  ? 15.670  11.834  -0.420  1.00 27.99 ? 97  VAL A C   1 
ATOM   699  O O   . VAL A 1 97  ? 15.869  11.538  0.785   1.00 24.80 ? 97  VAL A O   1 
ATOM   700  C CB  . VAL A 1 97  ? 15.632  9.883   -2.013  1.00 22.48 ? 97  VAL A CB  1 
ATOM   701  C CG1 . VAL A 1 97  ? 16.621  9.172   -1.104  1.00 24.07 ? 97  VAL A CG1 1 
ATOM   702  C CG2 . VAL A 1 97  ? 14.773  8.881   -2.780  1.00 21.15 ? 97  VAL A CG2 1 
ATOM   703  N N   . GLY A 1 98  ? 16.208  12.882  -1.050  1.00 31.37 ? 98  GLY A N   1 
ATOM   704  C CA  . GLY A 1 98  ? 17.080  13.883  -0.387  1.00 35.13 ? 98  GLY A CA  1 
ATOM   705  C C   . GLY A 1 98  ? 16.551  14.302  0.985   1.00 37.85 ? 98  GLY A C   1 
ATOM   706  O O   . GLY A 1 98  ? 17.376  14.414  1.923   1.00 42.03 ? 98  GLY A O   1 
ATOM   707  N N   . SER A 1 99  ? 15.227  14.470  1.125   1.00 37.11 ? 99  SER A N   1 
ATOM   708  C CA  . SER A 1 99  ? 14.532  14.924  2.368   1.00 37.29 ? 99  SER A CA  1 
ATOM   709  C C   . SER A 1 99  ? 14.717  13.939  3.539   1.00 35.60 ? 99  SER A C   1 
ATOM   710  O O   . SER A 1 99  ? 14.187  14.258  4.634   1.00 38.08 ? 99  SER A O   1 
ATOM   711  C CB  . SER A 1 99  ? 13.055  15.165  2.118   1.00 36.66 ? 99  SER A CB  1 
ATOM   712  O OG  . SER A 1 99  ? 12.323  13.945  2.153   1.00 35.50 ? 99  SER A OG  1 
ATOM   713  N N   . GLY A 1 100 ? 15.390  12.791  3.335   1.00 35.83 ? 100 GLY A N   1 
ATOM   714  C CA  . GLY A 1 100 ? 15.760  11.828  4.397   1.00 29.49 ? 100 GLY A CA  1 
ATOM   715  C C   . GLY A 1 100 ? 14.966  10.518  4.348   1.00 31.19 ? 100 GLY A C   1 
ATOM   716  O O   . GLY A 1 100 ? 14.728  9.939   5.423   1.00 30.61 ? 100 GLY A O   1 
ATOM   717  N N   . VAL A 1 101 ? 14.582  10.037  3.165   1.00 26.63 ? 101 VAL A N   1 
ATOM   718  C CA  . VAL A 1 101 ? 13.799  8.770   3.018   1.00 23.08 ? 101 VAL A CA  1 
ATOM   719  C C   . VAL A 1 101 ? 14.788  7.618   3.097   1.00 20.87 ? 101 VAL A C   1 
ATOM   720  O O   . VAL A 1 101 ? 15.777  7.684   2.355   1.00 24.08 ? 101 VAL A O   1 
ATOM   721  C CB  . VAL A 1 101 ? 13.035  8.731   1.686   1.00 22.16 ? 101 VAL A CB  1 
ATOM   722  C CG1 . VAL A 1 101 ? 12.305  7.411   1.499   1.00 20.62 ? 101 VAL A CG1 1 
ATOM   723  C CG2 . VAL A 1 101 ? 12.078  9.900   1.577   1.00 21.86 ? 101 VAL A CG2 1 
ATOM   724  N N   . THR A 1 102 ? 14.536  6.615   3.946   1.00 19.82 ? 102 THR A N   1 
ATOM   725  C CA  . THR A 1 102 ? 15.347  5.368   4.027   1.00 19.87 ? 102 THR A CA  1 
ATOM   726  C C   . THR A 1 102 ? 14.547  4.098   3.700   1.00 18.62 ? 102 THR A C   1 
ATOM   727  O O   . THR A 1 102 ? 15.169  3.107   3.378   1.00 19.33 ? 102 THR A O   1 
ATOM   728  C CB  . THR A 1 102 ? 15.987  5.275   5.403   1.00 23.62 ? 102 THR A CB  1 
ATOM   729  O OG1 . THR A 1 102 ? 14.958  5.224   6.385   1.00 25.04 ? 102 THR A OG1 1 
ATOM   730  C CG2 . THR A 1 102 ? 16.881  6.463   5.631   1.00 26.91 ? 102 THR A CG2 1 
ATOM   731  N N   . PHE A 1 103 ? 13.214  4.081   3.823   1.00 16.11 ? 103 PHE A N   1 
ATOM   732  C CA  . PHE A 1 103 ? 12.424  2.917   3.376   1.00 17.32 ? 103 PHE A CA  1 
ATOM   733  C C   . PHE A 1 103 ? 11.106  3.462   2.845   1.00 14.33 ? 103 PHE A C   1 
ATOM   734  O O   . PHE A 1 103 ? 10.705  4.616   3.111   1.00 16.26 ? 103 PHE A O   1 
ATOM   735  C CB  . PHE A 1 103 ? 12.265  1.855   4.468   1.00 18.30 ? 103 PHE A CB  1 
ATOM   736  C CG  . PHE A 1 103 ? 11.485  2.282   5.686   1.00 18.81 ? 103 PHE A CG  1 
ATOM   737  C CD1 . PHE A 1 103 ? 10.104  2.404   5.600   1.00 20.91 ? 103 PHE A CD1 1 
ATOM   738  C CD2 . PHE A 1 103 ? 12.107  2.552   6.889   1.00 21.17 ? 103 PHE A CD2 1 
ATOM   739  C CE1 . PHE A 1 103 ? 9.357   2.756   6.715   1.00 22.98 ? 103 PHE A CE1 1 
ATOM   740  C CE2 . PHE A 1 103 ? 11.358  2.911   7.993   1.00 23.11 ? 103 PHE A CE2 1 
ATOM   741  C CZ  . PHE A 1 103 ? 9.997   3.034   7.899   1.00 21.10 ? 103 PHE A CZ  1 
ATOM   742  N N   . VAL A 1 104 ? 10.449  2.593   2.082   1.00 13.56 ? 104 VAL A N   1 
ATOM   743  C CA  . VAL A 1 104 ? 9.075   2.812   1.545   1.00 13.90 ? 104 VAL A CA  1 
ATOM   744  C C   . VAL A 1 104 ? 8.250   1.575   1.836   1.00 13.29 ? 104 VAL A C   1 
ATOM   745  O O   . VAL A 1 104 ? 8.748   0.420   1.699   1.00 12.93 ? 104 VAL A O   1 
ATOM   746  C CB  . VAL A 1 104 ? 9.108   3.104   0.030   1.00 15.20 ? 104 VAL A CB  1 
ATOM   747  C CG1 . VAL A 1 104 ? 7.693   3.415   -0.473  1.00 16.86 ? 104 VAL A CG1 1 
ATOM   748  C CG2 . VAL A 1 104 ? 10.029  4.267   -0.284  1.00 16.60 ? 104 VAL A CG2 1 
ATOM   749  N N   . LYS A 1 105 ? 7.012   1.774   2.298   1.00 12.97 ? 105 LYS A N   1 
ATOM   750  C CA  . LYS A 1 105 ? 6.177   0.609   2.590   1.00 14.05 ? 105 LYS A CA  1 
ATOM   751  C C   . LYS A 1 105 ? 4.755   0.878   2.184   1.00 13.51 ? 105 LYS A C   1 
ATOM   752  O O   . LYS A 1 105 ? 4.372   2.051   2.090   1.00 13.06 ? 105 LYS A O   1 
ATOM   753  C CB  . LYS A 1 105 ? 6.291   0.216   4.061   1.00 18.41 ? 105 LYS A CB  1 
ATOM   754  C CG  . LYS A 1 105 ? 5.964   1.293   5.042   1.00 20.82 ? 105 LYS A CG  1 
ATOM   755  C CD  . LYS A 1 105 ? 6.500   0.947   6.411   0.60 21.02 ? 105 LYS A CD  1 
ATOM   756  C CE  . LYS A 1 105 ? 6.021   1.918   7.459   0.60 21.80 ? 105 LYS A CE  1 
ATOM   757  N NZ  . LYS A 1 105 ? 6.097   1.299   8.802   0.60 23.42 ? 105 LYS A NZ  1 
ATOM   758  N N   . GLY A 1 106 ? 4.013   -0.185  1.924   1.00 11.59 ? 106 GLY A N   1 
ATOM   759  C CA  . GLY A 1 106 ? 2.545   -0.104  1.805   1.00 10.69 ? 106 GLY A CA  1 
ATOM   760  C C   . GLY A 1 106 ? 1.913   -0.302  3.185   1.00 10.58 ? 106 GLY A C   1 
ATOM   761  O O   . GLY A 1 106 ? 2.374   -1.172  3.977   1.00 11.24 ? 106 GLY A O   1 
ATOM   762  N N   . GLN A 1 107 ? 0.831   0.402   3.453   1.00 11.76 ? 107 GLN A N   1 
ATOM   763  C CA  . GLN A 1 107 ? 0.068   0.265   4.698   1.00 11.95 ? 107 GLN A CA  1 
ATOM   764  C C   . GLN A 1 107 ? -1.400  0.207   4.371   1.00 10.67 ? 107 GLN A C   1 
ATOM   765  O O   . GLN A 1 107 ? -1.822  0.590   3.238   1.00 10.38 ? 107 GLN A O   1 
ATOM   766  C CB  . GLN A 1 107 ? 0.324   1.422   5.674   1.00 12.69 ? 107 GLN A CB  1 
ATOM   767  C CG  . GLN A 1 107 ? 1.793   1.630   6.006   1.00 13.29 ? 107 GLN A CG  1 
ATOM   768  C CD  . GLN A 1 107 ? 1.969   2.680   7.066   1.00 14.44 ? 107 GLN A CD  1 
ATOM   769  O OE1 . GLN A 1 107 ? 1.395   3.764   6.984   1.00 13.60 ? 107 GLN A OE1 1 
ATOM   770  N NE2 . GLN A 1 107 ? 2.638   2.284   8.126   1.00 19.35 ? 107 GLN A NE2 1 
ATOM   771  N N   . TRP A 1 108 ? -2.198  -0.284  5.299   1.00 10.01 ? 108 TRP A N   1 
ATOM   772  C CA  . TRP A 1 108 ? -3.658  -0.344  5.126   1.00 10.38 ? 108 TRP A CA  1 
ATOM   773  C C   . TRP A 1 108 ? -4.364  -0.038  6.448   1.00 10.98 ? 108 TRP A C   1 
ATOM   774  O O   . TRP A 1 108 ? -3.772  -0.186  7.513   1.00 10.67 ? 108 TRP A O   1 
ATOM   775  C CB  . TRP A 1 108 ? -4.182  -1.637  4.459   1.00 10.42 ? 108 TRP A CB  1 
ATOM   776  C CG  . TRP A 1 108 ? -3.780  -2.941  5.086   1.00 10.41 ? 108 TRP A CG  1 
ATOM   777  C CD1 . TRP A 1 108 ? -3.040  -3.140  6.209   1.00 10.49 ? 108 TRP A CD1 1 
ATOM   778  C CD2 . TRP A 1 108 ? -4.189  -4.239  4.625   1.00 10.93 ? 108 TRP A CD2 1 
ATOM   779  N NE1 . TRP A 1 108 ? -2.972  -4.494  6.478   1.00 11.36 ? 108 TRP A NE1 1 
ATOM   780  C CE2 . TRP A 1 108 ? -3.656  -5.193  5.523   1.00 11.91 ? 108 TRP A CE2 1 
ATOM   781  C CE3 . TRP A 1 108 ? -4.942  -4.675  3.543   1.00 10.63 ? 108 TRP A CE3 1 
ATOM   782  C CZ2 . TRP A 1 108 ? -3.794  -6.579  5.322   1.00 12.07 ? 108 TRP A CZ2 1 
ATOM   783  C CZ3 . TRP A 1 108 ? -5.054  -6.032  3.329   1.00 13.28 ? 108 TRP A CZ3 1 
ATOM   784  C CH2 . TRP A 1 108 ? -4.545  -6.965  4.234   1.00 12.48 ? 108 TRP A CH2 1 
ATOM   785  N N   . LYS A 1 109 ? -5.638  0.295   6.353   1.00 11.29 ? 109 LYS A N   1 
ATOM   786  C CA  . LYS A 1 109 ? -6.497  0.750   7.479   1.00 11.44 ? 109 LYS A CA  1 
ATOM   787  C C   . LYS A 1 109 ? -7.939  0.418   7.136   1.00 12.17 ? 109 LYS A C   1 
ATOM   788  O O   . LYS A 1 109 ? -8.331  0.502   5.952   1.00 11.64 ? 109 LYS A O   1 
ATOM   789  C CB  . LYS A 1 109 ? -6.370  2.274   7.616   1.00 14.19 ? 109 LYS A CB  1 
ATOM   790  C CG  . LYS A 1 109 ? -7.249  2.921   8.671   1.00 15.88 ? 109 LYS A CG  1 
ATOM   791  C CD  . LYS A 1 109 ? -6.844  4.355   8.853   1.00 16.71 ? 109 LYS A CD  1 
ATOM   792  C CE  . LYS A 1 109 ? -7.388  5.200   7.750   0.60 16.23 ? 109 LYS A CE  1 
ATOM   793  N NZ  . LYS A 1 109 ? -7.249  6.633   8.078   0.60 16.29 ? 109 LYS A NZ  1 
ATOM   794  N N   . SER A 1 110 ? -8.693  -0.070  8.092   1.00 12.02 ? 110 SER A N   1 
ATOM   795  C CA  . SER A 1 110 ? -10.086 -0.476  7.858   1.00 12.10 ? 110 SER A CA  1 
ATOM   796  C C   . SER A 1 110 ? -10.953 0.739   7.523   1.00 12.53 ? 110 SER A C   1 
ATOM   797  O O   . SER A 1 110 ? -10.793 1.793   8.127   1.00 14.99 ? 110 SER A O   1 
ATOM   798  C CB  . SER A 1 110 ? -10.655 -1.170  9.076   1.00 13.49 ? 110 SER A CB  1 
ATOM   799  O OG  . SER A 1 110 ? -9.940  -2.377  9.368   1.00 14.18 ? 110 SER A OG  1 
ATOM   800  N N   . VAL A 1 111 ? -11.942 0.552   6.649   1.00 11.63 ? 111 VAL A N   1 
ATOM   801  C CA  . VAL A 1 111 ? -13.105 1.466   6.556   1.00 12.93 ? 111 VAL A CA  1 
ATOM   802  C C   . VAL A 1 111 ? -14.214 0.882   7.422   1.00 12.33 ? 111 VAL A C   1 
ATOM   803  O O   . VAL A 1 111 ? -14.629 -0.292  7.199   1.00 14.30 ? 111 VAL A O   1 
ATOM   804  C CB  . VAL A 1 111 ? -13.569 1.630   5.114   1.00 12.26 ? 111 VAL A CB  1 
ATOM   805  C CG1 . VAL A 1 111 ? -14.770 2.564   5.048   1.00 13.18 ? 111 VAL A CG1 1 
ATOM   806  C CG2 . VAL A 1 111 ? -12.442 2.152   4.236   1.00 14.19 ? 111 VAL A CG2 1 
ATOM   807  N N   . ARG A 1 112 ? -14.683 1.644   8.409   1.00 14.14 ? 112 ARG A N   1 
ATOM   808  C CA  . ARG A 1 112 ? -15.846 1.229   9.235   1.00 13.46 ? 112 ARG A CA  1 
ATOM   809  C C   . ARG A 1 112 ? -15.669 -0.211  9.737   1.00 13.65 ? 112 ARG A C   1 
ATOM   810  O O   . ARG A 1 112 ? -16.570 -0.993  9.601   1.00 14.97 ? 112 ARG A O   1 
ATOM   811  C CB  . ARG A 1 112 ? -17.115 1.424   8.423   1.00 14.69 ? 112 ARG A CB  1 
ATOM   812  C CG  . ARG A 1 112 ? -17.396 2.902   8.206   1.00 15.52 ? 112 ARG A CG  1 
ATOM   813  C CD  . ARG A 1 112 ? -18.656 3.167   7.453   1.00 17.07 ? 112 ARG A CD  1 
ATOM   814  N NE  . ARG A 1 112 ? -18.463 2.874   6.040   1.00 15.86 ? 112 ARG A NE  1 
ATOM   815  C CZ  . ARG A 1 112 ? -18.058 3.743   5.113   1.00 15.36 ? 112 ARG A CZ  1 
ATOM   816  N NH1 . ARG A 1 112 ? -17.789 5.000   5.423   1.00 17.63 ? 112 ARG A NH1 1 
ATOM   817  N NH2 . ARG A 1 112 ? -17.910 3.353   3.863   1.00 15.63 ? 112 ARG A NH2 1 
ATOM   818  N N   . GLY A 1 113 ? -14.505 -0.528  10.281  1.00 14.66 ? 113 GLY A N   1 
ATOM   819  C CA  . GLY A 1 113 ? -14.336 -1.800  11.000  1.00 14.69 ? 113 GLY A CA  1 
ATOM   820  C C   . GLY A 1 113 ? -14.106 -3.007  10.101  1.00 15.23 ? 113 GLY A C   1 
ATOM   821  O O   . GLY A 1 113 ? -14.037 -4.159  10.623  1.00 17.78 ? 113 GLY A O   1 
ATOM   822  N N   . SER A 1 114 ? -13.884 -2.775  8.801   1.00 12.98 ? 114 SER A N   1 
ATOM   823  C CA  . SER A 1 114 ? -13.738 -3.878  7.828   1.00 13.36 ? 114 SER A CA  1 
ATOM   824  C C   . SER A 1 114 ? -12.519 -4.750  8.154   1.00 13.86 ? 114 SER A C   1 
ATOM   825  O O   . SER A 1 114 ? -11.430 -4.224  8.463   1.00 13.19 ? 114 SER A O   1 
ATOM   826  C CB  . SER A 1 114 ? -13.519 -3.325  6.425   1.00 12.15 ? 114 SER A CB  1 
ATOM   827  O OG  . SER A 1 114 ? -14.700 -2.625  5.925   1.00 14.60 ? 114 SER A OG  1 
ATOM   828  N N   . ALA A 1 115 ? -12.669 -6.057  7.989   1.00 13.25 ? 115 ALA A N   1 
ATOM   829  C CA  . ALA A 1 115 ? -11.506 -6.942  7.889   1.00 13.31 ? 115 ALA A CA  1 
ATOM   830  C C   . ALA A 1 115 ? -10.942 -6.807  6.466   1.00 11.41 ? 115 ALA A C   1 
ATOM   831  O O   . ALA A 1 115 ? -11.695 -6.785  5.513   1.00 14.58 ? 115 ALA A O   1 
ATOM   832  C CB  . ALA A 1 115 ? -11.904 -8.344  8.192   1.00 12.92 ? 115 ALA A CB  1 
ATOM   833  N N   . MET A 1 116 ? -9.648  -6.936  6.411   1.00 11.52 ? 116 MET A N   1 
ATOM   834  C CA  . MET A 1 116 ? -8.861  -6.573  5.208   1.00 12.53 ? 116 MET A CA  1 
ATOM   835  C C   . MET A 1 116 ? -8.232  -7.822  4.624   1.00 11.95 ? 116 MET A C   1 
ATOM   836  O O   . MET A 1 116 ? -7.489  -8.557  5.351   1.00 11.07 ? 116 MET A O   1 
ATOM   837  C CB  . MET A 1 116 ? -7.825  -5.518  5.553   1.00 13.39 ? 116 MET A CB  1 
ATOM   838  C CG  . MET A 1 116 ? -8.439  -4.253  6.195   1.00 13.09 ? 116 MET A CG  1 
ATOM   839  S SD  . MET A 1 116 ? -7.295  -2.901  6.296   1.00 14.14 ? 116 MET A SD  1 
ATOM   840  C CE  . MET A 1 116 ? -6.247  -3.428  7.653   1.00 15.79 ? 116 MET A CE  1 
ATOM   841  N N   . HIS A 1 117 ? -8.484  -8.052  3.348   1.00 12.26 ? 117 HIS A N   1 
ATOM   842  C CA  . HIS A 1 117 ? -8.119  -9.334  2.693   1.00 12.05 ? 117 HIS A CA  1 
ATOM   843  C C   . HIS A 1 117 ? -7.223  -9.135  1.463   1.00 11.21 ? 117 HIS A C   1 
ATOM   844  O O   . HIS A 1 117 ? -7.686  -8.544  0.451   1.00 11.86 ? 117 HIS A O   1 
ATOM   845  C CB  . HIS A 1 117 ? -9.381  -10.069 2.292   1.00 11.82 ? 117 HIS A CB  1 
ATOM   846  C CG  . HIS A 1 117 ? -10.281 -10.471 3.403   1.00 14.57 ? 117 HIS A CG  1 
ATOM   847  N ND1 . HIS A 1 117 ? -10.267 -11.785 3.908   1.00 15.70 ? 117 HIS A ND1 1 
ATOM   848  C CD2 . HIS A 1 117 ? -11.177 -9.775  4.141   1.00 16.54 ? 117 HIS A CD2 1 
ATOM   849  C CE1 . HIS A 1 117 ? -11.162 -11.832 4.899   1.00 17.08 ? 117 HIS A CE1 1 
ATOM   850  N NE2 . HIS A 1 117 ? -11.729 -10.644 5.040   1.00 15.27 ? 117 HIS A NE2 1 
ATOM   851  N N   . ILE A 1 118 ? -6.021  -9.700  1.528   1.00 12.14 ? 118 ILE A N   1 
ATOM   852  C CA  . ILE A 1 118 ? -5.154  -9.963  0.344   1.00 11.87 ? 118 ILE A CA  1 
ATOM   853  C C   . ILE A 1 118 ? -4.886  -11.456 0.316   1.00 11.68 ? 118 ILE A C   1 
ATOM   854  O O   . ILE A 1 118 ? -4.345  -11.991 1.317   1.00 13.31 ? 118 ILE A O   1 
ATOM   855  C CB  . ILE A 1 118 ? -3.863  -9.133  0.379   1.00 12.14 ? 118 ILE A CB  1 
ATOM   856  C CG1 . ILE A 1 118 ? -4.167  -7.634  0.236   1.00 11.24 ? 118 ILE A CG1 1 
ATOM   857  C CG2 . ILE A 1 118 ? -2.879  -9.665  -0.655  1.00 12.24 ? 118 ILE A CG2 1 
ATOM   858  C CD1 . ILE A 1 118 ? -2.986  -6.785  0.527   1.00 11.93 ? 118 ILE A CD1 1 
ATOM   859  N N   . ASP A 1 119 ? -5.334  -12.124 -0.736  1.00 10.57 ? 119 ASP A N   1 
ATOM   860  C CA  . ASP A 1 119 ? -5.079  -13.585 -0.848  1.00 11.02 ? 119 ASP A CA  1 
ATOM   861  C C   . ASP A 1 119 ? -4.481  -13.927 -2.202  1.00 11.86 ? 119 ASP A C   1 
ATOM   862  O O   . ASP A 1 119 ? -4.528  -15.098 -2.645  1.00 12.66 ? 119 ASP A O   1 
ATOM   863  C CB  . ASP A 1 119 ? -6.335  -14.404 -0.614  1.00 12.59 ? 119 ASP A CB  1 
ATOM   864  C CG  . ASP A 1 119 ? -7.396  -14.187 -1.653  1.00 13.74 ? 119 ASP A CG  1 
ATOM   865  O OD1 . ASP A 1 119 ? -7.162  -13.377 -2.560  1.00 12.76 ? 119 ASP A OD1 1 
ATOM   866  O OD2 . ASP A 1 119 ? -8.497  -14.829 -1.520  1.00 16.06 ? 119 ASP A OD2 1 
ATOM   867  N N   . SER A 1 120 ? -3.884  -12.941 -2.847  1.00 10.87 ? 120 SER A N   1 
ATOM   868  C CA  . SER A 1 120 ? -3.239  -13.170 -4.151  1.00 11.19 ? 120 SER A CA  1 
ATOM   869  C C   . SER A 1 120 ? -2.235  -12.039 -4.351  1.00 10.16 ? 120 SER A C   1 
ATOM   870  O O   . SER A 1 120 ? -2.112  -11.177 -3.490  1.00 10.24 ? 120 SER A O   1 
ATOM   871  C CB  . SER A 1 120 ? -4.257  -13.279 -5.246  1.00 12.34 ? 120 SER A CB  1 
ATOM   872  O OG  . SER A 1 120 ? -5.001  -12.090 -5.441  1.00 11.50 ? 120 SER A OG  1 
ATOM   873  N N   . TYR A 1 121 ? -1.598  -12.038 -5.501  1.00 8.54  ? 121 TYR A N   1 
ATOM   874  C CA  . TYR A 1 121 ? -0.499  -11.121 -5.829  1.00 8.78  ? 121 TYR A CA  1 
ATOM   875  C C   . TYR A 1 121 ? -0.832  -9.671  -5.454  1.00 9.17  ? 121 TYR A C   1 
ATOM   876  O O   . TYR A 1 121 ? -1.862  -9.130  -5.772  1.00 9.87  ? 121 TYR A O   1 
ATOM   877  C CB  . TYR A 1 121 ? -0.205  -11.197 -7.308  1.00 9.82  ? 121 TYR A CB  1 
ATOM   878  C CG  . TYR A 1 121 ? 0.942   -10.300 -7.710  1.00 9.69  ? 121 TYR A CG  1 
ATOM   879  C CD1 . TYR A 1 121 ? 2.270   -10.733 -7.735  1.00 10.94 ? 121 TYR A CD1 1 
ATOM   880  C CD2 . TYR A 1 121 ? 0.676   -9.043  -8.233  1.00 10.54 ? 121 TYR A CD2 1 
ATOM   881  C CE1 . TYR A 1 121 ? 3.300   -9.885  -8.166  1.00 12.06 ? 121 TYR A CE1 1 
ATOM   882  C CE2 . TYR A 1 121 ? 1.688   -8.204  -8.671  1.00 10.64 ? 121 TYR A CE2 1 
ATOM   883  C CZ  . TYR A 1 121 ? 2.997   -8.629  -8.687  1.00 11.94 ? 121 TYR A CZ  1 
ATOM   884  O OH  . TYR A 1 121 ? 3.944   -7.734  -9.142  1.00 13.34 ? 121 TYR A OH  1 
ATOM   885  N N   . ALA A 1 122 ? 0.174   -8.995  -4.884  1.00 8.68  ? 122 ALA A N   1 
ATOM   886  C CA  . ALA A 1 122 ? 0.165   -7.530  -4.639  1.00 8.73  ? 122 ALA A CA  1 
ATOM   887  C C   . ALA A 1 122 ? 1.617   -7.079  -4.625  1.00 9.53  ? 122 ALA A C   1 
ATOM   888  O O   . ALA A 1 122 ? 2.468   -7.906  -4.283  1.00 10.68 ? 122 ALA A O   1 
ATOM   889  C CB  . ALA A 1 122 ? -0.493  -7.214  -3.326  1.00 8.73  ? 122 ALA A CB  1 
ATOM   890  N N   . SER A 1 123 ? 1.882   -5.856  -5.078  1.00 8.90  ? 123 SER A N   1 
ATOM   891  C CA  . SER A 1 123 ? 3.266   -5.374  -5.266  1.00 9.00  ? 123 SER A CA  1 
ATOM   892  C C   . SER A 1 123 ? 3.416   -3.938  -4.767  1.00 9.06  ? 123 SER A C   1 
ATOM   893  O O   . SER A 1 123 ? 2.471   -3.117  -4.784  1.00 10.17 ? 123 SER A O   1 
ATOM   894  C CB  . SER A 1 123 ? 3.690   -5.495  -6.655  1.00 10.26 ? 123 SER A CB  1 
ATOM   895  O OG  . SER A 1 123 ? 2.892   -4.680  -7.473  1.00 11.15 ? 123 SER A OG  1 
ATOM   896  N N   . LEU A 1 124 ? 4.675   -3.649  -4.479  1.00 9.12  ? 124 LEU A N   1 
ATOM   897  C CA  . LEU A 1 124 ? 5.158   -2.273  -4.154  1.00 9.69  ? 124 LEU A CA  1 
ATOM   898  C C   . LEU A 1 124 ? 6.395   -2.035  -4.986  1.00 9.57  ? 124 LEU A C   1 
ATOM   899  O O   . LEU A 1 124 ? 7.306   -2.890  -4.904  1.00 11.54 ? 124 LEU A O   1 
ATOM   900  C CB  . LEU A 1 124 ? 5.475   -2.088  -2.681  1.00 9.89  ? 124 LEU A CB  1 
ATOM   901  C CG  . LEU A 1 124 ? 5.938   -0.688  -2.279  1.00 11.08 ? 124 LEU A CG  1 
ATOM   902  C CD1 . LEU A 1 124 ? 4.827   0.332   -2.385  1.00 11.72 ? 124 LEU A CD1 1 
ATOM   903  C CD2 . LEU A 1 124 ? 6.384   -0.696  -0.842  1.00 12.13 ? 124 LEU A CD2 1 
ATOM   904  N N   . SER A 1 125 ? 6.380   -1.037  -5.880  1.00 10.38 ? 125 SER A N   1 
ATOM   905  C CA  . SER A 1 125 ? 7.407   -0.848  -6.931  1.00 10.97 ? 125 SER A CA  1 
ATOM   906  C C   . SER A 1 125 ? 7.937   0.569   -6.860  1.00 10.53 ? 125 SER A C   1 
ATOM   907  O O   . SER A 1 125 ? 7.181   1.450   -6.439  1.00 11.62 ? 125 SER A O   1 
ATOM   908  C CB  . SER A 1 125 ? 6.826   -1.122  -8.333  1.00 12.58 ? 125 SER A CB  1 
ATOM   909  O OG  . SER A 1 125 ? 6.194   -2.398  -8.427  1.00 15.66 ? 125 SER A OG  1 
ATOM   910  N N   . ALA A 1 126 ? 9.178   0.784   -7.259  1.00 11.27 ? 126 ALA A N   1 
ATOM   911  C CA  . ALA A 1 126 ? 9.754   2.141   -7.278  1.00 13.05 ? 126 ALA A CA  1 
ATOM   912  C C   . ALA A 1 126 ? 10.766  2.259   -8.417  1.00 12.17 ? 126 ALA A C   1 
ATOM   913  O O   . ALA A 1 126 ? 11.415  1.308   -8.786  1.00 14.35 ? 126 ALA A O   1 
ATOM   914  C CB  . ALA A 1 126 ? 10.350  2.488   -5.959  1.00 12.37 ? 126 ALA A CB  1 
ATOM   915  N N   . ILE A 1 127 ? 10.795  3.434   -9.000  1.00 12.69 ? 127 ILE A N   1 
ATOM   916  C CA  . ILE A 1 127 ? 11.777  3.789   -10.033 1.00 13.64 ? 127 ILE A CA  1 
ATOM   917  C C   . ILE A 1 127 ? 12.510  4.997   -9.513  1.00 14.09 ? 127 ILE A C   1 
ATOM   918  O O   . ILE A 1 127 ? 11.837  5.954   -9.083  1.00 12.79 ? 127 ILE A O   1 
ATOM   919  C CB  . ILE A 1 127 ? 11.153  4.063   -11.414 1.00 15.23 ? 127 ILE A CB  1 
ATOM   920  C CG1 . ILE A 1 127 ? 10.489  2.791   -11.939 1.00 16.97 ? 127 ILE A CG1 1 
ATOM   921  C CG2 . ILE A 1 127 ? 12.211  4.655   -12.355 1.00 15.39 ? 127 ILE A CG2 1 
ATOM   922  C CD1 . ILE A 1 127 ? 9.697   2.931   -13.166 1.00 19.44 ? 127 ILE A CD1 1 
ATOM   923  N N   . TRP A 1 128 ? 13.825  4.887   -9.486  1.00 15.02 ? 128 TRP A N   1 
ATOM   924  C CA  . TRP A 1 128 ? 14.676  5.981   -8.989  1.00 15.48 ? 128 TRP A CA  1 
ATOM   925  C C   . TRP A 1 128 ? 15.128  6.883   -10.140 1.00 15.96 ? 128 TRP A C   1 
ATOM   926  O O   . TRP A 1 128 ? 15.528  6.389   -11.218 1.00 17.07 ? 128 TRP A O   1 
ATOM   927  C CB  . TRP A 1 128 ? 15.848  5.399   -8.221  1.00 16.04 ? 128 TRP A CB  1 
ATOM   928  C CG  . TRP A 1 128 ? 16.761  6.465   -7.719  1.00 19.14 ? 128 TRP A CG  1 
ATOM   929  C CD1 . TRP A 1 128 ? 16.526  7.358   -6.720  1.00 19.98 ? 128 TRP A CD1 1 
ATOM   930  C CD2 . TRP A 1 128 ? 18.036  6.779   -8.271  1.00 24.37 ? 128 TRP A CD2 1 
ATOM   931  N NE1 . TRP A 1 128 ? 17.622  8.165   -6.557  1.00 21.77 ? 128 TRP A NE1 1 
ATOM   932  C CE2 . TRP A 1 128 ? 18.544  7.842   -7.503  1.00 22.41 ? 128 TRP A CE2 1 
ATOM   933  C CE3 . TRP A 1 128 ? 18.796  6.256   -9.323  1.00 27.18 ? 128 TRP A CE3 1 
ATOM   934  C CZ2 . TRP A 1 128 ? 19.798  8.396   -7.768  1.00 25.48 ? 128 TRP A CZ2 1 
ATOM   935  C CZ3 . TRP A 1 128 ? 20.040  6.797   -9.576  1.00 27.42 ? 128 TRP A CZ3 1 
ATOM   936  C CH2 . TRP A 1 128 ? 20.527  7.852   -8.802  1.00 28.69 ? 128 TRP A CH2 1 
ATOM   937  N N   . GLY A 1 129 ? 14.933  8.179   -9.966  1.00 15.15 ? 129 GLY A N   1 
ATOM   938  C CA  . GLY A 1 129 ? 15.281  9.202   -10.967 1.00 17.87 ? 129 GLY A CA  1 
ATOM   939  C C   . GLY A 1 129 ? 16.233  10.197  -10.317 1.00 18.14 ? 129 GLY A C   1 
ATOM   940  O O   . GLY A 1 129 ? 16.056  10.497  -9.129  1.00 17.76 ? 129 GLY A O   1 
ATOM   941  N N   . THR A 1 130 ? 17.278  10.633  -11.014 1.00 21.08 ? 130 THR A N   1 
ATOM   942  C CA  . THR A 1 130 ? 18.216  11.671  -10.512 1.00 22.30 ? 130 THR A CA  1 
ATOM   943  C C   . THR A 1 130 ? 18.381  12.708  -11.608 1.00 25.54 ? 130 THR A C   1 
ATOM   944  O O   . THR A 1 130 ? 18.355  12.311  -12.786 1.00 25.91 ? 130 THR A O   1 
ATOM   945  C CB  . THR A 1 130 ? 19.550  11.052  -10.071 1.00 24.24 ? 130 THR A CB  1 
ATOM   946  O OG1 . THR A 1 130 ? 20.332  12.079  -9.453  1.00 25.40 ? 130 THR A OG1 1 
ATOM   947  C CG2 . THR A 1 130 ? 20.356  10.404  -11.180 1.00 24.83 ? 130 THR A CG2 1 
ATOM   948  N N   . ALA A 1 131 ? 18.549  13.977  -11.222 1.00 28.12 ? 131 ALA A N   1 
ATOM   949  C CA  . ALA A 1 131 ? 18.991  15.050  -12.139 1.00 28.86 ? 131 ALA A CA  1 
ATOM   950  C C   . ALA A 1 131 ? 20.522  15.067  -12.168 1.00 29.18 ? 131 ALA A C   1 
ATOM   951  O O   . ALA A 1 131 ? 20.962  15.651  -13.156 1.00 35.34 ? 131 ALA A O   1 
ATOM   952  C CB  . ALA A 1 131 ? 18.433  16.388  -11.732 1.00 28.03 ? 131 ALA A CB  1 
HETATM 953  O O   . HOH B 2 .   ? -7.786  7.223   6.255   0.40 15.47 ? 201 HOH A O   1 
HETATM 954  O O   . HOH B 2 .   ? 7.643   -0.341  8.737   0.60 28.54 ? 202 HOH A O   1 
HETATM 955  O O   . HOH B 2 .   ? 13.929  18.180  -1.009  1.00 34.22 ? 203 HOH A O   1 
HETATM 956  O O   . HOH B 2 .   ? 5.595   11.385  10.177  0.33 10.52 ? 204 HOH A O   1 
HETATM 957  O O   . HOH B 2 .   ? 19.763  12.596  -14.656 1.00 33.20 ? 205 HOH A O   1 
HETATM 958  O O   . HOH B 2 .   ? -4.813  -17.495 -2.885  1.00 24.69 ? 206 HOH A O   1 
HETATM 959  O O   . HOH B 2 .   ? 6.683   -4.666  -9.282  1.00 22.33 ? 207 HOH A O   1 
HETATM 960  O O   . HOH B 2 .   ? 16.760  -2.595  -0.975  1.00 35.29 ? 208 HOH A O   1 
HETATM 961  O O   . HOH B 2 .   ? -1.114  1.524   13.390  1.00 23.93 ? 209 HOH A O   1 
HETATM 962  O O   . HOH B 2 .   ? -9.732  -7.010  15.180  1.00 32.80 ? 210 HOH A O   1 
HETATM 963  O O   . HOH B 2 .   ? -17.181 -11.850 1.583   1.00 32.37 ? 211 HOH A O   1 
HETATM 964  O O   . HOH B 2 .   ? -3.232  11.469  1.226   0.33 11.99 ? 212 HOH A O   1 
HETATM 965  O O   . HOH B 2 .   ? 11.725  -7.088  -2.574  1.00 33.67 ? 213 HOH A O   1 
HETATM 966  O O   . HOH B 2 .   ? 10.153  6.884   11.606  1.00 29.31 ? 214 HOH A O   1 
HETATM 967  O O   . HOH B 2 .   ? 16.175  -3.718  -7.243  1.00 28.42 ? 215 HOH A O   1 
HETATM 968  O O   . HOH B 2 .   ? -18.392 -13.106 -1.123  1.00 39.10 ? 216 HOH A O   1 
HETATM 969  O O   . HOH B 2 .   ? -10.825 4.352   8.711   1.00 28.88 ? 217 HOH A O   1 
HETATM 970  O O   . HOH B 2 .   ? -21.061 -9.126  2.691   1.00 30.13 ? 218 HOH A O   1 
HETATM 971  O O   . HOH B 2 .   ? 7.071   10.511  -11.041 1.00 21.76 ? 219 HOH A O   1 
HETATM 972  O O   . HOH B 2 .   ? 18.149  6.584   1.791   1.00 25.75 ? 220 HOH A O   1 
HETATM 973  O O   A HOH B 2 .   ? -4.081  10.006  5.430   0.60 18.76 ? 221 HOH A O   1 
HETATM 974  O O   B HOH B 2 .   ? -2.833  10.638  4.840   0.40 20.88 ? 221 HOH A O   1 
HETATM 975  O O   . HOH B 2 .   ? 7.220   3.320   -10.432 1.00 16.38 ? 222 HOH A O   1 
HETATM 976  O O   . HOH B 2 .   ? 18.848  -0.221  -6.278  1.00 33.91 ? 223 HOH A O   1 
HETATM 977  O O   . HOH B 2 .   ? -14.547 -4.704  13.188  1.00 34.09 ? 224 HOH A O   1 
HETATM 978  O O   . HOH B 2 .   ? -14.521 -11.706 -3.409  1.00 20.21 ? 225 HOH A O   1 
HETATM 979  O O   . HOH B 2 .   ? 22.088  11.075  -7.692  1.00 32.27 ? 226 HOH A O   1 
HETATM 980  O O   . HOH B 2 .   ? -5.792  -10.478 -3.167  1.00 11.93 ? 227 HOH A O   1 
HETATM 981  O O   . HOH B 2 .   ? 8.805   10.933  3.191   1.00 27.92 ? 228 HOH A O   1 
HETATM 982  O O   . HOH B 2 .   ? 17.522  9.735   2.319   1.00 34.43 ? 229 HOH A O   1 
HETATM 983  O O   . HOH B 2 .   ? -3.837  -10.406 -7.205  1.00 10.74 ? 230 HOH A O   1 
HETATM 984  O O   . HOH B 2 .   ? -19.296 -7.558  4.066   1.00 23.22 ? 231 HOH A O   1 
HETATM 985  O O   . HOH B 2 .   ? -8.589  -13.688 2.951   1.00 21.63 ? 232 HOH A O   1 
HETATM 986  O O   . HOH B 2 .   ? 5.149   -3.140  4.909   1.00 16.45 ? 233 HOH A O   1 
HETATM 987  O O   . HOH B 2 .   ? -3.405  -2.207  13.884  1.00 31.20 ? 234 HOH A O   1 
HETATM 988  O O   . HOH B 2 .   ? 15.246  3.973   8.784   0.60 26.38 ? 235 HOH A O   1 
HETATM 989  O O   . HOH B 2 .   ? 3.550   -1.881  -7.661  1.00 11.90 ? 236 HOH A O   1 
HETATM 990  O O   . HOH B 2 .   ? -5.585  -1.519  -9.677  1.00 20.40 ? 237 HOH A O   1 
HETATM 991  O O   . HOH B 2 .   ? 1.513   5.595   9.001   1.00 23.37 ? 238 HOH A O   1 
HETATM 992  O O   . HOH B 2 .   ? 6.053   3.565   -13.816 0.33 13.92 ? 239 HOH A O   1 
HETATM 993  O O   . HOH B 2 .   ? -0.723  -17.847 2.256   1.00 12.72 ? 240 HOH A O   1 
HETATM 994  O O   . HOH B 2 .   ? -18.281 0.847   -4.999  1.00 16.35 ? 241 HOH A O   1 
HETATM 995  O O   . HOH B 2 .   ? -2.303  -16.717 -1.466  1.00 12.50 ? 242 HOH A O   1 
HETATM 996  O O   . HOH B 2 .   ? 2.418   -10.771 3.749   1.00 20.29 ? 243 HOH A O   1 
HETATM 997  O O   . HOH B 2 .   ? -3.207  5.826   10.964  1.00 21.63 ? 244 HOH A O   1 
HETATM 998  O O   . HOH B 2 .   ? -5.483  -10.327 4.312   1.00 12.56 ? 245 HOH A O   1 
HETATM 999  O O   . HOH B 2 .   ? -8.590  -17.076 0.103   1.00 18.30 ? 246 HOH A O   1 
HETATM 1000 O O   . HOH B 2 .   ? -17.915 5.345   0.684   1.00 19.88 ? 247 HOH A O   1 
HETATM 1001 O O   . HOH B 2 .   ? 1.969   -14.180 3.317   1.00 22.89 ? 248 HOH A O   1 
HETATM 1002 O O   . HOH B 2 .   ? -18.082 -11.687 -6.023  1.00 21.37 ? 249 HOH A O   1 
HETATM 1003 O O   . HOH B 2 .   ? 3.205   13.065  -1.694  1.00 34.17 ? 250 HOH A O   1 
HETATM 1004 O O   . HOH B 2 .   ? -4.705  -12.830 11.216  1.00 22.01 ? 251 HOH A O   1 
HETATM 1005 O O   . HOH B 2 .   ? 7.904   -9.277  0.048   1.00 21.36 ? 252 HOH A O   1 
HETATM 1006 O O   . HOH B 2 .   ? -23.155 -3.748  -4.194  1.00 34.54 ? 253 HOH A O   1 
HETATM 1007 O O   . HOH B 2 .   ? 6.720   -8.251  -9.365  1.00 20.61 ? 254 HOH A O   1 
HETATM 1008 O O   . HOH B 2 .   ? -4.225  -8.298  -4.441  1.00 12.59 ? 255 HOH A O   1 
HETATM 1009 O O   . HOH B 2 .   ? 2.780   -0.420  10.980  1.00 23.78 ? 256 HOH A O   1 
HETATM 1010 O O   . HOH B 2 .   ? 6.004   -1.537  12.018  1.00 24.36 ? 257 HOH A O   1 
HETATM 1011 O O   . HOH B 2 .   ? -9.592  -2.562  14.282  1.00 37.70 ? 258 HOH A O   1 
HETATM 1012 O O   . HOH B 2 .   ? 14.239  -3.915  0.124   1.00 29.54 ? 259 HOH A O   1 
HETATM 1013 O O   . HOH B 2 .   ? -20.628 -2.409  -4.192  1.00 18.62 ? 260 HOH A O   1 
HETATM 1014 O O   . HOH B 2 .   ? -1.550  -14.358 -7.181  1.00 26.92 ? 261 HOH A O   1 
HETATM 1015 O O   . HOH B 2 .   ? 17.733  9.191   -13.448 1.00 32.16 ? 262 HOH A O   1 
HETATM 1016 O O   . HOH B 2 .   ? -15.810 7.025   4.985   1.00 38.74 ? 263 HOH A O   1 
HETATM 1017 O O   . HOH B 2 .   ? -13.942 4.394   8.855   1.00 28.05 ? 264 HOH A O   1 
HETATM 1018 O O   . HOH B 2 .   ? 1.295   14.412  0.348   1.00 34.23 ? 265 HOH A O   1 
HETATM 1019 O O   . HOH B 2 .   ? -1.248  -5.870  8.527   1.00 10.64 ? 266 HOH A O   1 
HETATM 1020 O O   . HOH B 2 .   ? 10.684  -6.505  1.797   1.00 38.54 ? 267 HOH A O   1 
HETATM 1021 O O   . HOH B 2 .   ? 14.075  -4.557  -5.394  1.00 23.07 ? 268 HOH A O   1 
HETATM 1022 O O   A HOH B 2 .   ? 9.313   -9.513  -2.918  0.50 12.11 ? 269 HOH A O   1 
HETATM 1023 O O   B HOH B 2 .   ? 9.242   -9.976  -4.119  0.50 16.54 ? 269 HOH A O   1 
HETATM 1024 O O   . HOH B 2 .   ? -26.943 -5.592  -0.192  1.00 39.68 ? 270 HOH A O   1 
HETATM 1025 O O   . HOH B 2 .   ? -13.632 -14.260 3.643   1.00 26.75 ? 271 HOH A O   1 
HETATM 1026 O O   . HOH B 2 .   ? -10.242 3.132   10.673  1.00 42.75 ? 272 HOH A O   1 
HETATM 1027 O O   . HOH B 2 .   ? -7.671  -14.079 -5.360  1.00 29.07 ? 273 HOH A O   1 
HETATM 1028 O O   . HOH B 2 .   ? 1.936   9.459   8.804   0.60 19.01 ? 274 HOH A O   1 
HETATM 1029 O O   . HOH B 2 .   ? 4.601   12.296  6.142   1.00 35.03 ? 275 HOH A O   1 
HETATM 1030 O O   . HOH B 2 .   ? -16.467 6.021   2.996   1.00 25.17 ? 276 HOH A O   1 
HETATM 1031 O O   . HOH B 2 .   ? -18.044 -1.973  7.215   1.00 16.99 ? 277 HOH A O   1 
HETATM 1032 O O   . HOH B 2 .   ? 4.269   -12.246 -5.264  1.00 18.36 ? 278 HOH A O   1 
HETATM 1033 O O   . HOH B 2 .   ? 3.311   -13.402 0.522   1.00 17.19 ? 279 HOH A O   1 
HETATM 1034 O O   . HOH B 2 .   ? 0.242   4.803   11.141  1.00 33.44 ? 280 HOH A O   1 
HETATM 1035 O O   . HOH B 2 .   ? -5.885  -13.423 3.434   1.00 21.29 ? 281 HOH A O   1 
HETATM 1036 O O   . HOH B 2 .   ? 7.097   -6.290  6.242   1.00 24.99 ? 282 HOH A O   1 
HETATM 1037 O O   . HOH B 2 .   ? -12.320 1.179   11.403  1.00 31.79 ? 283 HOH A O   1 
HETATM 1038 O O   . HOH B 2 .   ? -5.250  -14.770 7.825   1.00 16.24 ? 284 HOH A O   1 
HETATM 1039 O O   . HOH B 2 .   ? -7.124  -0.678  15.750  1.00 33.81 ? 285 HOH A O   1 
HETATM 1040 O O   . HOH B 2 .   ? -4.311  0.590   16.217  1.00 26.99 ? 286 HOH A O   1 
HETATM 1041 O O   . HOH B 2 .   ? -25.744 0.250   -4.743  1.00 26.47 ? 287 HOH A O   1 
HETATM 1042 O O   . HOH B 2 .   ? -28.146 -10.197 -8.221  1.00 24.28 ? 288 HOH A O   1 
HETATM 1043 O O   . HOH B 2 .   ? -17.902 -3.718  10.142  1.00 24.53 ? 289 HOH A O   1 
HETATM 1044 O O   . HOH B 2 .   ? -7.528  6.724   13.496  1.00 33.16 ? 290 HOH A O   1 
HETATM 1045 O O   . HOH B 2 .   ? 24.163  2.368   -4.875  1.00 28.83 ? 291 HOH A O   1 
HETATM 1046 O O   . HOH B 2 .   ? -0.711  13.087  1.203   1.00 26.61 ? 292 HOH A O   1 
HETATM 1047 O O   . HOH B 2 .   ? -27.351 -5.823  -4.499  1.00 37.71 ? 293 HOH A O   1 
HETATM 1048 O O   . HOH B 2 .   ? 3.534   11.820  8.625   1.00 27.78 ? 294 HOH A O   1 
HETATM 1049 O O   . HOH B 2 .   ? 25.769  4.437   -2.327  1.00 39.71 ? 295 HOH A O   1 
HETATM 1050 O O   . HOH B 2 .   ? 21.624  8.568   -4.571  1.00 31.74 ? 296 HOH A O   1 
HETATM 1051 O O   . HOH B 2 .   ? -7.321  -10.286 13.132  1.00 29.54 ? 297 HOH A O   1 
HETATM 1052 O O   . HOH B 2 .   ? 9.193   -8.371  -6.387  0.60 27.10 ? 298 HOH A O   1 
HETATM 1053 O O   . HOH B 2 .   ? -4.761  7.799   9.619   1.00 31.53 ? 299 HOH A O   1 
HETATM 1054 O O   . HOH B 2 .   ? 8.629   13.576  -0.510  1.00 29.70 ? 300 HOH A O   1 
HETATM 1055 O O   . HOH B 2 .   ? -13.472 -15.230 -2.508  1.00 39.23 ? 301 HOH A O   1 
HETATM 1056 O O   . HOH B 2 .   ? -7.878  0.460   -10.256 0.33 29.68 ? 302 HOH A O   1 
HETATM 1057 O O   A HOH B 2 .   ? -21.437 4.262   6.558   0.50 24.78 ? 303 HOH A O   1 
HETATM 1058 O O   B HOH B 2 .   ? -22.513 5.343   7.127   0.50 27.34 ? 303 HOH A O   1 
HETATM 1059 O O   . HOH B 2 .   ? 16.063  15.464  -6.033  1.00 39.60 ? 304 HOH A O   1 
HETATM 1060 O O   . HOH B 2 .   ? -6.606  -13.153 -8.210  0.60 21.28 ? 305 HOH A O   1 
HETATM 1061 O O   . HOH B 2 .   ? -10.333 -13.376 -6.566  0.33 17.12 ? 306 HOH A O   1 
HETATM 1062 O O   . HOH B 2 .   ? -9.242  -10.899 12.048  1.00 44.28 ? 307 HOH A O   1 
HETATM 1063 O O   . HOH B 2 .   ? -10.362 -8.641  13.497  1.00 37.95 ? 308 HOH A O   1 
HETATM 1064 O O   . HOH B 2 .   ? -9.690  -4.899  16.822  1.00 41.50 ? 309 HOH A O   1 
HETATM 1065 O O   . HOH B 2 .   ? -14.153 9.354   3.119   1.00 31.92 ? 310 HOH A O   1 
HETATM 1066 O O   . HOH B 2 .   ? 7.501   -10.528 4.534   1.00 37.34 ? 311 HOH A O   1 
HETATM 1067 O O   . HOH B 2 .   ? -14.406 6.896   2.094   0.33 19.08 ? 312 HOH A O   1 
HETATM 1068 O O   . HOH B 2 .   ? -11.367 -1.480  12.695  1.00 33.29 ? 313 HOH A O   1 
HETATM 1069 O O   . HOH B 2 .   ? 4.421   13.760  2.957   1.00 33.73 ? 314 HOH A O   1 
HETATM 1070 O O   . HOH B 2 .   ? -7.040  12.165  2.843   1.00 23.06 ? 315 HOH A O   1 
HETATM 1071 O O   . HOH B 2 .   ? 7.201   -3.724  6.519   1.00 25.87 ? 316 HOH A O   1 
HETATM 1072 O O   . HOH B 2 .   ? -14.437 -13.596 6.012   1.00 38.46 ? 317 HOH A O   1 
HETATM 1073 O O   . HOH B 2 .   ? -17.950 -1.931  13.535  0.60 32.10 ? 318 HOH A O   1 
HETATM 1074 O O   . HOH B 2 .   ? 20.591  6.699   3.234   1.00 30.74 ? 319 HOH A O   1 
HETATM 1075 O O   . HOH B 2 .   ? 5.561   -14.138 -0.575  1.00 34.30 ? 320 HOH A O   1 
HETATM 1076 O O   . HOH B 2 .   ? 1.094   -14.659 -7.679  0.33 11.74 ? 321 HOH A O   1 
HETATM 1077 O O   . HOH B 2 .   ? 5.297   16.402  -3.829  0.60 27.85 ? 322 HOH A O   1 
HETATM 1078 O O   . HOH B 2 .   ? -0.208  9.331   9.250   0.33 13.41 ? 323 HOH A O   1 
HETATM 1079 O O   A HOH B 2 .   ? 7.186   -11.474 2.023   0.50 19.77 ? 324 HOH A O   1 
HETATM 1080 O O   B HOH B 2 .   ? 6.905   -11.976 0.080   0.50 23.73 ? 324 HOH A O   1 
HETATM 1081 O O   . HOH B 2 .   ? -13.903 -7.863  13.231  1.00 30.86 ? 325 HOH A O   1 
HETATM 1082 O O   . HOH B 2 .   ? -12.439 -6.217  16.917  1.00 28.88 ? 326 HOH A O   1 
HETATM 1083 O O   A HOH B 2 .   ? -15.880 6.185   9.406   0.50 26.85 ? 327 HOH A O   1 
HETATM 1084 O O   B HOH B 2 .   ? -17.271 6.413   8.328   0.50 21.66 ? 327 HOH A O   1 
HETATM 1085 O O   . HOH B 2 .   ? -15.710 -15.537 2.471   1.00 39.29 ? 328 HOH A O   1 
HETATM 1086 O O   . HOH B 2 .   ? 17.526  -2.945  -5.237  1.00 33.95 ? 329 HOH A O   1 
HETATM 1087 O O   . HOH B 2 .   ? 2.814   -11.748 6.383   1.00 22.76 ? 330 HOH A O   1 
HETATM 1088 O O   . HOH B 2 .   ? -17.018 -15.819 -1.497  1.00 34.70 ? 331 HOH A O   1 
HETATM 1089 O O   . HOH B 2 .   ? -29.184 -7.754  -0.026  1.00 36.50 ? 332 HOH A O   1 
HETATM 1090 O O   . HOH B 2 .   ? 5.654   -11.827 6.511   1.00 29.66 ? 333 HOH A O   1 
HETATM 1091 O O   . HOH B 2 .   ? -2.481  9.291   7.824   1.00 31.54 ? 334 HOH A O   1 
HETATM 1092 O O   . HOH B 2 .   ? 2.065   10.599  11.079  0.33 44.25 ? 335 HOH A O   1 
HETATM 1093 O O   . HOH B 2 .   ? 26.206  9.092   -4.976  0.50 30.74 ? 336 HOH A O   1 
HETATM 1094 O O   . HOH B 2 .   ? 24.702  8.476   -8.351  1.00 43.44 ? 337 HOH A O   1 
# 
